data_2QHK
# 
_entry.id   2QHK 
# 
_audit_conform.dict_name       mmcif_pdbx.dic 
_audit_conform.dict_version    5.397 
_audit_conform.dict_location   http://mmcif.pdb.org/dictionaries/ascii/mmcif_pdbx.dic 
# 
loop_
_database_2.database_id 
_database_2.database_code 
_database_2.pdbx_database_accession 
_database_2.pdbx_DOI 
PDB   2QHK         pdb_00002qhk 10.2210/pdb2qhk/pdb 
RCSB  RCSB043607   ?            ?                   
WWPDB D_1000043607 ?            ?                   
# 
loop_
_pdbx_audit_revision_history.ordinal 
_pdbx_audit_revision_history.data_content_type 
_pdbx_audit_revision_history.major_revision 
_pdbx_audit_revision_history.minor_revision 
_pdbx_audit_revision_history.revision_date 
1 'Structure model' 1 0 2007-08-21 
2 'Structure model' 1 1 2011-07-13 
3 'Structure model' 1 2 2024-10-30 
# 
_pdbx_audit_revision_details.ordinal             1 
_pdbx_audit_revision_details.revision_ordinal    1 
_pdbx_audit_revision_details.data_content_type   'Structure model' 
_pdbx_audit_revision_details.provider            repository 
_pdbx_audit_revision_details.type                'Initial release' 
_pdbx_audit_revision_details.description         ? 
_pdbx_audit_revision_details.details             ? 
# 
loop_
_pdbx_audit_revision_group.ordinal 
_pdbx_audit_revision_group.revision_ordinal 
_pdbx_audit_revision_group.data_content_type 
_pdbx_audit_revision_group.group 
1 2 'Structure model' Advisory                    
2 2 'Structure model' 'Source and taxonomy'       
3 2 'Structure model' 'Version format compliance' 
4 3 'Structure model' 'Data collection'           
5 3 'Structure model' 'Database references'       
6 3 'Structure model' 'Derived calculations'      
7 3 'Structure model' 'Structure summary'         
# 
loop_
_pdbx_audit_revision_category.ordinal 
_pdbx_audit_revision_category.revision_ordinal 
_pdbx_audit_revision_category.data_content_type 
_pdbx_audit_revision_category.category 
1 3 'Structure model' chem_comp_atom            
2 3 'Structure model' chem_comp_bond            
3 3 'Structure model' database_2                
4 3 'Structure model' pdbx_entry_details        
5 3 'Structure model' pdbx_modification_feature 
6 3 'Structure model' struct_conn               
7 3 'Structure model' struct_ref_seq_dif        
8 3 'Structure model' struct_site               
# 
loop_
_pdbx_audit_revision_item.ordinal 
_pdbx_audit_revision_item.revision_ordinal 
_pdbx_audit_revision_item.data_content_type 
_pdbx_audit_revision_item.item 
1 3 'Structure model' '_database_2.pdbx_DOI'                
2 3 'Structure model' '_database_2.pdbx_database_accession' 
3 3 'Structure model' '_struct_conn.pdbx_leaving_atom_flag' 
4 3 'Structure model' '_struct_ref_seq_dif.details'         
5 3 'Structure model' '_struct_site.pdbx_auth_asym_id'      
6 3 'Structure model' '_struct_site.pdbx_auth_comp_id'      
7 3 'Structure model' '_struct_site.pdbx_auth_seq_id'       
# 
_pdbx_database_status.status_code                     REL 
_pdbx_database_status.entry_id                        2QHK 
_pdbx_database_status.recvd_initial_deposition_date   2007-07-02 
_pdbx_database_status.deposit_site                    RCSB 
_pdbx_database_status.process_site                    RCSB 
_pdbx_database_status.status_code_sf                  REL 
_pdbx_database_status.status_code_mr                  ? 
_pdbx_database_status.SG_entry                        Y 
_pdbx_database_status.pdb_format_compatible           Y 
_pdbx_database_status.status_code_cs                  ? 
_pdbx_database_status.status_code_nmr_data            ? 
_pdbx_database_status.methods_development_category    ? 
# 
_pdbx_database_related.db_name        TargetDB 
_pdbx_database_related.db_id          APC91175.1 
_pdbx_database_related.details        . 
_pdbx_database_related.content_type   unspecified 
# 
loop_
_audit_author.name 
_audit_author.pdbx_ordinal 
'Zhang, R.'                                     1 
'Li, H.'                                        2 
'Clancy, S.'                                    3 
'Joachimiak, A.'                                4 
'Midwest Center for Structural Genomics (MCSG)' 5 
# 
_citation.id                        primary 
_citation.title                     
'The crystal structure of the methyl-accepting chemotaxis protein from Vibrio parahaemolyticus RIMD 2210633.' 
_citation.journal_abbrev            'To be Published' 
_citation.journal_volume            ? 
_citation.page_first                ? 
_citation.page_last                 ? 
_citation.year                      ? 
_citation.journal_id_ASTM           ? 
_citation.country                   ? 
_citation.journal_id_ISSN           ? 
_citation.journal_id_CSD            0353 
_citation.book_publisher            ? 
_citation.pdbx_database_id_PubMed   ? 
_citation.pdbx_database_id_DOI      ? 
# 
loop_
_citation_author.citation_id 
_citation_author.name 
_citation_author.ordinal 
_citation_author.identifier_ORCID 
primary 'Zhang, R.'      1 ? 
primary 'Li, H.'         2 ? 
primary 'Clancy, S.'     3 ? 
primary 'Joachimiak, A.' 4 ? 
# 
loop_
_entity.id 
_entity.type 
_entity.src_method 
_entity.pdbx_description 
_entity.formula_weight 
_entity.pdbx_number_of_molecules 
_entity.pdbx_ec 
_entity.pdbx_mutation 
_entity.pdbx_fragment 
_entity.details 
1 polymer     man 'Methyl-accepting chemotaxis protein' 19983.787 1   ? ? 'Residues 31-203' ? 
2 non-polymer syn GLYCEROL                              92.094    1   ? ? ?                 ? 
3 water       nat water                                 18.015    251 ? ? ?                 ? 
# 
_entity_poly.entity_id                      1 
_entity_poly.type                           'polypeptide(L)' 
_entity_poly.nstd_linkage                   no 
_entity_poly.nstd_monomer                   yes 
_entity_poly.pdbx_seq_one_letter_code       
;NSSKSLEAELVRDRQELIDARKKELKAY(MSE)(MSE)(MSE)GVTAIKPLYDSDVNGSNKQAAKEILKA(MSE)RFESD
GYFFAYDSQGINTLHAIKPSLEGKNLYDLKDENGVAVIAGLIDASQKGDGFLYFSWHKPTINAQAPKLGYAEYLQKWDWV
LGTGIYIDDIDQQVA(MSE)QRELRTQELNQHTI
;
_entity_poly.pdbx_seq_one_letter_code_can   
;NSSKSLEAELVRDRQELIDARKKELKAYMMMGVTAIKPLYDSDVNGSNKQAAKEILKAMRFESDGYFFAYDSQGINTLHA
IKPSLEGKNLYDLKDENGVAVIAGLIDASQKGDGFLYFSWHKPTINAQAPKLGYAEYLQKWDWVLGTGIYIDDIDQQVAM
QRELRTQELNQHTI
;
_entity_poly.pdbx_strand_id                 A 
_entity_poly.pdbx_target_identifier         APC91175.1 
# 
loop_
_pdbx_entity_nonpoly.entity_id 
_pdbx_entity_nonpoly.name 
_pdbx_entity_nonpoly.comp_id 
2 GLYCEROL GOL 
3 water    HOH 
# 
loop_
_entity_poly_seq.entity_id 
_entity_poly_seq.num 
_entity_poly_seq.mon_id 
_entity_poly_seq.hetero 
1 1   ASN n 
1 2   SER n 
1 3   SER n 
1 4   LYS n 
1 5   SER n 
1 6   LEU n 
1 7   GLU n 
1 8   ALA n 
1 9   GLU n 
1 10  LEU n 
1 11  VAL n 
1 12  ARG n 
1 13  ASP n 
1 14  ARG n 
1 15  GLN n 
1 16  GLU n 
1 17  LEU n 
1 18  ILE n 
1 19  ASP n 
1 20  ALA n 
1 21  ARG n 
1 22  LYS n 
1 23  LYS n 
1 24  GLU n 
1 25  LEU n 
1 26  LYS n 
1 27  ALA n 
1 28  TYR n 
1 29  MSE n 
1 30  MSE n 
1 31  MSE n 
1 32  GLY n 
1 33  VAL n 
1 34  THR n 
1 35  ALA n 
1 36  ILE n 
1 37  LYS n 
1 38  PRO n 
1 39  LEU n 
1 40  TYR n 
1 41  ASP n 
1 42  SER n 
1 43  ASP n 
1 44  VAL n 
1 45  ASN n 
1 46  GLY n 
1 47  SER n 
1 48  ASN n 
1 49  LYS n 
1 50  GLN n 
1 51  ALA n 
1 52  ALA n 
1 53  LYS n 
1 54  GLU n 
1 55  ILE n 
1 56  LEU n 
1 57  LYS n 
1 58  ALA n 
1 59  MSE n 
1 60  ARG n 
1 61  PHE n 
1 62  GLU n 
1 63  SER n 
1 64  ASP n 
1 65  GLY n 
1 66  TYR n 
1 67  PHE n 
1 68  PHE n 
1 69  ALA n 
1 70  TYR n 
1 71  ASP n 
1 72  SER n 
1 73  GLN n 
1 74  GLY n 
1 75  ILE n 
1 76  ASN n 
1 77  THR n 
1 78  LEU n 
1 79  HIS n 
1 80  ALA n 
1 81  ILE n 
1 82  LYS n 
1 83  PRO n 
1 84  SER n 
1 85  LEU n 
1 86  GLU n 
1 87  GLY n 
1 88  LYS n 
1 89  ASN n 
1 90  LEU n 
1 91  TYR n 
1 92  ASP n 
1 93  LEU n 
1 94  LYS n 
1 95  ASP n 
1 96  GLU n 
1 97  ASN n 
1 98  GLY n 
1 99  VAL n 
1 100 ALA n 
1 101 VAL n 
1 102 ILE n 
1 103 ALA n 
1 104 GLY n 
1 105 LEU n 
1 106 ILE n 
1 107 ASP n 
1 108 ALA n 
1 109 SER n 
1 110 GLN n 
1 111 LYS n 
1 112 GLY n 
1 113 ASP n 
1 114 GLY n 
1 115 PHE n 
1 116 LEU n 
1 117 TYR n 
1 118 PHE n 
1 119 SER n 
1 120 TRP n 
1 121 HIS n 
1 122 LYS n 
1 123 PRO n 
1 124 THR n 
1 125 ILE n 
1 126 ASN n 
1 127 ALA n 
1 128 GLN n 
1 129 ALA n 
1 130 PRO n 
1 131 LYS n 
1 132 LEU n 
1 133 GLY n 
1 134 TYR n 
1 135 ALA n 
1 136 GLU n 
1 137 TYR n 
1 138 LEU n 
1 139 GLN n 
1 140 LYS n 
1 141 TRP n 
1 142 ASP n 
1 143 TRP n 
1 144 VAL n 
1 145 LEU n 
1 146 GLY n 
1 147 THR n 
1 148 GLY n 
1 149 ILE n 
1 150 TYR n 
1 151 ILE n 
1 152 ASP n 
1 153 ASP n 
1 154 ILE n 
1 155 ASP n 
1 156 GLN n 
1 157 GLN n 
1 158 VAL n 
1 159 ALA n 
1 160 MSE n 
1 161 GLN n 
1 162 ARG n 
1 163 GLU n 
1 164 LEU n 
1 165 ARG n 
1 166 THR n 
1 167 GLN n 
1 168 GLU n 
1 169 LEU n 
1 170 ASN n 
1 171 GLN n 
1 172 HIS n 
1 173 THR n 
1 174 ILE n 
# 
_entity_src_gen.entity_id                          1 
_entity_src_gen.pdbx_src_id                        1 
_entity_src_gen.pdbx_alt_source_flag               sample 
_entity_src_gen.pdbx_seq_type                      ? 
_entity_src_gen.pdbx_beg_seq_num                   ? 
_entity_src_gen.pdbx_end_seq_num                   ? 
_entity_src_gen.gene_src_common_name               ? 
_entity_src_gen.gene_src_genus                     Vibrio 
_entity_src_gen.pdbx_gene_src_gene                 'GI:28896957, VP0183' 
_entity_src_gen.gene_src_species                   'Vibrio parahaemolyticus' 
_entity_src_gen.gene_src_strain                    'RIMD 2210633' 
_entity_src_gen.gene_src_tissue                    ? 
_entity_src_gen.gene_src_tissue_fraction           ? 
_entity_src_gen.gene_src_details                   ? 
_entity_src_gen.pdbx_gene_src_fragment             ? 
_entity_src_gen.pdbx_gene_src_scientific_name      'Vibrio parahaemolyticus' 
_entity_src_gen.pdbx_gene_src_ncbi_taxonomy_id     223926 
_entity_src_gen.pdbx_gene_src_variant              ? 
_entity_src_gen.pdbx_gene_src_cell_line            ? 
_entity_src_gen.pdbx_gene_src_atcc                 ? 
_entity_src_gen.pdbx_gene_src_organ                ? 
_entity_src_gen.pdbx_gene_src_organelle            ? 
_entity_src_gen.pdbx_gene_src_cell                 ? 
_entity_src_gen.pdbx_gene_src_cellular_location    ? 
_entity_src_gen.host_org_common_name               ? 
_entity_src_gen.pdbx_host_org_scientific_name      'Escherichia coli BL21' 
_entity_src_gen.pdbx_host_org_ncbi_taxonomy_id     511693 
_entity_src_gen.host_org_genus                     Escherichia 
_entity_src_gen.pdbx_host_org_gene                 ? 
_entity_src_gen.pdbx_host_org_organ                ? 
_entity_src_gen.host_org_species                   'Escherichia coli' 
_entity_src_gen.pdbx_host_org_tissue               ? 
_entity_src_gen.pdbx_host_org_tissue_fraction      ? 
_entity_src_gen.pdbx_host_org_strain               BL21 
_entity_src_gen.pdbx_host_org_variant              ? 
_entity_src_gen.pdbx_host_org_cell_line            ? 
_entity_src_gen.pdbx_host_org_atcc                 ? 
_entity_src_gen.pdbx_host_org_culture_collection   ? 
_entity_src_gen.pdbx_host_org_cell                 ? 
_entity_src_gen.pdbx_host_org_organelle            ? 
_entity_src_gen.pdbx_host_org_cellular_location    ? 
_entity_src_gen.pdbx_host_org_vector_type          Plasmid 
_entity_src_gen.pdbx_host_org_vector               ? 
_entity_src_gen.host_org_details                   ? 
_entity_src_gen.expression_system_id               ? 
_entity_src_gen.plasmid_name                       PDM68 
_entity_src_gen.plasmid_details                    ? 
_entity_src_gen.pdbx_description                   ? 
# 
loop_
_chem_comp.id 
_chem_comp.type 
_chem_comp.mon_nstd_flag 
_chem_comp.name 
_chem_comp.pdbx_synonyms 
_chem_comp.formula 
_chem_comp.formula_weight 
ALA 'L-peptide linking' y ALANINE          ?                               'C3 H7 N O2'     89.093  
ARG 'L-peptide linking' y ARGININE         ?                               'C6 H15 N4 O2 1' 175.209 
ASN 'L-peptide linking' y ASPARAGINE       ?                               'C4 H8 N2 O3'    132.118 
ASP 'L-peptide linking' y 'ASPARTIC ACID'  ?                               'C4 H7 N O4'     133.103 
GLN 'L-peptide linking' y GLUTAMINE        ?                               'C5 H10 N2 O3'   146.144 
GLU 'L-peptide linking' y 'GLUTAMIC ACID'  ?                               'C5 H9 N O4'     147.129 
GLY 'peptide linking'   y GLYCINE          ?                               'C2 H5 N O2'     75.067  
GOL non-polymer         . GLYCEROL         'GLYCERIN; PROPANE-1,2,3-TRIOL' 'C3 H8 O3'       92.094  
HIS 'L-peptide linking' y HISTIDINE        ?                               'C6 H10 N3 O2 1' 156.162 
HOH non-polymer         . WATER            ?                               'H2 O'           18.015  
ILE 'L-peptide linking' y ISOLEUCINE       ?                               'C6 H13 N O2'    131.173 
LEU 'L-peptide linking' y LEUCINE          ?                               'C6 H13 N O2'    131.173 
LYS 'L-peptide linking' y LYSINE           ?                               'C6 H15 N2 O2 1' 147.195 
MET 'L-peptide linking' y METHIONINE       ?                               'C5 H11 N O2 S'  149.211 
MSE 'L-peptide linking' n SELENOMETHIONINE ?                               'C5 H11 N O2 Se' 196.106 
PHE 'L-peptide linking' y PHENYLALANINE    ?                               'C9 H11 N O2'    165.189 
PRO 'L-peptide linking' y PROLINE          ?                               'C5 H9 N O2'     115.130 
SER 'L-peptide linking' y SERINE           ?                               'C3 H7 N O3'     105.093 
THR 'L-peptide linking' y THREONINE        ?                               'C4 H9 N O3'     119.119 
TRP 'L-peptide linking' y TRYPTOPHAN       ?                               'C11 H12 N2 O2'  204.225 
TYR 'L-peptide linking' y TYROSINE         ?                               'C9 H11 N O3'    181.189 
VAL 'L-peptide linking' y VALINE           ?                               'C5 H11 N O2'    117.146 
# 
loop_
_pdbx_poly_seq_scheme.asym_id 
_pdbx_poly_seq_scheme.entity_id 
_pdbx_poly_seq_scheme.seq_id 
_pdbx_poly_seq_scheme.mon_id 
_pdbx_poly_seq_scheme.ndb_seq_num 
_pdbx_poly_seq_scheme.pdb_seq_num 
_pdbx_poly_seq_scheme.auth_seq_num 
_pdbx_poly_seq_scheme.pdb_mon_id 
_pdbx_poly_seq_scheme.auth_mon_id 
_pdbx_poly_seq_scheme.pdb_strand_id 
_pdbx_poly_seq_scheme.pdb_ins_code 
_pdbx_poly_seq_scheme.hetero 
A 1 1   ASN 1   1   ?   ?   ?   A . n 
A 1 2   SER 2   2   ?   ?   ?   A . n 
A 1 3   SER 3   3   ?   ?   ?   A . n 
A 1 4   LYS 4   4   ?   ?   ?   A . n 
A 1 5   SER 5   5   ?   ?   ?   A . n 
A 1 6   LEU 6   6   ?   ?   ?   A . n 
A 1 7   GLU 7   7   ?   ?   ?   A . n 
A 1 8   ALA 8   8   8   ALA ALA A . n 
A 1 9   GLU 9   9   9   GLU GLU A . n 
A 1 10  LEU 10  10  10  LEU LEU A . n 
A 1 11  VAL 11  11  11  VAL VAL A . n 
A 1 12  ARG 12  12  12  ARG ARG A . n 
A 1 13  ASP 13  13  13  ASP ASP A . n 
A 1 14  ARG 14  14  14  ARG ARG A . n 
A 1 15  GLN 15  15  15  GLN GLN A . n 
A 1 16  GLU 16  16  16  GLU GLU A . n 
A 1 17  LEU 17  17  17  LEU LEU A . n 
A 1 18  ILE 18  18  18  ILE ILE A . n 
A 1 19  ASP 19  19  19  ASP ASP A . n 
A 1 20  ALA 20  20  20  ALA ALA A . n 
A 1 21  ARG 21  21  21  ARG ARG A . n 
A 1 22  LYS 22  22  22  LYS LYS A . n 
A 1 23  LYS 23  23  23  LYS LYS A . n 
A 1 24  GLU 24  24  24  GLU GLU A . n 
A 1 25  LEU 25  25  25  LEU LEU A . n 
A 1 26  LYS 26  26  26  LYS LYS A . n 
A 1 27  ALA 27  27  27  ALA ALA A . n 
A 1 28  TYR 28  28  28  TYR TYR A . n 
A 1 29  MSE 29  29  29  MSE MSE A . n 
A 1 30  MSE 30  30  30  MSE MSE A . n 
A 1 31  MSE 31  31  31  MSE MSE A . n 
A 1 32  GLY 32  32  32  GLY GLY A . n 
A 1 33  VAL 33  33  33  VAL VAL A . n 
A 1 34  THR 34  34  34  THR THR A . n 
A 1 35  ALA 35  35  35  ALA ALA A . n 
A 1 36  ILE 36  36  36  ILE ILE A . n 
A 1 37  LYS 37  37  37  LYS LYS A . n 
A 1 38  PRO 38  38  38  PRO PRO A . n 
A 1 39  LEU 39  39  39  LEU LEU A . n 
A 1 40  TYR 40  40  40  TYR TYR A . n 
A 1 41  ASP 41  41  41  ASP ASP A . n 
A 1 42  SER 42  42  42  SER SER A . n 
A 1 43  ASP 43  43  43  ASP ASP A . n 
A 1 44  VAL 44  44  44  VAL VAL A . n 
A 1 45  ASN 45  45  45  ASN ASN A . n 
A 1 46  GLY 46  46  46  GLY GLY A . n 
A 1 47  SER 47  47  47  SER SER A . n 
A 1 48  ASN 48  48  48  ASN ASN A . n 
A 1 49  LYS 49  49  49  LYS LYS A . n 
A 1 50  GLN 50  50  50  GLN GLN A . n 
A 1 51  ALA 51  51  51  ALA ALA A . n 
A 1 52  ALA 52  52  52  ALA ALA A . n 
A 1 53  LYS 53  53  53  LYS LYS A . n 
A 1 54  GLU 54  54  54  GLU GLU A . n 
A 1 55  ILE 55  55  55  ILE ILE A . n 
A 1 56  LEU 56  56  56  LEU LEU A . n 
A 1 57  LYS 57  57  57  LYS LYS A . n 
A 1 58  ALA 58  58  58  ALA ALA A . n 
A 1 59  MSE 59  59  59  MSE MSE A . n 
A 1 60  ARG 60  60  60  ARG ARG A . n 
A 1 61  PHE 61  61  61  PHE PHE A . n 
A 1 62  GLU 62  62  62  GLU GLU A . n 
A 1 63  SER 63  63  63  SER SER A . n 
A 1 64  ASP 64  64  64  ASP ASP A . n 
A 1 65  GLY 65  65  65  GLY GLY A . n 
A 1 66  TYR 66  66  66  TYR TYR A . n 
A 1 67  PHE 67  67  67  PHE PHE A . n 
A 1 68  PHE 68  68  68  PHE PHE A . n 
A 1 69  ALA 69  69  69  ALA ALA A . n 
A 1 70  TYR 70  70  70  TYR TYR A . n 
A 1 71  ASP 71  71  71  ASP ASP A . n 
A 1 72  SER 72  72  72  SER SER A . n 
A 1 73  GLN 73  73  73  GLN GLN A . n 
A 1 74  GLY 74  74  74  GLY GLY A . n 
A 1 75  ILE 75  75  75  ILE ILE A . n 
A 1 76  ASN 76  76  76  ASN ASN A . n 
A 1 77  THR 77  77  77  THR THR A . n 
A 1 78  LEU 78  78  78  LEU LEU A . n 
A 1 79  HIS 79  79  79  HIS HIS A . n 
A 1 80  ALA 80  80  80  ALA ALA A . n 
A 1 81  ILE 81  81  81  ILE ILE A . n 
A 1 82  LYS 82  82  82  LYS LYS A . n 
A 1 83  PRO 83  83  83  PRO PRO A . n 
A 1 84  SER 84  84  84  SER SER A . n 
A 1 85  LEU 85  85  85  LEU LEU A . n 
A 1 86  GLU 86  86  86  GLU GLU A . n 
A 1 87  GLY 87  87  87  GLY GLY A . n 
A 1 88  LYS 88  88  88  LYS LYS A . n 
A 1 89  ASN 89  89  89  ASN ASN A . n 
A 1 90  LEU 90  90  90  LEU LEU A . n 
A 1 91  TYR 91  91  91  TYR TYR A . n 
A 1 92  ASP 92  92  92  ASP ASP A . n 
A 1 93  LEU 93  93  93  LEU LEU A . n 
A 1 94  LYS 94  94  94  LYS LYS A . n 
A 1 95  ASP 95  95  95  ASP ASP A . n 
A 1 96  GLU 96  96  96  GLU GLU A . n 
A 1 97  ASN 97  97  97  ASN ASN A . n 
A 1 98  GLY 98  98  98  GLY GLY A . n 
A 1 99  VAL 99  99  99  VAL VAL A . n 
A 1 100 ALA 100 100 100 ALA ALA A . n 
A 1 101 VAL 101 101 101 VAL VAL A . n 
A 1 102 ILE 102 102 102 ILE ILE A . n 
A 1 103 ALA 103 103 103 ALA ALA A . n 
A 1 104 GLY 104 104 104 GLY GLY A . n 
A 1 105 LEU 105 105 105 LEU LEU A . n 
A 1 106 ILE 106 106 106 ILE ILE A . n 
A 1 107 ASP 107 107 107 ASP ASP A . n 
A 1 108 ALA 108 108 108 ALA ALA A . n 
A 1 109 SER 109 109 109 SER SER A . n 
A 1 110 GLN 110 110 110 GLN GLN A . n 
A 1 111 LYS 111 111 111 LYS LYS A . n 
A 1 112 GLY 112 112 112 GLY GLY A . n 
A 1 113 ASP 113 113 113 ASP ASP A . n 
A 1 114 GLY 114 114 114 GLY GLY A . n 
A 1 115 PHE 115 115 115 PHE PHE A . n 
A 1 116 LEU 116 116 116 LEU LEU A . n 
A 1 117 TYR 117 117 117 TYR TYR A . n 
A 1 118 PHE 118 118 118 PHE PHE A . n 
A 1 119 SER 119 119 119 SER SER A . n 
A 1 120 TRP 120 120 120 TRP TRP A . n 
A 1 121 HIS 121 121 121 HIS HIS A . n 
A 1 122 LYS 122 122 122 LYS LYS A . n 
A 1 123 PRO 123 123 123 PRO PRO A . n 
A 1 124 THR 124 124 124 THR THR A . n 
A 1 125 ILE 125 125 125 ILE ILE A . n 
A 1 126 ASN 126 126 126 ASN ASN A . n 
A 1 127 ALA 127 127 127 ALA ALA A . n 
A 1 128 GLN 128 128 128 GLN GLN A . n 
A 1 129 ALA 129 129 129 ALA ALA A . n 
A 1 130 PRO 130 130 130 PRO PRO A . n 
A 1 131 LYS 131 131 131 LYS LYS A . n 
A 1 132 LEU 132 132 132 LEU LEU A . n 
A 1 133 GLY 133 133 133 GLY GLY A . n 
A 1 134 TYR 134 134 134 TYR TYR A . n 
A 1 135 ALA 135 135 135 ALA ALA A . n 
A 1 136 GLU 136 136 136 GLU GLU A . n 
A 1 137 TYR 137 137 137 TYR TYR A . n 
A 1 138 LEU 138 138 138 LEU LEU A . n 
A 1 139 GLN 139 139 139 GLN GLN A . n 
A 1 140 LYS 140 140 140 LYS LYS A . n 
A 1 141 TRP 141 141 141 TRP TRP A . n 
A 1 142 ASP 142 142 142 ASP ASP A . n 
A 1 143 TRP 143 143 143 TRP TRP A . n 
A 1 144 VAL 144 144 144 VAL VAL A . n 
A 1 145 LEU 145 145 145 LEU LEU A . n 
A 1 146 GLY 146 146 146 GLY GLY A . n 
A 1 147 THR 147 147 147 THR THR A . n 
A 1 148 GLY 148 148 148 GLY GLY A . n 
A 1 149 ILE 149 149 149 ILE ILE A . n 
A 1 150 TYR 150 150 150 TYR TYR A . n 
A 1 151 ILE 151 151 151 ILE ILE A . n 
A 1 152 ASP 152 152 152 ASP ASP A . n 
A 1 153 ASP 153 153 153 ASP ASP A . n 
A 1 154 ILE 154 154 154 ILE ILE A . n 
A 1 155 ASP 155 155 155 ASP ASP A . n 
A 1 156 GLN 156 156 ?   ?   ?   A . n 
A 1 157 GLN 157 157 ?   ?   ?   A . n 
A 1 158 VAL 158 158 ?   ?   ?   A . n 
A 1 159 ALA 159 159 ?   ?   ?   A . n 
A 1 160 MSE 160 160 ?   ?   ?   A . n 
A 1 161 GLN 161 161 ?   ?   ?   A . n 
A 1 162 ARG 162 162 ?   ?   ?   A . n 
A 1 163 GLU 163 163 ?   ?   ?   A . n 
A 1 164 LEU 164 164 ?   ?   ?   A . n 
A 1 165 ARG 165 165 ?   ?   ?   A . n 
A 1 166 THR 166 166 ?   ?   ?   A . n 
A 1 167 GLN 167 167 ?   ?   ?   A . n 
A 1 168 GLU 168 168 ?   ?   ?   A . n 
A 1 169 LEU 169 169 ?   ?   ?   A . n 
A 1 170 ASN 170 170 ?   ?   ?   A . n 
A 1 171 GLN 171 171 ?   ?   ?   A . n 
A 1 172 HIS 172 172 ?   ?   ?   A . n 
A 1 173 THR 173 173 ?   ?   ?   A . n 
A 1 174 ILE 174 174 ?   ?   ?   A . n 
# 
loop_
_pdbx_nonpoly_scheme.asym_id 
_pdbx_nonpoly_scheme.entity_id 
_pdbx_nonpoly_scheme.mon_id 
_pdbx_nonpoly_scheme.ndb_seq_num 
_pdbx_nonpoly_scheme.pdb_seq_num 
_pdbx_nonpoly_scheme.auth_seq_num 
_pdbx_nonpoly_scheme.pdb_mon_id 
_pdbx_nonpoly_scheme.auth_mon_id 
_pdbx_nonpoly_scheme.pdb_strand_id 
_pdbx_nonpoly_scheme.pdb_ins_code 
B 2 GOL 1   175 1   GOL GOL A . 
C 3 HOH 1   176 2   HOH HOH A . 
C 3 HOH 2   177 3   HOH HOH A . 
C 3 HOH 3   178 4   HOH HOH A . 
C 3 HOH 4   179 5   HOH HOH A . 
C 3 HOH 5   180 6   HOH HOH A . 
C 3 HOH 6   181 7   HOH HOH A . 
C 3 HOH 7   182 8   HOH HOH A . 
C 3 HOH 8   183 9   HOH HOH A . 
C 3 HOH 9   184 10  HOH HOH A . 
C 3 HOH 10  185 11  HOH HOH A . 
C 3 HOH 11  186 12  HOH HOH A . 
C 3 HOH 12  187 13  HOH HOH A . 
C 3 HOH 13  188 14  HOH HOH A . 
C 3 HOH 14  189 15  HOH HOH A . 
C 3 HOH 15  190 16  HOH HOH A . 
C 3 HOH 16  191 17  HOH HOH A . 
C 3 HOH 17  192 18  HOH HOH A . 
C 3 HOH 18  193 19  HOH HOH A . 
C 3 HOH 19  194 20  HOH HOH A . 
C 3 HOH 20  195 21  HOH HOH A . 
C 3 HOH 21  196 22  HOH HOH A . 
C 3 HOH 22  197 23  HOH HOH A . 
C 3 HOH 23  198 24  HOH HOH A . 
C 3 HOH 24  199 25  HOH HOH A . 
C 3 HOH 25  200 26  HOH HOH A . 
C 3 HOH 26  201 27  HOH HOH A . 
C 3 HOH 27  202 28  HOH HOH A . 
C 3 HOH 28  203 29  HOH HOH A . 
C 3 HOH 29  204 30  HOH HOH A . 
C 3 HOH 30  205 31  HOH HOH A . 
C 3 HOH 31  206 32  HOH HOH A . 
C 3 HOH 32  207 33  HOH HOH A . 
C 3 HOH 33  208 34  HOH HOH A . 
C 3 HOH 34  209 35  HOH HOH A . 
C 3 HOH 35  210 36  HOH HOH A . 
C 3 HOH 36  211 37  HOH HOH A . 
C 3 HOH 37  212 38  HOH HOH A . 
C 3 HOH 38  213 39  HOH HOH A . 
C 3 HOH 39  214 40  HOH HOH A . 
C 3 HOH 40  215 41  HOH HOH A . 
C 3 HOH 41  216 42  HOH HOH A . 
C 3 HOH 42  217 43  HOH HOH A . 
C 3 HOH 43  218 44  HOH HOH A . 
C 3 HOH 44  219 45  HOH HOH A . 
C 3 HOH 45  220 46  HOH HOH A . 
C 3 HOH 46  221 47  HOH HOH A . 
C 3 HOH 47  222 48  HOH HOH A . 
C 3 HOH 48  223 49  HOH HOH A . 
C 3 HOH 49  224 50  HOH HOH A . 
C 3 HOH 50  225 51  HOH HOH A . 
C 3 HOH 51  226 52  HOH HOH A . 
C 3 HOH 52  227 53  HOH HOH A . 
C 3 HOH 53  228 54  HOH HOH A . 
C 3 HOH 54  229 55  HOH HOH A . 
C 3 HOH 55  230 56  HOH HOH A . 
C 3 HOH 56  231 57  HOH HOH A . 
C 3 HOH 57  232 58  HOH HOH A . 
C 3 HOH 58  233 59  HOH HOH A . 
C 3 HOH 59  234 60  HOH HOH A . 
C 3 HOH 60  235 61  HOH HOH A . 
C 3 HOH 61  236 62  HOH HOH A . 
C 3 HOH 62  237 63  HOH HOH A . 
C 3 HOH 63  238 64  HOH HOH A . 
C 3 HOH 64  239 65  HOH HOH A . 
C 3 HOH 65  240 66  HOH HOH A . 
C 3 HOH 66  241 67  HOH HOH A . 
C 3 HOH 67  242 68  HOH HOH A . 
C 3 HOH 68  243 69  HOH HOH A . 
C 3 HOH 69  244 70  HOH HOH A . 
C 3 HOH 70  245 71  HOH HOH A . 
C 3 HOH 71  246 72  HOH HOH A . 
C 3 HOH 72  247 73  HOH HOH A . 
C 3 HOH 73  248 74  HOH HOH A . 
C 3 HOH 74  249 75  HOH HOH A . 
C 3 HOH 75  250 76  HOH HOH A . 
C 3 HOH 76  251 77  HOH HOH A . 
C 3 HOH 77  252 78  HOH HOH A . 
C 3 HOH 78  253 79  HOH HOH A . 
C 3 HOH 79  254 80  HOH HOH A . 
C 3 HOH 80  255 81  HOH HOH A . 
C 3 HOH 81  256 82  HOH HOH A . 
C 3 HOH 82  257 83  HOH HOH A . 
C 3 HOH 83  258 84  HOH HOH A . 
C 3 HOH 84  259 85  HOH HOH A . 
C 3 HOH 85  260 86  HOH HOH A . 
C 3 HOH 86  261 87  HOH HOH A . 
C 3 HOH 87  262 88  HOH HOH A . 
C 3 HOH 88  263 89  HOH HOH A . 
C 3 HOH 89  264 90  HOH HOH A . 
C 3 HOH 90  265 91  HOH HOH A . 
C 3 HOH 91  266 92  HOH HOH A . 
C 3 HOH 92  267 93  HOH HOH A . 
C 3 HOH 93  268 94  HOH HOH A . 
C 3 HOH 94  269 95  HOH HOH A . 
C 3 HOH 95  270 96  HOH HOH A . 
C 3 HOH 96  271 98  HOH HOH A . 
C 3 HOH 97  272 99  HOH HOH A . 
C 3 HOH 98  273 100 HOH HOH A . 
C 3 HOH 99  274 101 HOH HOH A . 
C 3 HOH 100 275 102 HOH HOH A . 
C 3 HOH 101 276 103 HOH HOH A . 
C 3 HOH 102 277 104 HOH HOH A . 
C 3 HOH 103 278 105 HOH HOH A . 
C 3 HOH 104 279 106 HOH HOH A . 
C 3 HOH 105 280 107 HOH HOH A . 
C 3 HOH 106 281 108 HOH HOH A . 
C 3 HOH 107 282 109 HOH HOH A . 
C 3 HOH 108 283 110 HOH HOH A . 
C 3 HOH 109 284 111 HOH HOH A . 
C 3 HOH 110 285 112 HOH HOH A . 
C 3 HOH 111 286 113 HOH HOH A . 
C 3 HOH 112 287 114 HOH HOH A . 
C 3 HOH 113 288 115 HOH HOH A . 
C 3 HOH 114 289 116 HOH HOH A . 
C 3 HOH 115 290 117 HOH HOH A . 
C 3 HOH 116 291 118 HOH HOH A . 
C 3 HOH 117 292 119 HOH HOH A . 
C 3 HOH 118 293 120 HOH HOH A . 
C 3 HOH 119 294 121 HOH HOH A . 
C 3 HOH 120 295 122 HOH HOH A . 
C 3 HOH 121 296 123 HOH HOH A . 
C 3 HOH 122 297 124 HOH HOH A . 
C 3 HOH 123 298 125 HOH HOH A . 
C 3 HOH 124 299 126 HOH HOH A . 
C 3 HOH 125 300 127 HOH HOH A . 
C 3 HOH 126 301 128 HOH HOH A . 
C 3 HOH 127 302 129 HOH HOH A . 
C 3 HOH 128 303 130 HOH HOH A . 
C 3 HOH 129 304 131 HOH HOH A . 
C 3 HOH 130 305 132 HOH HOH A . 
C 3 HOH 131 306 133 HOH HOH A . 
C 3 HOH 132 307 134 HOH HOH A . 
C 3 HOH 133 308 135 HOH HOH A . 
C 3 HOH 134 309 136 HOH HOH A . 
C 3 HOH 135 310 137 HOH HOH A . 
C 3 HOH 136 311 138 HOH HOH A . 
C 3 HOH 137 312 140 HOH HOH A . 
C 3 HOH 138 313 142 HOH HOH A . 
C 3 HOH 139 314 143 HOH HOH A . 
C 3 HOH 140 315 145 HOH HOH A . 
C 3 HOH 141 316 146 HOH HOH A . 
C 3 HOH 142 317 147 HOH HOH A . 
C 3 HOH 143 318 148 HOH HOH A . 
C 3 HOH 144 319 149 HOH HOH A . 
C 3 HOH 145 320 150 HOH HOH A . 
C 3 HOH 146 321 151 HOH HOH A . 
C 3 HOH 147 322 152 HOH HOH A . 
C 3 HOH 148 323 153 HOH HOH A . 
C 3 HOH 149 324 154 HOH HOH A . 
C 3 HOH 150 325 155 HOH HOH A . 
C 3 HOH 151 326 156 HOH HOH A . 
C 3 HOH 152 327 157 HOH HOH A . 
C 3 HOH 153 328 158 HOH HOH A . 
C 3 HOH 154 329 159 HOH HOH A . 
C 3 HOH 155 330 160 HOH HOH A . 
C 3 HOH 156 331 161 HOH HOH A . 
C 3 HOH 157 332 162 HOH HOH A . 
C 3 HOH 158 333 163 HOH HOH A . 
C 3 HOH 159 334 164 HOH HOH A . 
C 3 HOH 160 335 165 HOH HOH A . 
C 3 HOH 161 336 166 HOH HOH A . 
C 3 HOH 162 337 167 HOH HOH A . 
C 3 HOH 163 338 168 HOH HOH A . 
C 3 HOH 164 339 169 HOH HOH A . 
C 3 HOH 165 340 170 HOH HOH A . 
C 3 HOH 166 341 171 HOH HOH A . 
C 3 HOH 167 342 172 HOH HOH A . 
C 3 HOH 168 343 173 HOH HOH A . 
C 3 HOH 169 344 174 HOH HOH A . 
C 3 HOH 170 345 175 HOH HOH A . 
C 3 HOH 171 346 176 HOH HOH A . 
C 3 HOH 172 347 177 HOH HOH A . 
C 3 HOH 173 348 178 HOH HOH A . 
C 3 HOH 174 349 179 HOH HOH A . 
C 3 HOH 175 350 180 HOH HOH A . 
C 3 HOH 176 351 181 HOH HOH A . 
C 3 HOH 177 352 182 HOH HOH A . 
C 3 HOH 178 353 183 HOH HOH A . 
C 3 HOH 179 354 184 HOH HOH A . 
C 3 HOH 180 355 185 HOH HOH A . 
C 3 HOH 181 356 186 HOH HOH A . 
C 3 HOH 182 357 187 HOH HOH A . 
C 3 HOH 183 358 188 HOH HOH A . 
C 3 HOH 184 359 189 HOH HOH A . 
C 3 HOH 185 360 190 HOH HOH A . 
C 3 HOH 186 361 191 HOH HOH A . 
C 3 HOH 187 362 192 HOH HOH A . 
C 3 HOH 188 363 193 HOH HOH A . 
C 3 HOH 189 364 194 HOH HOH A . 
C 3 HOH 190 365 195 HOH HOH A . 
C 3 HOH 191 366 196 HOH HOH A . 
C 3 HOH 192 367 197 HOH HOH A . 
C 3 HOH 193 368 198 HOH HOH A . 
C 3 HOH 194 369 199 HOH HOH A . 
C 3 HOH 195 370 200 HOH HOH A . 
C 3 HOH 196 371 201 HOH HOH A . 
C 3 HOH 197 372 202 HOH HOH A . 
C 3 HOH 198 373 204 HOH HOH A . 
C 3 HOH 199 374 205 HOH HOH A . 
C 3 HOH 200 375 206 HOH HOH A . 
C 3 HOH 201 376 207 HOH HOH A . 
C 3 HOH 202 377 208 HOH HOH A . 
C 3 HOH 203 378 209 HOH HOH A . 
C 3 HOH 204 379 210 HOH HOH A . 
C 3 HOH 205 380 211 HOH HOH A . 
C 3 HOH 206 381 212 HOH HOH A . 
C 3 HOH 207 382 213 HOH HOH A . 
C 3 HOH 208 383 214 HOH HOH A . 
C 3 HOH 209 384 215 HOH HOH A . 
C 3 HOH 210 385 216 HOH HOH A . 
C 3 HOH 211 386 217 HOH HOH A . 
C 3 HOH 212 387 218 HOH HOH A . 
C 3 HOH 213 388 219 HOH HOH A . 
C 3 HOH 214 389 220 HOH HOH A . 
C 3 HOH 215 390 221 HOH HOH A . 
C 3 HOH 216 391 222 HOH HOH A . 
C 3 HOH 217 392 223 HOH HOH A . 
C 3 HOH 218 393 224 HOH HOH A . 
C 3 HOH 219 394 225 HOH HOH A . 
C 3 HOH 220 395 226 HOH HOH A . 
C 3 HOH 221 396 227 HOH HOH A . 
C 3 HOH 222 397 228 HOH HOH A . 
C 3 HOH 223 398 229 HOH HOH A . 
C 3 HOH 224 399 230 HOH HOH A . 
C 3 HOH 225 400 231 HOH HOH A . 
C 3 HOH 226 401 232 HOH HOH A . 
C 3 HOH 227 402 233 HOH HOH A . 
C 3 HOH 228 403 234 HOH HOH A . 
C 3 HOH 229 404 235 HOH HOH A . 
C 3 HOH 230 405 236 HOH HOH A . 
C 3 HOH 231 406 237 HOH HOH A . 
C 3 HOH 232 407 238 HOH HOH A . 
C 3 HOH 233 408 239 HOH HOH A . 
C 3 HOH 234 409 240 HOH HOH A . 
C 3 HOH 235 410 241 HOH HOH A . 
C 3 HOH 236 411 242 HOH HOH A . 
C 3 HOH 237 412 243 HOH HOH A . 
C 3 HOH 238 413 244 HOH HOH A . 
C 3 HOH 239 414 245 HOH HOH A . 
C 3 HOH 240 415 246 HOH HOH A . 
C 3 HOH 241 416 247 HOH HOH A . 
C 3 HOH 242 417 248 HOH HOH A . 
C 3 HOH 243 418 249 HOH HOH A . 
C 3 HOH 244 419 250 HOH HOH A . 
C 3 HOH 245 420 251 HOH HOH A . 
C 3 HOH 246 421 252 HOH HOH A . 
C 3 HOH 247 422 253 HOH HOH A . 
C 3 HOH 248 423 254 HOH HOH A . 
C 3 HOH 249 424 255 HOH HOH A . 
C 3 HOH 250 425 256 HOH HOH A . 
C 3 HOH 251 426 257 HOH HOH A . 
# 
loop_
_software.name 
_software.classification 
_software.version 
_software.citation_id 
_software.pdbx_ordinal 
REFMAC      refinement        5.2.0019 ? 1 
SBC-Collect 'data collection' .        ? 2 
HKL-3000    'data reduction'  .        ? 3 
HKL-3000    'data scaling'    .        ? 4 
HKL-3000    phasing           .        ? 5 
# 
_cell.entry_id           2QHK 
_cell.length_a           112.268 
_cell.length_b           112.268 
_cell.length_c           62.731 
_cell.angle_alpha        90.00 
_cell.angle_beta         90.00 
_cell.angle_gamma        90.00 
_cell.Z_PDB              16 
_cell.pdbx_unique_axis   ? 
_cell.length_a_esd       ? 
_cell.length_b_esd       ? 
_cell.length_c_esd       ? 
_cell.angle_alpha_esd    ? 
_cell.angle_beta_esd     ? 
_cell.angle_gamma_esd    ? 
# 
_symmetry.entry_id                         2QHK 
_symmetry.space_group_name_H-M             'I 4 2 2' 
_symmetry.pdbx_full_space_group_name_H-M   ? 
_symmetry.cell_setting                     ? 
_symmetry.Int_Tables_number                97 
_symmetry.space_group_name_Hall            ? 
# 
_exptl.entry_id          2QHK 
_exptl.method            'X-RAY DIFFRACTION' 
_exptl.crystals_number   1 
# 
_exptl_crystal.id                    1 
_exptl_crystal.density_meas          ? 
_exptl_crystal.density_Matthews      2.47 
_exptl_crystal.density_percent_sol   50.25 
_exptl_crystal.description           ? 
_exptl_crystal.F_000                 ? 
_exptl_crystal.preparation           ? 
# 
_exptl_crystal_grow.crystal_id      1 
_exptl_crystal_grow.method          'VAPOR DIFFUSION, SITTING DROP' 
_exptl_crystal_grow.temp            298 
_exptl_crystal_grow.temp_details    ? 
_exptl_crystal_grow.pH              6.5 
_exptl_crystal_grow.pdbx_details    '0.1M Bis-Tris, 28% PEG MME 2000, pH 6.5, VAPOR DIFFUSION, SITTING DROP, temperature 298K' 
_exptl_crystal_grow.pdbx_pH_range   . 
# 
_diffrn.id                     1 
_diffrn.ambient_temp           100 
_diffrn.ambient_temp_details   ? 
_diffrn.crystal_id             1 
# 
_diffrn_detector.diffrn_id              1 
_diffrn_detector.detector               CCD 
_diffrn_detector.type                   'ADSC QUANTUM 315' 
_diffrn_detector.pdbx_collection_date   2007-02-07 
_diffrn_detector.details                mirrors 
# 
_diffrn_radiation.diffrn_id                        1 
_diffrn_radiation.wavelength_id                    1 
_diffrn_radiation.pdbx_monochromatic_or_laue_m_l   M 
_diffrn_radiation.monochromator                    'Si 111 channel' 
_diffrn_radiation.pdbx_diffrn_protocol             'SINGLE WAVELENGTH' 
_diffrn_radiation.pdbx_scattering_type             x-ray 
# 
_diffrn_radiation_wavelength.id           1 
_diffrn_radiation_wavelength.wavelength   0.97940 
_diffrn_radiation_wavelength.wt           1.0 
# 
_diffrn_source.diffrn_id                   1 
_diffrn_source.source                      SYNCHROTRON 
_diffrn_source.type                        'APS BEAMLINE 19-ID' 
_diffrn_source.pdbx_synchrotron_site       APS 
_diffrn_source.pdbx_synchrotron_beamline   19-ID 
_diffrn_source.pdbx_wavelength             ? 
_diffrn_source.pdbx_wavelength_list        0.97940 
# 
_reflns.entry_id                     2QHK 
_reflns.observed_criterion_sigma_F   ? 
_reflns.observed_criterion_sigma_I   2.0 
_reflns.d_resolution_high            1.90 
_reflns.d_resolution_low             79.31 
_reflns.number_all                   15122 
_reflns.number_obs                   15013 
_reflns.percent_possible_obs         99.28 
_reflns.pdbx_Rmerge_I_obs            0.133 
_reflns.pdbx_Rsym_value              ? 
_reflns.pdbx_netI_over_sigmaI        27.0 
_reflns.B_iso_Wilson_estimate        34.0 
_reflns.pdbx_redundancy              18.5 
_reflns.R_free_details               ? 
_reflns.limit_h_max                  ? 
_reflns.limit_h_min                  ? 
_reflns.limit_k_max                  ? 
_reflns.limit_k_min                  ? 
_reflns.limit_l_max                  ? 
_reflns.limit_l_min                  ? 
_reflns.observed_criterion_F_max     ? 
_reflns.observed_criterion_F_min     ? 
_reflns.pdbx_chi_squared             ? 
_reflns.pdbx_scaling_rejects         ? 
_reflns.pdbx_ordinal                 1 
_reflns.pdbx_diffrn_id               1 
# 
_reflns_shell.d_res_high             1.90 
_reflns_shell.d_res_low              1.957 
_reflns_shell.percent_possible_all   0.934 
_reflns_shell.Rmerge_I_obs           0.62 
_reflns_shell.pdbx_Rsym_value        ? 
_reflns_shell.meanI_over_sigI_obs    5.0 
_reflns_shell.pdbx_redundancy        17.0 
_reflns_shell.percent_possible_obs   ? 
_reflns_shell.number_unique_all      1152 
_reflns_shell.number_measured_all    ? 
_reflns_shell.number_measured_obs    ? 
_reflns_shell.number_unique_obs      ? 
_reflns_shell.pdbx_chi_squared       ? 
_reflns_shell.pdbx_ordinal           1 
_reflns_shell.pdbx_diffrn_id         1 
# 
_refine.entry_id                                 2QHK 
_refine.ls_number_reflns_obs                     15013 
_refine.ls_number_reflns_all                     15013 
_refine.pdbx_ls_sigma_I                          0 
_refine.pdbx_ls_sigma_F                          0 
_refine.pdbx_data_cutoff_high_absF               ? 
_refine.pdbx_data_cutoff_low_absF                ? 
_refine.pdbx_data_cutoff_high_rms_absF           ? 
_refine.ls_d_res_low                             79.31 
_refine.ls_d_res_high                            1.91 
_refine.ls_percent_reflns_obs                    99.28 
_refine.ls_R_factor_obs                          0.17369 
_refine.ls_R_factor_all                          ? 
_refine.ls_R_factor_R_work                       0.17174 
_refine.ls_R_factor_R_free                       0.21274 
_refine.ls_R_factor_R_free_error                 ? 
_refine.ls_R_factor_R_free_error_details         ? 
_refine.ls_percent_reflns_R_free                 5.0 
_refine.ls_number_reflns_R_free                  786 
_refine.ls_number_parameters                     ? 
_refine.ls_number_restraints                     ? 
_refine.occupancy_min                            ? 
_refine.occupancy_max                            ? 
_refine.correlation_coeff_Fo_to_Fc               0.957 
_refine.correlation_coeff_Fo_to_Fc_free          0.929 
_refine.B_iso_mean                               34.312 
_refine.aniso_B[1][1]                            -0.03 
_refine.aniso_B[2][2]                            -0.03 
_refine.aniso_B[3][3]                            0.07 
_refine.aniso_B[1][2]                            0.00 
_refine.aniso_B[1][3]                            0.00 
_refine.aniso_B[2][3]                            0.00 
_refine.solvent_model_details                    MASK 
_refine.solvent_model_param_ksol                 ? 
_refine.solvent_model_param_bsol                 ? 
_refine.pdbx_solvent_vdw_probe_radii             1.20 
_refine.pdbx_solvent_ion_probe_radii             0.80 
_refine.pdbx_solvent_shrinkage_radii             0.80 
_refine.pdbx_ls_cross_valid_method               THROUGHOUT 
_refine.details                                  'HYDROGENS HAVE BEEN ADDED IN THE RIDING POSITIONS' 
_refine.pdbx_starting_model                      ? 
_refine.pdbx_method_to_determine_struct          SAD 
_refine.pdbx_isotropic_thermal_model             ? 
_refine.pdbx_stereochemistry_target_values       'MAXIMUM LIKELIHOOD WITH PHASES' 
_refine.pdbx_stereochem_target_val_spec_case     ? 
_refine.pdbx_R_Free_selection_details            RANDOM 
_refine.pdbx_overall_ESU_R                       0.132 
_refine.pdbx_overall_ESU_R_Free                  0.128 
_refine.overall_SU_ML                            0.068 
_refine.overall_SU_B                             4.198 
_refine.ls_redundancy_reflns_obs                 ? 
_refine.B_iso_min                                ? 
_refine.B_iso_max                                ? 
_refine.overall_SU_R_Cruickshank_DPI             ? 
_refine.overall_SU_R_free                        ? 
_refine.ls_wR_factor_R_free                      ? 
_refine.ls_wR_factor_R_work                      ? 
_refine.overall_FOM_free_R_set                   ? 
_refine.overall_FOM_work_R_set                   ? 
_refine.pdbx_refine_id                           'X-RAY DIFFRACTION' 
_refine.pdbx_TLS_residual_ADP_flag               'LIKELY RESIDUAL' 
_refine.pdbx_diffrn_id                           1 
_refine.pdbx_overall_phase_error                 ? 
_refine.pdbx_overall_SU_R_free_Cruickshank_DPI   ? 
_refine.pdbx_overall_SU_R_Blow_DPI               ? 
_refine.pdbx_overall_SU_R_free_Blow_DPI          ? 
# 
_refine_analyze.entry_id                        2QHK 
_refine_analyze.Luzzati_coordinate_error_obs    0.036 
_refine_analyze.Luzzati_sigma_a_obs             0.035 
_refine_analyze.Luzzati_d_res_low_obs           6.0 
_refine_analyze.Luzzati_coordinate_error_free   0.042 
_refine_analyze.Luzzati_sigma_a_free            0.5 
_refine_analyze.Luzzati_d_res_low_free          ? 
_refine_analyze.number_disordered_residues      ? 
_refine_analyze.occupancy_sum_non_hydrogen      ? 
_refine_analyze.occupancy_sum_hydrogen          ? 
_refine_analyze.pdbx_Luzzati_d_res_high_obs     ? 
_refine_analyze.pdbx_refine_id                  'X-RAY DIFFRACTION' 
# 
_refine_hist.pdbx_refine_id                   'X-RAY DIFFRACTION' 
_refine_hist.cycle_id                         LAST 
_refine_hist.pdbx_number_atoms_protein        1176 
_refine_hist.pdbx_number_atoms_nucleic_acid   0 
_refine_hist.pdbx_number_atoms_ligand         6 
_refine_hist.number_atoms_solvent             251 
_refine_hist.number_atoms_total               1433 
_refine_hist.d_res_high                       1.91 
_refine_hist.d_res_low                        79.31 
# 
loop_
_refine_ls_restr.type 
_refine_ls_restr.dev_ideal 
_refine_ls_restr.dev_ideal_target 
_refine_ls_restr.weight 
_refine_ls_restr.number 
_refine_ls_restr.pdbx_refine_id 
_refine_ls_restr.pdbx_restraint_function 
r_bond_refined_d         0.014  0.022  ? 1216 'X-RAY DIFFRACTION' ? 
r_angle_refined_deg      1.342  1.963  ? 1640 'X-RAY DIFFRACTION' ? 
r_dihedral_angle_1_deg   5.810  5.000  ? 149  'X-RAY DIFFRACTION' ? 
r_dihedral_angle_2_deg   35.374 25.345 ? 58   'X-RAY DIFFRACTION' ? 
r_dihedral_angle_3_deg   13.137 15.000 ? 216  'X-RAY DIFFRACTION' ? 
r_dihedral_angle_4_deg   21.261 15.000 ? 4    'X-RAY DIFFRACTION' ? 
r_chiral_restr           0.098  0.200  ? 172  'X-RAY DIFFRACTION' ? 
r_gen_planes_refined     0.005  0.020  ? 921  'X-RAY DIFFRACTION' ? 
r_nbd_refined            0.202  0.200  ? 589  'X-RAY DIFFRACTION' ? 
r_nbtor_refined          0.306  0.200  ? 834  'X-RAY DIFFRACTION' ? 
r_xyhbond_nbd_refined    0.142  0.200  ? 207  'X-RAY DIFFRACTION' ? 
r_symmetry_vdw_refined   0.144  0.200  ? 41   'X-RAY DIFFRACTION' ? 
r_symmetry_hbond_refined 0.269  0.200  ? 29   'X-RAY DIFFRACTION' ? 
r_mcbond_it              1.137  1.500  ? 762  'X-RAY DIFFRACTION' ? 
r_mcangle_it             1.491  2.000  ? 1174 'X-RAY DIFFRACTION' ? 
r_scbond_it              2.769  3.000  ? 536  'X-RAY DIFFRACTION' ? 
r_scangle_it             3.839  4.500  ? 466  'X-RAY DIFFRACTION' ? 
# 
_refine_ls_shell.pdbx_total_number_of_bins_used   20 
_refine_ls_shell.d_res_high                       1.91 
_refine_ls_shell.d_res_low                        1.96 
_refine_ls_shell.number_reflns_R_work             1019 
_refine_ls_shell.R_factor_R_work                  0.183 
_refine_ls_shell.percent_reflns_obs               93.40 
_refine_ls_shell.R_factor_R_free                  0.235 
_refine_ls_shell.R_factor_R_free_error            ? 
_refine_ls_shell.percent_reflns_R_free            ? 
_refine_ls_shell.number_reflns_R_free             57 
_refine_ls_shell.number_reflns_all                ? 
_refine_ls_shell.R_factor_all                     ? 
_refine_ls_shell.number_reflns_obs                ? 
_refine_ls_shell.redundancy_reflns_obs            ? 
_refine_ls_shell.pdbx_refine_id                   'X-RAY DIFFRACTION' 
# 
_struct.entry_id                  2QHK 
_struct.title                     
'Crystal structure of methyl-accepting chemotaxis protein from Vibrio parahaemolyticus RIMD 2210633' 
_struct.pdbx_model_details        ? 
_struct.pdbx_CASP_flag            ? 
_struct.pdbx_model_type_details   ? 
# 
_struct_keywords.entry_id        2QHK 
_struct_keywords.pdbx_keywords   'SIGNALING PROTEIN' 
_struct_keywords.text            
;The methyl-accepting chemotaxis protein, Vibrio parahaemolyticus RIMD 2210633, Structural genomics, PSI-2, MCSG, Protein Structure Initiative, Midwest Center for Structural Genomics, SIGNALING PROTEIN
;
# 
loop_
_struct_asym.id 
_struct_asym.pdbx_blank_PDB_chainid_flag 
_struct_asym.pdbx_modified 
_struct_asym.entity_id 
_struct_asym.details 
A N N 1 ? 
B N N 2 ? 
C N N 3 ? 
# 
_struct_ref.id                         1 
_struct_ref.db_name                    UNP 
_struct_ref.db_code                    Q87T87_VIBPA 
_struct_ref.pdbx_db_accession          Q87T87 
_struct_ref.entity_id                  1 
_struct_ref.pdbx_seq_one_letter_code   
;NSSKSLEAELVRDRQELIDARKKELKAYMMMGVTAIKPLYDSDVNGSNKQAAKEILKAMRFESDGYFFAYDSQGINTLHA
IKPSLEGKNLYDLKDENGVAVIAGLIDASQKGDGFLYFSWHKPTINAQAPKLGYAEYLQKWDWVLGTGIYIDDIDQQVAM
QRELRTQELNQHT
;
_struct_ref.pdbx_align_begin           31 
_struct_ref.pdbx_db_isoform            ? 
# 
_struct_ref_seq.align_id                      1 
_struct_ref_seq.ref_id                        1 
_struct_ref_seq.pdbx_PDB_id_code              2QHK 
_struct_ref_seq.pdbx_strand_id                A 
_struct_ref_seq.seq_align_beg                 1 
_struct_ref_seq.pdbx_seq_align_beg_ins_code   ? 
_struct_ref_seq.seq_align_end                 173 
_struct_ref_seq.pdbx_seq_align_end_ins_code   ? 
_struct_ref_seq.pdbx_db_accession             Q87T87 
_struct_ref_seq.db_align_beg                  31 
_struct_ref_seq.pdbx_db_align_beg_ins_code    ? 
_struct_ref_seq.db_align_end                  203 
_struct_ref_seq.pdbx_db_align_end_ins_code    ? 
_struct_ref_seq.pdbx_auth_seq_align_beg       1 
_struct_ref_seq.pdbx_auth_seq_align_end       173 
# 
loop_
_struct_ref_seq_dif.align_id 
_struct_ref_seq_dif.pdbx_pdb_id_code 
_struct_ref_seq_dif.mon_id 
_struct_ref_seq_dif.pdbx_pdb_strand_id 
_struct_ref_seq_dif.seq_num 
_struct_ref_seq_dif.pdbx_pdb_ins_code 
_struct_ref_seq_dif.pdbx_seq_db_name 
_struct_ref_seq_dif.pdbx_seq_db_accession_code 
_struct_ref_seq_dif.db_mon_id 
_struct_ref_seq_dif.pdbx_seq_db_seq_num 
_struct_ref_seq_dif.details 
_struct_ref_seq_dif.pdbx_auth_seq_num 
_struct_ref_seq_dif.pdbx_ordinal 
1 2QHK MSE A 29  ? UNP Q87T87 MET 59  'modified residue' 29  1 
1 2QHK MSE A 30  ? UNP Q87T87 MET 60  'modified residue' 30  2 
1 2QHK MSE A 31  ? UNP Q87T87 MET 61  'modified residue' 31  3 
1 2QHK MSE A 59  ? UNP Q87T87 MET 89  'modified residue' 59  4 
1 2QHK MSE A 160 ? UNP Q87T87 MET 190 'modified residue' 160 5 
1 2QHK ILE A 174 ? UNP Q87T87 ?   ?   'cloning artifact' 174 6 
# 
_pdbx_struct_assembly.id                   1 
_pdbx_struct_assembly.details              author_and_software_defined_assembly 
_pdbx_struct_assembly.method_details       PISA 
_pdbx_struct_assembly.oligomeric_details   dimeric 
_pdbx_struct_assembly.oligomeric_count     2 
# 
_pdbx_struct_assembly_prop.biol_id   1 
_pdbx_struct_assembly_prop.type      'ABSA (A^2)' 
_pdbx_struct_assembly_prop.value     1960 
_pdbx_struct_assembly_prop.details   ? 
# 
_pdbx_struct_assembly_gen.assembly_id       1 
_pdbx_struct_assembly_gen.oper_expression   1,2 
_pdbx_struct_assembly_gen.asym_id_list      A,B,C 
# 
loop_
_pdbx_struct_oper_list.id 
_pdbx_struct_oper_list.type 
_pdbx_struct_oper_list.name 
_pdbx_struct_oper_list.symmetry_operation 
_pdbx_struct_oper_list.matrix[1][1] 
_pdbx_struct_oper_list.matrix[1][2] 
_pdbx_struct_oper_list.matrix[1][3] 
_pdbx_struct_oper_list.vector[1] 
_pdbx_struct_oper_list.matrix[2][1] 
_pdbx_struct_oper_list.matrix[2][2] 
_pdbx_struct_oper_list.matrix[2][3] 
_pdbx_struct_oper_list.vector[2] 
_pdbx_struct_oper_list.matrix[3][1] 
_pdbx_struct_oper_list.matrix[3][2] 
_pdbx_struct_oper_list.matrix[3][3] 
_pdbx_struct_oper_list.vector[3] 
1 'identity operation'         1_555  x,y,z                1.0000000000  0.0000000000  0.0000000000 0.0000000000   0.0000000000  1.0000000000  0.0000000000  0.0000000000  0.0000000000 0.0000000000  1.0000000000 0.0000000000 
2 'crystal symmetry operation' 16_555 -y+1/2,-x+1/2,-z+1/2 -0.9999088215 -0.0018198235 0.0133804670 -11.9032852088 -0.0018198235 -0.9636782982 -0.2670595921 23.5444475036 0.0133804670 -0.2670595921 0.9635871197 3.2832982037 
# 
_struct_biol.id        1 
_struct_biol.details   
;The second part of the biological assembly is generated 
by the operation 1/2-y,1/2-x,1/2-z
;
# 
loop_
_struct_conf.conf_type_id 
_struct_conf.id 
_struct_conf.pdbx_PDB_helix_id 
_struct_conf.beg_label_comp_id 
_struct_conf.beg_label_asym_id 
_struct_conf.beg_label_seq_id 
_struct_conf.pdbx_beg_PDB_ins_code 
_struct_conf.end_label_comp_id 
_struct_conf.end_label_asym_id 
_struct_conf.end_label_seq_id 
_struct_conf.pdbx_end_PDB_ins_code 
_struct_conf.beg_auth_comp_id 
_struct_conf.beg_auth_asym_id 
_struct_conf.beg_auth_seq_id 
_struct_conf.end_auth_comp_id 
_struct_conf.end_auth_asym_id 
_struct_conf.end_auth_seq_id 
_struct_conf.pdbx_PDB_helix_class 
_struct_conf.details 
_struct_conf.pdbx_PDB_helix_length 
HELX_P HELX_P1 1 ALA A 8   ? ILE A 36  ? ALA A 8   ILE A 36  1 ? 29 
HELX_P HELX_P2 2 ILE A 36  ? ASP A 43  ? ILE A 36  ASP A 43  1 ? 8  
HELX_P HELX_P3 3 ASN A 48  ? MSE A 59  ? ASN A 48  MSE A 59  1 ? 12 
HELX_P HELX_P4 4 LYS A 82  ? GLU A 86  ? LYS A 82  GLU A 86  5 ? 5  
HELX_P HELX_P5 5 ALA A 100 ? GLY A 112 ? ALA A 100 GLY A 112 1 ? 13 
HELX_P HELX_P6 6 PRO A 123 ? ASN A 126 ? PRO A 123 ASN A 126 5 ? 4  
HELX_P HELX_P7 7 GLN A 139 ? ASP A 142 ? GLN A 139 ASP A 142 5 ? 4  
# 
_struct_conf_type.id          HELX_P 
_struct_conf_type.criteria    ? 
_struct_conf_type.reference   ? 
# 
loop_
_struct_conn.id 
_struct_conn.conn_type_id 
_struct_conn.pdbx_leaving_atom_flag 
_struct_conn.pdbx_PDB_id 
_struct_conn.ptnr1_label_asym_id 
_struct_conn.ptnr1_label_comp_id 
_struct_conn.ptnr1_label_seq_id 
_struct_conn.ptnr1_label_atom_id 
_struct_conn.pdbx_ptnr1_label_alt_id 
_struct_conn.pdbx_ptnr1_PDB_ins_code 
_struct_conn.pdbx_ptnr1_standard_comp_id 
_struct_conn.ptnr1_symmetry 
_struct_conn.ptnr2_label_asym_id 
_struct_conn.ptnr2_label_comp_id 
_struct_conn.ptnr2_label_seq_id 
_struct_conn.ptnr2_label_atom_id 
_struct_conn.pdbx_ptnr2_label_alt_id 
_struct_conn.pdbx_ptnr2_PDB_ins_code 
_struct_conn.ptnr1_auth_asym_id 
_struct_conn.ptnr1_auth_comp_id 
_struct_conn.ptnr1_auth_seq_id 
_struct_conn.ptnr2_auth_asym_id 
_struct_conn.ptnr2_auth_comp_id 
_struct_conn.ptnr2_auth_seq_id 
_struct_conn.ptnr2_symmetry 
_struct_conn.pdbx_ptnr3_label_atom_id 
_struct_conn.pdbx_ptnr3_label_seq_id 
_struct_conn.pdbx_ptnr3_label_comp_id 
_struct_conn.pdbx_ptnr3_label_asym_id 
_struct_conn.pdbx_ptnr3_label_alt_id 
_struct_conn.pdbx_ptnr3_PDB_ins_code 
_struct_conn.details 
_struct_conn.pdbx_dist_value 
_struct_conn.pdbx_value_order 
_struct_conn.pdbx_role 
covale1 covale both ? A TYR 28 C ? ? ? 1_555 A MSE 29 N ? ? A TYR 28 A MSE 29 1_555 ? ? ? ? ? ? ? 1.339 ? ? 
covale2 covale both ? A MSE 29 C ? ? ? 1_555 A MSE 30 N ? ? A MSE 29 A MSE 30 1_555 ? ? ? ? ? ? ? 1.330 ? ? 
covale3 covale both ? A MSE 30 C ? ? ? 1_555 A MSE 31 N ? ? A MSE 30 A MSE 31 1_555 ? ? ? ? ? ? ? 1.328 ? ? 
covale4 covale both ? A MSE 31 C ? ? ? 1_555 A GLY 32 N ? ? A MSE 31 A GLY 32 1_555 ? ? ? ? ? ? ? 1.333 ? ? 
covale5 covale both ? A ALA 58 C ? ? ? 1_555 A MSE 59 N ? ? A ALA 58 A MSE 59 1_555 ? ? ? ? ? ? ? 1.333 ? ? 
covale6 covale both ? A MSE 59 C ? ? ? 1_555 A ARG 60 N ? ? A MSE 59 A ARG 60 1_555 ? ? ? ? ? ? ? 1.330 ? ? 
# 
_struct_conn_type.id          covale 
_struct_conn_type.criteria    ? 
_struct_conn_type.reference   ? 
# 
loop_
_pdbx_modification_feature.ordinal 
_pdbx_modification_feature.label_comp_id 
_pdbx_modification_feature.label_asym_id 
_pdbx_modification_feature.label_seq_id 
_pdbx_modification_feature.label_alt_id 
_pdbx_modification_feature.modified_residue_label_comp_id 
_pdbx_modification_feature.modified_residue_label_asym_id 
_pdbx_modification_feature.modified_residue_label_seq_id 
_pdbx_modification_feature.modified_residue_label_alt_id 
_pdbx_modification_feature.auth_comp_id 
_pdbx_modification_feature.auth_asym_id 
_pdbx_modification_feature.auth_seq_id 
_pdbx_modification_feature.PDB_ins_code 
_pdbx_modification_feature.symmetry 
_pdbx_modification_feature.modified_residue_auth_comp_id 
_pdbx_modification_feature.modified_residue_auth_asym_id 
_pdbx_modification_feature.modified_residue_auth_seq_id 
_pdbx_modification_feature.modified_residue_PDB_ins_code 
_pdbx_modification_feature.modified_residue_symmetry 
_pdbx_modification_feature.comp_id_linking_atom 
_pdbx_modification_feature.modified_residue_id_linking_atom 
_pdbx_modification_feature.modified_residue_id 
_pdbx_modification_feature.ref_pcm_id 
_pdbx_modification_feature.ref_comp_id 
_pdbx_modification_feature.type 
_pdbx_modification_feature.category 
1 MSE A 29 ? . . . . MSE A 29 ? 1_555 . . . . . . . MET 1 MSE Selenomethionine 'Named protein modification' 
2 MSE A 30 ? . . . . MSE A 30 ? 1_555 . . . . . . . MET 1 MSE Selenomethionine 'Named protein modification' 
3 MSE A 31 ? . . . . MSE A 31 ? 1_555 . . . . . . . MET 1 MSE Selenomethionine 'Named protein modification' 
4 MSE A 59 ? . . . . MSE A 59 ? 1_555 . . . . . . . MET 1 MSE Selenomethionine 'Named protein modification' 
# 
_struct_sheet.id               A 
_struct_sheet.type             ? 
_struct_sheet.number_strands   5 
_struct_sheet.details          ? 
# 
loop_
_struct_sheet_order.sheet_id 
_struct_sheet_order.range_id_1 
_struct_sheet_order.range_id_2 
_struct_sheet_order.offset 
_struct_sheet_order.sense 
A 1 2 ? anti-parallel 
A 2 3 ? anti-parallel 
A 3 4 ? anti-parallel 
A 4 5 ? anti-parallel 
# 
loop_
_struct_sheet_range.sheet_id 
_struct_sheet_range.id 
_struct_sheet_range.beg_label_comp_id 
_struct_sheet_range.beg_label_asym_id 
_struct_sheet_range.beg_label_seq_id 
_struct_sheet_range.pdbx_beg_PDB_ins_code 
_struct_sheet_range.end_label_comp_id 
_struct_sheet_range.end_label_asym_id 
_struct_sheet_range.end_label_seq_id 
_struct_sheet_range.pdbx_end_PDB_ins_code 
_struct_sheet_range.beg_auth_comp_id 
_struct_sheet_range.beg_auth_asym_id 
_struct_sheet_range.beg_auth_seq_id 
_struct_sheet_range.end_auth_comp_id 
_struct_sheet_range.end_auth_asym_id 
_struct_sheet_range.end_auth_seq_id 
A 1 ASN A 76  ? HIS A 79  ? ASN A 76  HIS A 79  
A 2 PHE A 68  ? TYR A 70  ? PHE A 68  TYR A 70  
A 3 TRP A 143 ? TYR A 150 ? TRP A 143 TYR A 150 
A 4 GLN A 128 ? LEU A 138 ? GLN A 128 LEU A 138 
A 5 PHE A 115 ? HIS A 121 ? PHE A 115 HIS A 121 
# 
loop_
_pdbx_struct_sheet_hbond.sheet_id 
_pdbx_struct_sheet_hbond.range_id_1 
_pdbx_struct_sheet_hbond.range_id_2 
_pdbx_struct_sheet_hbond.range_1_label_atom_id 
_pdbx_struct_sheet_hbond.range_1_label_comp_id 
_pdbx_struct_sheet_hbond.range_1_label_asym_id 
_pdbx_struct_sheet_hbond.range_1_label_seq_id 
_pdbx_struct_sheet_hbond.range_1_PDB_ins_code 
_pdbx_struct_sheet_hbond.range_1_auth_atom_id 
_pdbx_struct_sheet_hbond.range_1_auth_comp_id 
_pdbx_struct_sheet_hbond.range_1_auth_asym_id 
_pdbx_struct_sheet_hbond.range_1_auth_seq_id 
_pdbx_struct_sheet_hbond.range_2_label_atom_id 
_pdbx_struct_sheet_hbond.range_2_label_comp_id 
_pdbx_struct_sheet_hbond.range_2_label_asym_id 
_pdbx_struct_sheet_hbond.range_2_label_seq_id 
_pdbx_struct_sheet_hbond.range_2_PDB_ins_code 
_pdbx_struct_sheet_hbond.range_2_auth_atom_id 
_pdbx_struct_sheet_hbond.range_2_auth_comp_id 
_pdbx_struct_sheet_hbond.range_2_auth_asym_id 
_pdbx_struct_sheet_hbond.range_2_auth_seq_id 
A 1 2 O THR A 77  ? O THR A 77  N ALA A 69  ? N ALA A 69  
A 2 3 N TYR A 70  ? N TYR A 70  O VAL A 144 ? O VAL A 144 
A 3 4 O TRP A 143 ? O TRP A 143 N LEU A 138 ? N LEU A 138 
A 4 5 O GLY A 133 ? O GLY A 133 N LEU A 116 ? N LEU A 116 
# 
_struct_site.id                   AC1 
_struct_site.pdbx_evidence_code   Software 
_struct_site.pdbx_auth_asym_id    A 
_struct_site.pdbx_auth_comp_id    GOL 
_struct_site.pdbx_auth_seq_id     175 
_struct_site.pdbx_auth_ins_code   ? 
_struct_site.pdbx_num_residues    7 
_struct_site.details              'BINDING SITE FOR RESIDUE GOL A 175' 
# 
loop_
_struct_site_gen.id 
_struct_site_gen.site_id 
_struct_site_gen.pdbx_num_res 
_struct_site_gen.label_comp_id 
_struct_site_gen.label_asym_id 
_struct_site_gen.label_seq_id 
_struct_site_gen.pdbx_auth_ins_code 
_struct_site_gen.auth_comp_id 
_struct_site_gen.auth_asym_id 
_struct_site_gen.auth_seq_id 
_struct_site_gen.label_atom_id 
_struct_site_gen.label_alt_id 
_struct_site_gen.symmetry 
_struct_site_gen.details 
1 AC1 7 TYR A 66  ? TYR A 66  . ? 1_555 ? 
2 AC1 7 PHE A 68  ? PHE A 68  . ? 1_555 ? 
3 AC1 7 TYR A 70  ? TYR A 70  . ? 1_555 ? 
4 AC1 7 HIS A 79  ? HIS A 79  . ? 1_555 ? 
5 AC1 7 PHE A 118 ? PHE A 118 . ? 1_555 ? 
6 AC1 7 TRP A 120 ? TRP A 120 . ? 1_555 ? 
7 AC1 7 LYS A 131 ? LYS A 131 . ? 1_555 ? 
# 
_pdbx_entry_details.entry_id                   2QHK 
_pdbx_entry_details.compound_details           ? 
_pdbx_entry_details.source_details             ? 
_pdbx_entry_details.nonpolymer_details         ? 
_pdbx_entry_details.sequence_details           ? 
_pdbx_entry_details.has_ligand_of_interest     ? 
_pdbx_entry_details.has_protein_modification   Y 
# 
_pdbx_validate_close_contact.id               1 
_pdbx_validate_close_contact.PDB_model_num    1 
_pdbx_validate_close_contact.auth_atom_id_1   NE2 
_pdbx_validate_close_contact.auth_asym_id_1   A 
_pdbx_validate_close_contact.auth_comp_id_1   GLN 
_pdbx_validate_close_contact.auth_seq_id_1    139 
_pdbx_validate_close_contact.PDB_ins_code_1   ? 
_pdbx_validate_close_contact.label_alt_id_1   ? 
_pdbx_validate_close_contact.auth_atom_id_2   O 
_pdbx_validate_close_contact.auth_asym_id_2   A 
_pdbx_validate_close_contact.auth_comp_id_2   HOH 
_pdbx_validate_close_contact.auth_seq_id_2    364 
_pdbx_validate_close_contact.PDB_ins_code_2   ? 
_pdbx_validate_close_contact.label_alt_id_2   ? 
_pdbx_validate_close_contact.dist             2.15 
# 
_pdbx_SG_project.id                    1 
_pdbx_SG_project.project_name          'PSI, Protein Structure Initiative' 
_pdbx_SG_project.full_name_of_center   'Midwest Center for Structural Genomics' 
_pdbx_SG_project.initial_of_center     MCSG 
# 
loop_
_pdbx_struct_mod_residue.id 
_pdbx_struct_mod_residue.label_asym_id 
_pdbx_struct_mod_residue.label_comp_id 
_pdbx_struct_mod_residue.label_seq_id 
_pdbx_struct_mod_residue.auth_asym_id 
_pdbx_struct_mod_residue.auth_comp_id 
_pdbx_struct_mod_residue.auth_seq_id 
_pdbx_struct_mod_residue.PDB_ins_code 
_pdbx_struct_mod_residue.parent_comp_id 
_pdbx_struct_mod_residue.details 
1 A MSE 29 A MSE 29 ? MET SELENOMETHIONINE 
2 A MSE 30 A MSE 30 ? MET SELENOMETHIONINE 
3 A MSE 31 A MSE 31 ? MET SELENOMETHIONINE 
4 A MSE 59 A MSE 59 ? MET SELENOMETHIONINE 
# 
loop_
_pdbx_struct_special_symmetry.id 
_pdbx_struct_special_symmetry.PDB_model_num 
_pdbx_struct_special_symmetry.auth_asym_id 
_pdbx_struct_special_symmetry.auth_comp_id 
_pdbx_struct_special_symmetry.auth_seq_id 
_pdbx_struct_special_symmetry.PDB_ins_code 
_pdbx_struct_special_symmetry.label_asym_id 
_pdbx_struct_special_symmetry.label_comp_id 
_pdbx_struct_special_symmetry.label_seq_id 
1 1 A HOH 214 ? C HOH . 
2 1 A HOH 320 ? C HOH . 
3 1 A HOH 420 ? C HOH . 
# 
_pdbx_refine_tls.id               1 
_pdbx_refine_tls.details          ? 
_pdbx_refine_tls.method           refined 
_pdbx_refine_tls.origin_x         -0.0501 
_pdbx_refine_tls.origin_y         0.1286 
_pdbx_refine_tls.origin_z         -0.1466 
_pdbx_refine_tls.T[1][1]          -0.1178 
_pdbx_refine_tls.T[2][2]          -0.0970 
_pdbx_refine_tls.T[3][3]          -0.0956 
_pdbx_refine_tls.T[1][2]          -0.0041 
_pdbx_refine_tls.T[1][3]          -0.0026 
_pdbx_refine_tls.T[2][3]          0.0099 
_pdbx_refine_tls.L[1][1]          0.9418 
_pdbx_refine_tls.L[2][2]          0.9029 
_pdbx_refine_tls.L[3][3]          0.5622 
_pdbx_refine_tls.L[1][2]          0.0580 
_pdbx_refine_tls.L[1][3]          -0.1195 
_pdbx_refine_tls.L[2][3]          0.1383 
_pdbx_refine_tls.S[1][1]          -0.0143 
_pdbx_refine_tls.S[1][2]          0.0651 
_pdbx_refine_tls.S[1][3]          0.0131 
_pdbx_refine_tls.S[2][1]          -0.0219 
_pdbx_refine_tls.S[2][2]          0.0010 
_pdbx_refine_tls.S[2][3]          -0.0087 
_pdbx_refine_tls.S[3][1]          -0.0435 
_pdbx_refine_tls.S[3][2]          0.0192 
_pdbx_refine_tls.S[3][3]          0.0133 
_pdbx_refine_tls.pdbx_refine_id   'X-RAY DIFFRACTION' 
# 
loop_
_pdbx_refine_tls_group.id 
_pdbx_refine_tls_group.refine_tls_id 
_pdbx_refine_tls_group.beg_auth_asym_id 
_pdbx_refine_tls_group.beg_auth_seq_id 
_pdbx_refine_tls_group.beg_label_asym_id 
_pdbx_refine_tls_group.beg_label_seq_id 
_pdbx_refine_tls_group.end_auth_asym_id 
_pdbx_refine_tls_group.end_auth_seq_id 
_pdbx_refine_tls_group.end_label_asym_id 
_pdbx_refine_tls_group.end_label_seq_id 
_pdbx_refine_tls_group.selection 
_pdbx_refine_tls_group.pdbx_refine_id 
_pdbx_refine_tls_group.selection_details 
1 1 A 9   A 9   A 40  A 40  ? 'X-RAY DIFFRACTION' ? 
2 1 A 41  A 41  A 80  A 80  ? 'X-RAY DIFFRACTION' ? 
3 1 A 81  A 81  A 120 A 120 ? 'X-RAY DIFFRACTION' ? 
4 1 A 121 A 121 A 155 A 155 ? 'X-RAY DIFFRACTION' ? 
# 
loop_
_pdbx_unobs_or_zero_occ_residues.id 
_pdbx_unobs_or_zero_occ_residues.PDB_model_num 
_pdbx_unobs_or_zero_occ_residues.polymer_flag 
_pdbx_unobs_or_zero_occ_residues.occupancy_flag 
_pdbx_unobs_or_zero_occ_residues.auth_asym_id 
_pdbx_unobs_or_zero_occ_residues.auth_comp_id 
_pdbx_unobs_or_zero_occ_residues.auth_seq_id 
_pdbx_unobs_or_zero_occ_residues.PDB_ins_code 
_pdbx_unobs_or_zero_occ_residues.label_asym_id 
_pdbx_unobs_or_zero_occ_residues.label_comp_id 
_pdbx_unobs_or_zero_occ_residues.label_seq_id 
1  1 Y 1 A ASN 1   ? A ASN 1   
2  1 Y 1 A SER 2   ? A SER 2   
3  1 Y 1 A SER 3   ? A SER 3   
4  1 Y 1 A LYS 4   ? A LYS 4   
5  1 Y 1 A SER 5   ? A SER 5   
6  1 Y 1 A LEU 6   ? A LEU 6   
7  1 Y 1 A GLU 7   ? A GLU 7   
8  1 Y 1 A GLN 156 ? A GLN 156 
9  1 Y 1 A GLN 157 ? A GLN 157 
10 1 Y 1 A VAL 158 ? A VAL 158 
11 1 Y 1 A ALA 159 ? A ALA 159 
12 1 Y 1 A MSE 160 ? A MSE 160 
13 1 Y 1 A GLN 161 ? A GLN 161 
14 1 Y 1 A ARG 162 ? A ARG 162 
15 1 Y 1 A GLU 163 ? A GLU 163 
16 1 Y 1 A LEU 164 ? A LEU 164 
17 1 Y 1 A ARG 165 ? A ARG 165 
18 1 Y 1 A THR 166 ? A THR 166 
19 1 Y 1 A GLN 167 ? A GLN 167 
20 1 Y 1 A GLU 168 ? A GLU 168 
21 1 Y 1 A LEU 169 ? A LEU 169 
22 1 Y 1 A ASN 170 ? A ASN 170 
23 1 Y 1 A GLN 171 ? A GLN 171 
24 1 Y 1 A HIS 172 ? A HIS 172 
25 1 Y 1 A THR 173 ? A THR 173 
26 1 Y 1 A ILE 174 ? A ILE 174 
# 
loop_
_chem_comp_atom.comp_id 
_chem_comp_atom.atom_id 
_chem_comp_atom.type_symbol 
_chem_comp_atom.pdbx_aromatic_flag 
_chem_comp_atom.pdbx_stereo_config 
_chem_comp_atom.pdbx_ordinal 
ALA N    N  N N 1   
ALA CA   C  N S 2   
ALA C    C  N N 3   
ALA O    O  N N 4   
ALA CB   C  N N 5   
ALA OXT  O  N N 6   
ALA H    H  N N 7   
ALA H2   H  N N 8   
ALA HA   H  N N 9   
ALA HB1  H  N N 10  
ALA HB2  H  N N 11  
ALA HB3  H  N N 12  
ALA HXT  H  N N 13  
ARG N    N  N N 14  
ARG CA   C  N S 15  
ARG C    C  N N 16  
ARG O    O  N N 17  
ARG CB   C  N N 18  
ARG CG   C  N N 19  
ARG CD   C  N N 20  
ARG NE   N  N N 21  
ARG CZ   C  N N 22  
ARG NH1  N  N N 23  
ARG NH2  N  N N 24  
ARG OXT  O  N N 25  
ARG H    H  N N 26  
ARG H2   H  N N 27  
ARG HA   H  N N 28  
ARG HB2  H  N N 29  
ARG HB3  H  N N 30  
ARG HG2  H  N N 31  
ARG HG3  H  N N 32  
ARG HD2  H  N N 33  
ARG HD3  H  N N 34  
ARG HE   H  N N 35  
ARG HH11 H  N N 36  
ARG HH12 H  N N 37  
ARG HH21 H  N N 38  
ARG HH22 H  N N 39  
ARG HXT  H  N N 40  
ASN N    N  N N 41  
ASN CA   C  N S 42  
ASN C    C  N N 43  
ASN O    O  N N 44  
ASN CB   C  N N 45  
ASN CG   C  N N 46  
ASN OD1  O  N N 47  
ASN ND2  N  N N 48  
ASN OXT  O  N N 49  
ASN H    H  N N 50  
ASN H2   H  N N 51  
ASN HA   H  N N 52  
ASN HB2  H  N N 53  
ASN HB3  H  N N 54  
ASN HD21 H  N N 55  
ASN HD22 H  N N 56  
ASN HXT  H  N N 57  
ASP N    N  N N 58  
ASP CA   C  N S 59  
ASP C    C  N N 60  
ASP O    O  N N 61  
ASP CB   C  N N 62  
ASP CG   C  N N 63  
ASP OD1  O  N N 64  
ASP OD2  O  N N 65  
ASP OXT  O  N N 66  
ASP H    H  N N 67  
ASP H2   H  N N 68  
ASP HA   H  N N 69  
ASP HB2  H  N N 70  
ASP HB3  H  N N 71  
ASP HD2  H  N N 72  
ASP HXT  H  N N 73  
GLN N    N  N N 74  
GLN CA   C  N S 75  
GLN C    C  N N 76  
GLN O    O  N N 77  
GLN CB   C  N N 78  
GLN CG   C  N N 79  
GLN CD   C  N N 80  
GLN OE1  O  N N 81  
GLN NE2  N  N N 82  
GLN OXT  O  N N 83  
GLN H    H  N N 84  
GLN H2   H  N N 85  
GLN HA   H  N N 86  
GLN HB2  H  N N 87  
GLN HB3  H  N N 88  
GLN HG2  H  N N 89  
GLN HG3  H  N N 90  
GLN HE21 H  N N 91  
GLN HE22 H  N N 92  
GLN HXT  H  N N 93  
GLU N    N  N N 94  
GLU CA   C  N S 95  
GLU C    C  N N 96  
GLU O    O  N N 97  
GLU CB   C  N N 98  
GLU CG   C  N N 99  
GLU CD   C  N N 100 
GLU OE1  O  N N 101 
GLU OE2  O  N N 102 
GLU OXT  O  N N 103 
GLU H    H  N N 104 
GLU H2   H  N N 105 
GLU HA   H  N N 106 
GLU HB2  H  N N 107 
GLU HB3  H  N N 108 
GLU HG2  H  N N 109 
GLU HG3  H  N N 110 
GLU HE2  H  N N 111 
GLU HXT  H  N N 112 
GLY N    N  N N 113 
GLY CA   C  N N 114 
GLY C    C  N N 115 
GLY O    O  N N 116 
GLY OXT  O  N N 117 
GLY H    H  N N 118 
GLY H2   H  N N 119 
GLY HA2  H  N N 120 
GLY HA3  H  N N 121 
GLY HXT  H  N N 122 
GOL C1   C  N N 123 
GOL O1   O  N N 124 
GOL C2   C  N N 125 
GOL O2   O  N N 126 
GOL C3   C  N N 127 
GOL O3   O  N N 128 
GOL H11  H  N N 129 
GOL H12  H  N N 130 
GOL HO1  H  N N 131 
GOL H2   H  N N 132 
GOL HO2  H  N N 133 
GOL H31  H  N N 134 
GOL H32  H  N N 135 
GOL HO3  H  N N 136 
HIS N    N  N N 137 
HIS CA   C  N S 138 
HIS C    C  N N 139 
HIS O    O  N N 140 
HIS CB   C  N N 141 
HIS CG   C  Y N 142 
HIS ND1  N  Y N 143 
HIS CD2  C  Y N 144 
HIS CE1  C  Y N 145 
HIS NE2  N  Y N 146 
HIS OXT  O  N N 147 
HIS H    H  N N 148 
HIS H2   H  N N 149 
HIS HA   H  N N 150 
HIS HB2  H  N N 151 
HIS HB3  H  N N 152 
HIS HD1  H  N N 153 
HIS HD2  H  N N 154 
HIS HE1  H  N N 155 
HIS HE2  H  N N 156 
HIS HXT  H  N N 157 
HOH O    O  N N 158 
HOH H1   H  N N 159 
HOH H2   H  N N 160 
ILE N    N  N N 161 
ILE CA   C  N S 162 
ILE C    C  N N 163 
ILE O    O  N N 164 
ILE CB   C  N S 165 
ILE CG1  C  N N 166 
ILE CG2  C  N N 167 
ILE CD1  C  N N 168 
ILE OXT  O  N N 169 
ILE H    H  N N 170 
ILE H2   H  N N 171 
ILE HA   H  N N 172 
ILE HB   H  N N 173 
ILE HG12 H  N N 174 
ILE HG13 H  N N 175 
ILE HG21 H  N N 176 
ILE HG22 H  N N 177 
ILE HG23 H  N N 178 
ILE HD11 H  N N 179 
ILE HD12 H  N N 180 
ILE HD13 H  N N 181 
ILE HXT  H  N N 182 
LEU N    N  N N 183 
LEU CA   C  N S 184 
LEU C    C  N N 185 
LEU O    O  N N 186 
LEU CB   C  N N 187 
LEU CG   C  N N 188 
LEU CD1  C  N N 189 
LEU CD2  C  N N 190 
LEU OXT  O  N N 191 
LEU H    H  N N 192 
LEU H2   H  N N 193 
LEU HA   H  N N 194 
LEU HB2  H  N N 195 
LEU HB3  H  N N 196 
LEU HG   H  N N 197 
LEU HD11 H  N N 198 
LEU HD12 H  N N 199 
LEU HD13 H  N N 200 
LEU HD21 H  N N 201 
LEU HD22 H  N N 202 
LEU HD23 H  N N 203 
LEU HXT  H  N N 204 
LYS N    N  N N 205 
LYS CA   C  N S 206 
LYS C    C  N N 207 
LYS O    O  N N 208 
LYS CB   C  N N 209 
LYS CG   C  N N 210 
LYS CD   C  N N 211 
LYS CE   C  N N 212 
LYS NZ   N  N N 213 
LYS OXT  O  N N 214 
LYS H    H  N N 215 
LYS H2   H  N N 216 
LYS HA   H  N N 217 
LYS HB2  H  N N 218 
LYS HB3  H  N N 219 
LYS HG2  H  N N 220 
LYS HG3  H  N N 221 
LYS HD2  H  N N 222 
LYS HD3  H  N N 223 
LYS HE2  H  N N 224 
LYS HE3  H  N N 225 
LYS HZ1  H  N N 226 
LYS HZ2  H  N N 227 
LYS HZ3  H  N N 228 
LYS HXT  H  N N 229 
MET N    N  N N 230 
MET CA   C  N S 231 
MET C    C  N N 232 
MET O    O  N N 233 
MET CB   C  N N 234 
MET CG   C  N N 235 
MET SD   S  N N 236 
MET CE   C  N N 237 
MET OXT  O  N N 238 
MET H    H  N N 239 
MET H2   H  N N 240 
MET HA   H  N N 241 
MET HB2  H  N N 242 
MET HB3  H  N N 243 
MET HG2  H  N N 244 
MET HG3  H  N N 245 
MET HE1  H  N N 246 
MET HE2  H  N N 247 
MET HE3  H  N N 248 
MET HXT  H  N N 249 
MSE N    N  N N 250 
MSE CA   C  N S 251 
MSE C    C  N N 252 
MSE O    O  N N 253 
MSE OXT  O  N N 254 
MSE CB   C  N N 255 
MSE CG   C  N N 256 
MSE SE   SE N N 257 
MSE CE   C  N N 258 
MSE H    H  N N 259 
MSE H2   H  N N 260 
MSE HA   H  N N 261 
MSE HXT  H  N N 262 
MSE HB2  H  N N 263 
MSE HB3  H  N N 264 
MSE HG2  H  N N 265 
MSE HG3  H  N N 266 
MSE HE1  H  N N 267 
MSE HE2  H  N N 268 
MSE HE3  H  N N 269 
PHE N    N  N N 270 
PHE CA   C  N S 271 
PHE C    C  N N 272 
PHE O    O  N N 273 
PHE CB   C  N N 274 
PHE CG   C  Y N 275 
PHE CD1  C  Y N 276 
PHE CD2  C  Y N 277 
PHE CE1  C  Y N 278 
PHE CE2  C  Y N 279 
PHE CZ   C  Y N 280 
PHE OXT  O  N N 281 
PHE H    H  N N 282 
PHE H2   H  N N 283 
PHE HA   H  N N 284 
PHE HB2  H  N N 285 
PHE HB3  H  N N 286 
PHE HD1  H  N N 287 
PHE HD2  H  N N 288 
PHE HE1  H  N N 289 
PHE HE2  H  N N 290 
PHE HZ   H  N N 291 
PHE HXT  H  N N 292 
PRO N    N  N N 293 
PRO CA   C  N S 294 
PRO C    C  N N 295 
PRO O    O  N N 296 
PRO CB   C  N N 297 
PRO CG   C  N N 298 
PRO CD   C  N N 299 
PRO OXT  O  N N 300 
PRO H    H  N N 301 
PRO HA   H  N N 302 
PRO HB2  H  N N 303 
PRO HB3  H  N N 304 
PRO HG2  H  N N 305 
PRO HG3  H  N N 306 
PRO HD2  H  N N 307 
PRO HD3  H  N N 308 
PRO HXT  H  N N 309 
SER N    N  N N 310 
SER CA   C  N S 311 
SER C    C  N N 312 
SER O    O  N N 313 
SER CB   C  N N 314 
SER OG   O  N N 315 
SER OXT  O  N N 316 
SER H    H  N N 317 
SER H2   H  N N 318 
SER HA   H  N N 319 
SER HB2  H  N N 320 
SER HB3  H  N N 321 
SER HG   H  N N 322 
SER HXT  H  N N 323 
THR N    N  N N 324 
THR CA   C  N S 325 
THR C    C  N N 326 
THR O    O  N N 327 
THR CB   C  N R 328 
THR OG1  O  N N 329 
THR CG2  C  N N 330 
THR OXT  O  N N 331 
THR H    H  N N 332 
THR H2   H  N N 333 
THR HA   H  N N 334 
THR HB   H  N N 335 
THR HG1  H  N N 336 
THR HG21 H  N N 337 
THR HG22 H  N N 338 
THR HG23 H  N N 339 
THR HXT  H  N N 340 
TRP N    N  N N 341 
TRP CA   C  N S 342 
TRP C    C  N N 343 
TRP O    O  N N 344 
TRP CB   C  N N 345 
TRP CG   C  Y N 346 
TRP CD1  C  Y N 347 
TRP CD2  C  Y N 348 
TRP NE1  N  Y N 349 
TRP CE2  C  Y N 350 
TRP CE3  C  Y N 351 
TRP CZ2  C  Y N 352 
TRP CZ3  C  Y N 353 
TRP CH2  C  Y N 354 
TRP OXT  O  N N 355 
TRP H    H  N N 356 
TRP H2   H  N N 357 
TRP HA   H  N N 358 
TRP HB2  H  N N 359 
TRP HB3  H  N N 360 
TRP HD1  H  N N 361 
TRP HE1  H  N N 362 
TRP HE3  H  N N 363 
TRP HZ2  H  N N 364 
TRP HZ3  H  N N 365 
TRP HH2  H  N N 366 
TRP HXT  H  N N 367 
TYR N    N  N N 368 
TYR CA   C  N S 369 
TYR C    C  N N 370 
TYR O    O  N N 371 
TYR CB   C  N N 372 
TYR CG   C  Y N 373 
TYR CD1  C  Y N 374 
TYR CD2  C  Y N 375 
TYR CE1  C  Y N 376 
TYR CE2  C  Y N 377 
TYR CZ   C  Y N 378 
TYR OH   O  N N 379 
TYR OXT  O  N N 380 
TYR H    H  N N 381 
TYR H2   H  N N 382 
TYR HA   H  N N 383 
TYR HB2  H  N N 384 
TYR HB3  H  N N 385 
TYR HD1  H  N N 386 
TYR HD2  H  N N 387 
TYR HE1  H  N N 388 
TYR HE2  H  N N 389 
TYR HH   H  N N 390 
TYR HXT  H  N N 391 
VAL N    N  N N 392 
VAL CA   C  N S 393 
VAL C    C  N N 394 
VAL O    O  N N 395 
VAL CB   C  N N 396 
VAL CG1  C  N N 397 
VAL CG2  C  N N 398 
VAL OXT  O  N N 399 
VAL H    H  N N 400 
VAL H2   H  N N 401 
VAL HA   H  N N 402 
VAL HB   H  N N 403 
VAL HG11 H  N N 404 
VAL HG12 H  N N 405 
VAL HG13 H  N N 406 
VAL HG21 H  N N 407 
VAL HG22 H  N N 408 
VAL HG23 H  N N 409 
VAL HXT  H  N N 410 
# 
loop_
_chem_comp_bond.comp_id 
_chem_comp_bond.atom_id_1 
_chem_comp_bond.atom_id_2 
_chem_comp_bond.value_order 
_chem_comp_bond.pdbx_aromatic_flag 
_chem_comp_bond.pdbx_stereo_config 
_chem_comp_bond.pdbx_ordinal 
ALA N   CA   sing N N 1   
ALA N   H    sing N N 2   
ALA N   H2   sing N N 3   
ALA CA  C    sing N N 4   
ALA CA  CB   sing N N 5   
ALA CA  HA   sing N N 6   
ALA C   O    doub N N 7   
ALA C   OXT  sing N N 8   
ALA CB  HB1  sing N N 9   
ALA CB  HB2  sing N N 10  
ALA CB  HB3  sing N N 11  
ALA OXT HXT  sing N N 12  
ARG N   CA   sing N N 13  
ARG N   H    sing N N 14  
ARG N   H2   sing N N 15  
ARG CA  C    sing N N 16  
ARG CA  CB   sing N N 17  
ARG CA  HA   sing N N 18  
ARG C   O    doub N N 19  
ARG C   OXT  sing N N 20  
ARG CB  CG   sing N N 21  
ARG CB  HB2  sing N N 22  
ARG CB  HB3  sing N N 23  
ARG CG  CD   sing N N 24  
ARG CG  HG2  sing N N 25  
ARG CG  HG3  sing N N 26  
ARG CD  NE   sing N N 27  
ARG CD  HD2  sing N N 28  
ARG CD  HD3  sing N N 29  
ARG NE  CZ   sing N N 30  
ARG NE  HE   sing N N 31  
ARG CZ  NH1  sing N N 32  
ARG CZ  NH2  doub N N 33  
ARG NH1 HH11 sing N N 34  
ARG NH1 HH12 sing N N 35  
ARG NH2 HH21 sing N N 36  
ARG NH2 HH22 sing N N 37  
ARG OXT HXT  sing N N 38  
ASN N   CA   sing N N 39  
ASN N   H    sing N N 40  
ASN N   H2   sing N N 41  
ASN CA  C    sing N N 42  
ASN CA  CB   sing N N 43  
ASN CA  HA   sing N N 44  
ASN C   O    doub N N 45  
ASN C   OXT  sing N N 46  
ASN CB  CG   sing N N 47  
ASN CB  HB2  sing N N 48  
ASN CB  HB3  sing N N 49  
ASN CG  OD1  doub N N 50  
ASN CG  ND2  sing N N 51  
ASN ND2 HD21 sing N N 52  
ASN ND2 HD22 sing N N 53  
ASN OXT HXT  sing N N 54  
ASP N   CA   sing N N 55  
ASP N   H    sing N N 56  
ASP N   H2   sing N N 57  
ASP CA  C    sing N N 58  
ASP CA  CB   sing N N 59  
ASP CA  HA   sing N N 60  
ASP C   O    doub N N 61  
ASP C   OXT  sing N N 62  
ASP CB  CG   sing N N 63  
ASP CB  HB2  sing N N 64  
ASP CB  HB3  sing N N 65  
ASP CG  OD1  doub N N 66  
ASP CG  OD2  sing N N 67  
ASP OD2 HD2  sing N N 68  
ASP OXT HXT  sing N N 69  
GLN N   CA   sing N N 70  
GLN N   H    sing N N 71  
GLN N   H2   sing N N 72  
GLN CA  C    sing N N 73  
GLN CA  CB   sing N N 74  
GLN CA  HA   sing N N 75  
GLN C   O    doub N N 76  
GLN C   OXT  sing N N 77  
GLN CB  CG   sing N N 78  
GLN CB  HB2  sing N N 79  
GLN CB  HB3  sing N N 80  
GLN CG  CD   sing N N 81  
GLN CG  HG2  sing N N 82  
GLN CG  HG3  sing N N 83  
GLN CD  OE1  doub N N 84  
GLN CD  NE2  sing N N 85  
GLN NE2 HE21 sing N N 86  
GLN NE2 HE22 sing N N 87  
GLN OXT HXT  sing N N 88  
GLU N   CA   sing N N 89  
GLU N   H    sing N N 90  
GLU N   H2   sing N N 91  
GLU CA  C    sing N N 92  
GLU CA  CB   sing N N 93  
GLU CA  HA   sing N N 94  
GLU C   O    doub N N 95  
GLU C   OXT  sing N N 96  
GLU CB  CG   sing N N 97  
GLU CB  HB2  sing N N 98  
GLU CB  HB3  sing N N 99  
GLU CG  CD   sing N N 100 
GLU CG  HG2  sing N N 101 
GLU CG  HG3  sing N N 102 
GLU CD  OE1  doub N N 103 
GLU CD  OE2  sing N N 104 
GLU OE2 HE2  sing N N 105 
GLU OXT HXT  sing N N 106 
GLY N   CA   sing N N 107 
GLY N   H    sing N N 108 
GLY N   H2   sing N N 109 
GLY CA  C    sing N N 110 
GLY CA  HA2  sing N N 111 
GLY CA  HA3  sing N N 112 
GLY C   O    doub N N 113 
GLY C   OXT  sing N N 114 
GLY OXT HXT  sing N N 115 
GOL C1  O1   sing N N 116 
GOL C1  C2   sing N N 117 
GOL C1  H11  sing N N 118 
GOL C1  H12  sing N N 119 
GOL O1  HO1  sing N N 120 
GOL C2  O2   sing N N 121 
GOL C2  C3   sing N N 122 
GOL C2  H2   sing N N 123 
GOL O2  HO2  sing N N 124 
GOL C3  O3   sing N N 125 
GOL C3  H31  sing N N 126 
GOL C3  H32  sing N N 127 
GOL O3  HO3  sing N N 128 
HIS N   CA   sing N N 129 
HIS N   H    sing N N 130 
HIS N   H2   sing N N 131 
HIS CA  C    sing N N 132 
HIS CA  CB   sing N N 133 
HIS CA  HA   sing N N 134 
HIS C   O    doub N N 135 
HIS C   OXT  sing N N 136 
HIS CB  CG   sing N N 137 
HIS CB  HB2  sing N N 138 
HIS CB  HB3  sing N N 139 
HIS CG  ND1  sing Y N 140 
HIS CG  CD2  doub Y N 141 
HIS ND1 CE1  doub Y N 142 
HIS ND1 HD1  sing N N 143 
HIS CD2 NE2  sing Y N 144 
HIS CD2 HD2  sing N N 145 
HIS CE1 NE2  sing Y N 146 
HIS CE1 HE1  sing N N 147 
HIS NE2 HE2  sing N N 148 
HIS OXT HXT  sing N N 149 
HOH O   H1   sing N N 150 
HOH O   H2   sing N N 151 
ILE N   CA   sing N N 152 
ILE N   H    sing N N 153 
ILE N   H2   sing N N 154 
ILE CA  C    sing N N 155 
ILE CA  CB   sing N N 156 
ILE CA  HA   sing N N 157 
ILE C   O    doub N N 158 
ILE C   OXT  sing N N 159 
ILE CB  CG1  sing N N 160 
ILE CB  CG2  sing N N 161 
ILE CB  HB   sing N N 162 
ILE CG1 CD1  sing N N 163 
ILE CG1 HG12 sing N N 164 
ILE CG1 HG13 sing N N 165 
ILE CG2 HG21 sing N N 166 
ILE CG2 HG22 sing N N 167 
ILE CG2 HG23 sing N N 168 
ILE CD1 HD11 sing N N 169 
ILE CD1 HD12 sing N N 170 
ILE CD1 HD13 sing N N 171 
ILE OXT HXT  sing N N 172 
LEU N   CA   sing N N 173 
LEU N   H    sing N N 174 
LEU N   H2   sing N N 175 
LEU CA  C    sing N N 176 
LEU CA  CB   sing N N 177 
LEU CA  HA   sing N N 178 
LEU C   O    doub N N 179 
LEU C   OXT  sing N N 180 
LEU CB  CG   sing N N 181 
LEU CB  HB2  sing N N 182 
LEU CB  HB3  sing N N 183 
LEU CG  CD1  sing N N 184 
LEU CG  CD2  sing N N 185 
LEU CG  HG   sing N N 186 
LEU CD1 HD11 sing N N 187 
LEU CD1 HD12 sing N N 188 
LEU CD1 HD13 sing N N 189 
LEU CD2 HD21 sing N N 190 
LEU CD2 HD22 sing N N 191 
LEU CD2 HD23 sing N N 192 
LEU OXT HXT  sing N N 193 
LYS N   CA   sing N N 194 
LYS N   H    sing N N 195 
LYS N   H2   sing N N 196 
LYS CA  C    sing N N 197 
LYS CA  CB   sing N N 198 
LYS CA  HA   sing N N 199 
LYS C   O    doub N N 200 
LYS C   OXT  sing N N 201 
LYS CB  CG   sing N N 202 
LYS CB  HB2  sing N N 203 
LYS CB  HB3  sing N N 204 
LYS CG  CD   sing N N 205 
LYS CG  HG2  sing N N 206 
LYS CG  HG3  sing N N 207 
LYS CD  CE   sing N N 208 
LYS CD  HD2  sing N N 209 
LYS CD  HD3  sing N N 210 
LYS CE  NZ   sing N N 211 
LYS CE  HE2  sing N N 212 
LYS CE  HE3  sing N N 213 
LYS NZ  HZ1  sing N N 214 
LYS NZ  HZ2  sing N N 215 
LYS NZ  HZ3  sing N N 216 
LYS OXT HXT  sing N N 217 
MET N   CA   sing N N 218 
MET N   H    sing N N 219 
MET N   H2   sing N N 220 
MET CA  C    sing N N 221 
MET CA  CB   sing N N 222 
MET CA  HA   sing N N 223 
MET C   O    doub N N 224 
MET C   OXT  sing N N 225 
MET CB  CG   sing N N 226 
MET CB  HB2  sing N N 227 
MET CB  HB3  sing N N 228 
MET CG  SD   sing N N 229 
MET CG  HG2  sing N N 230 
MET CG  HG3  sing N N 231 
MET SD  CE   sing N N 232 
MET CE  HE1  sing N N 233 
MET CE  HE2  sing N N 234 
MET CE  HE3  sing N N 235 
MET OXT HXT  sing N N 236 
MSE N   CA   sing N N 237 
MSE N   H    sing N N 238 
MSE N   H2   sing N N 239 
MSE CA  C    sing N N 240 
MSE CA  CB   sing N N 241 
MSE CA  HA   sing N N 242 
MSE C   O    doub N N 243 
MSE C   OXT  sing N N 244 
MSE OXT HXT  sing N N 245 
MSE CB  CG   sing N N 246 
MSE CB  HB2  sing N N 247 
MSE CB  HB3  sing N N 248 
MSE CG  SE   sing N N 249 
MSE CG  HG2  sing N N 250 
MSE CG  HG3  sing N N 251 
MSE SE  CE   sing N N 252 
MSE CE  HE1  sing N N 253 
MSE CE  HE2  sing N N 254 
MSE CE  HE3  sing N N 255 
PHE N   CA   sing N N 256 
PHE N   H    sing N N 257 
PHE N   H2   sing N N 258 
PHE CA  C    sing N N 259 
PHE CA  CB   sing N N 260 
PHE CA  HA   sing N N 261 
PHE C   O    doub N N 262 
PHE C   OXT  sing N N 263 
PHE CB  CG   sing N N 264 
PHE CB  HB2  sing N N 265 
PHE CB  HB3  sing N N 266 
PHE CG  CD1  doub Y N 267 
PHE CG  CD2  sing Y N 268 
PHE CD1 CE1  sing Y N 269 
PHE CD1 HD1  sing N N 270 
PHE CD2 CE2  doub Y N 271 
PHE CD2 HD2  sing N N 272 
PHE CE1 CZ   doub Y N 273 
PHE CE1 HE1  sing N N 274 
PHE CE2 CZ   sing Y N 275 
PHE CE2 HE2  sing N N 276 
PHE CZ  HZ   sing N N 277 
PHE OXT HXT  sing N N 278 
PRO N   CA   sing N N 279 
PRO N   CD   sing N N 280 
PRO N   H    sing N N 281 
PRO CA  C    sing N N 282 
PRO CA  CB   sing N N 283 
PRO CA  HA   sing N N 284 
PRO C   O    doub N N 285 
PRO C   OXT  sing N N 286 
PRO CB  CG   sing N N 287 
PRO CB  HB2  sing N N 288 
PRO CB  HB3  sing N N 289 
PRO CG  CD   sing N N 290 
PRO CG  HG2  sing N N 291 
PRO CG  HG3  sing N N 292 
PRO CD  HD2  sing N N 293 
PRO CD  HD3  sing N N 294 
PRO OXT HXT  sing N N 295 
SER N   CA   sing N N 296 
SER N   H    sing N N 297 
SER N   H2   sing N N 298 
SER CA  C    sing N N 299 
SER CA  CB   sing N N 300 
SER CA  HA   sing N N 301 
SER C   O    doub N N 302 
SER C   OXT  sing N N 303 
SER CB  OG   sing N N 304 
SER CB  HB2  sing N N 305 
SER CB  HB3  sing N N 306 
SER OG  HG   sing N N 307 
SER OXT HXT  sing N N 308 
THR N   CA   sing N N 309 
THR N   H    sing N N 310 
THR N   H2   sing N N 311 
THR CA  C    sing N N 312 
THR CA  CB   sing N N 313 
THR CA  HA   sing N N 314 
THR C   O    doub N N 315 
THR C   OXT  sing N N 316 
THR CB  OG1  sing N N 317 
THR CB  CG2  sing N N 318 
THR CB  HB   sing N N 319 
THR OG1 HG1  sing N N 320 
THR CG2 HG21 sing N N 321 
THR CG2 HG22 sing N N 322 
THR CG2 HG23 sing N N 323 
THR OXT HXT  sing N N 324 
TRP N   CA   sing N N 325 
TRP N   H    sing N N 326 
TRP N   H2   sing N N 327 
TRP CA  C    sing N N 328 
TRP CA  CB   sing N N 329 
TRP CA  HA   sing N N 330 
TRP C   O    doub N N 331 
TRP C   OXT  sing N N 332 
TRP CB  CG   sing N N 333 
TRP CB  HB2  sing N N 334 
TRP CB  HB3  sing N N 335 
TRP CG  CD1  doub Y N 336 
TRP CG  CD2  sing Y N 337 
TRP CD1 NE1  sing Y N 338 
TRP CD1 HD1  sing N N 339 
TRP CD2 CE2  doub Y N 340 
TRP CD2 CE3  sing Y N 341 
TRP NE1 CE2  sing Y N 342 
TRP NE1 HE1  sing N N 343 
TRP CE2 CZ2  sing Y N 344 
TRP CE3 CZ3  doub Y N 345 
TRP CE3 HE3  sing N N 346 
TRP CZ2 CH2  doub Y N 347 
TRP CZ2 HZ2  sing N N 348 
TRP CZ3 CH2  sing Y N 349 
TRP CZ3 HZ3  sing N N 350 
TRP CH2 HH2  sing N N 351 
TRP OXT HXT  sing N N 352 
TYR N   CA   sing N N 353 
TYR N   H    sing N N 354 
TYR N   H2   sing N N 355 
TYR CA  C    sing N N 356 
TYR CA  CB   sing N N 357 
TYR CA  HA   sing N N 358 
TYR C   O    doub N N 359 
TYR C   OXT  sing N N 360 
TYR CB  CG   sing N N 361 
TYR CB  HB2  sing N N 362 
TYR CB  HB3  sing N N 363 
TYR CG  CD1  doub Y N 364 
TYR CG  CD2  sing Y N 365 
TYR CD1 CE1  sing Y N 366 
TYR CD1 HD1  sing N N 367 
TYR CD2 CE2  doub Y N 368 
TYR CD2 HD2  sing N N 369 
TYR CE1 CZ   doub Y N 370 
TYR CE1 HE1  sing N N 371 
TYR CE2 CZ   sing Y N 372 
TYR CE2 HE2  sing N N 373 
TYR CZ  OH   sing N N 374 
TYR OH  HH   sing N N 375 
TYR OXT HXT  sing N N 376 
VAL N   CA   sing N N 377 
VAL N   H    sing N N 378 
VAL N   H2   sing N N 379 
VAL CA  C    sing N N 380 
VAL CA  CB   sing N N 381 
VAL CA  HA   sing N N 382 
VAL C   O    doub N N 383 
VAL C   OXT  sing N N 384 
VAL CB  CG1  sing N N 385 
VAL CB  CG2  sing N N 386 
VAL CB  HB   sing N N 387 
VAL CG1 HG11 sing N N 388 
VAL CG1 HG12 sing N N 389 
VAL CG1 HG13 sing N N 390 
VAL CG2 HG21 sing N N 391 
VAL CG2 HG22 sing N N 392 
VAL CG2 HG23 sing N N 393 
VAL OXT HXT  sing N N 394 
# 
_atom_sites.entry_id                    2QHK 
_atom_sites.fract_transf_matrix[1][1]   0.00250907 
_atom_sites.fract_transf_matrix[1][2]   -0.00485455 
_atom_sites.fract_transf_matrix[1][3]   -0.00703367 
_atom_sites.fract_transf_matrix[2][1]   0.00259412 
_atom_sites.fract_transf_matrix[2][2]   -0.00655207 
_atom_sites.fract_transf_matrix[2][3]   0.00544753 
_atom_sites.fract_transf_matrix[3][1]   -0.01457380 
_atom_sites.fract_transf_matrix[3][2]   -0.00641269 
_atom_sites.fract_transf_matrix[3][3]   -0.00077285 
_atom_sites.fract_transf_vector[1]      0.341400 
_atom_sites.fract_transf_vector[2]      0.325843 
_atom_sites.fract_transf_vector[3]      0.240021 
# 
loop_
_atom_type.symbol 
C  
N  
O  
SE 
# 
loop_
_atom_site.group_PDB 
_atom_site.id 
_atom_site.type_symbol 
_atom_site.label_atom_id 
_atom_site.label_alt_id 
_atom_site.label_comp_id 
_atom_site.label_asym_id 
_atom_site.label_entity_id 
_atom_site.label_seq_id 
_atom_site.pdbx_PDB_ins_code 
_atom_site.Cartn_x 
_atom_site.Cartn_y 
_atom_site.Cartn_z 
_atom_site.occupancy 
_atom_site.B_iso_or_equiv 
_atom_site.pdbx_formal_charge 
_atom_site.auth_seq_id 
_atom_site.auth_comp_id 
_atom_site.auth_asym_id 
_atom_site.auth_atom_id 
_atom_site.pdbx_PDB_model_num 
ATOM   1    N  N   . ALA A 1 8   ? -0.203  3.820   -31.175 1.00 78.19  ? 8   ALA A N   1 
ATOM   2    C  CA  . ALA A 1 8   ? 0.639   4.797   -30.417 1.00 78.04  ? 8   ALA A CA  1 
ATOM   3    C  C   . ALA A 1 8   ? -0.204  5.778   -29.599 1.00 77.95  ? 8   ALA A C   1 
ATOM   4    O  O   . ALA A 1 8   ? 0.180   6.139   -28.481 1.00 78.09  ? 8   ALA A O   1 
ATOM   5    C  CB  . ALA A 1 8   ? 1.577   5.552   -31.361 1.00 78.10  ? 8   ALA A CB  1 
ATOM   6    N  N   . GLU A 1 9   ? -1.339  6.204   -30.159 1.00 77.52  ? 9   GLU A N   1 
ATOM   7    C  CA  . GLU A 1 9   ? -2.232  7.167   -29.501 1.00 77.05  ? 9   GLU A CA  1 
ATOM   8    C  C   . GLU A 1 9   ? -2.944  6.564   -28.288 1.00 76.39  ? 9   GLU A C   1 
ATOM   9    O  O   . GLU A 1 9   ? -3.009  7.189   -27.228 1.00 76.36  ? 9   GLU A O   1 
ATOM   10   C  CB  . GLU A 1 9   ? -3.271  7.721   -30.485 1.00 77.15  ? 9   GLU A CB  1 
ATOM   11   C  CG  . GLU A 1 9   ? -4.044  8.931   -29.945 1.00 78.15  ? 9   GLU A CG  1 
ATOM   12   C  CD  . GLU A 1 9   ? -5.451  9.061   -30.525 1.00 79.69  ? 9   GLU A CD  1 
ATOM   13   O  OE1 . GLU A 1 9   ? -6.235  8.090   -30.427 1.00 80.19  ? 9   GLU A OE1 1 
ATOM   14   O  OE2 . GLU A 1 9   ? -5.778  10.144  -31.063 1.00 79.81  ? 9   GLU A OE2 1 
ATOM   15   N  N   . LEU A 1 10  ? -3.478  5.355   -28.459 1.00 75.55  ? 10  LEU A N   1 
ATOM   16   C  CA  . LEU A 1 10  ? -4.190  4.645   -27.396 1.00 74.60  ? 10  LEU A CA  1 
ATOM   17   C  C   . LEU A 1 10  ? -3.219  4.214   -26.288 1.00 73.75  ? 10  LEU A C   1 
ATOM   18   O  O   . LEU A 1 10  ? -3.595  4.124   -25.111 1.00 73.67  ? 10  LEU A O   1 
ATOM   19   C  CB  . LEU A 1 10  ? -4.930  3.438   -27.981 1.00 74.79  ? 10  LEU A CB  1 
ATOM   20   C  CG  . LEU A 1 10  ? -6.355  3.146   -27.491 1.00 75.07  ? 10  LEU A CG  1 
ATOM   21   C  CD1 . LEU A 1 10  ? -7.157  2.429   -28.574 1.00 74.99  ? 10  LEU A CD1 1 
ATOM   22   C  CD2 . LEU A 1 10  ? -6.364  2.356   -26.177 1.00 75.27  ? 10  LEU A CD2 1 
ATOM   23   N  N   . VAL A 1 11  ? -1.972  3.953   -26.686 1.00 72.47  ? 11  VAL A N   1 
ATOM   24   C  CA  . VAL A 1 11  ? -0.862  3.679   -25.769 1.00 71.19  ? 11  VAL A CA  1 
ATOM   25   C  C   . VAL A 1 11  ? -0.509  4.938   -24.964 1.00 70.19  ? 11  VAL A C   1 
ATOM   26   O  O   . VAL A 1 11  ? -0.262  4.867   -23.754 1.00 69.77  ? 11  VAL A O   1 
ATOM   27   C  CB  . VAL A 1 11  ? 0.392   3.188   -26.547 1.00 71.26  ? 11  VAL A CB  1 
ATOM   28   C  CG1 . VAL A 1 11  ? 1.516   2.790   -25.597 1.00 71.32  ? 11  VAL A CG1 1 
ATOM   29   C  CG2 . VAL A 1 11  ? 0.034   2.024   -27.463 1.00 71.37  ? 11  VAL A CG2 1 
ATOM   30   N  N   . ARG A 1 12  ? -0.491  6.081   -25.653 1.00 68.85  ? 12  ARG A N   1 
ATOM   31   C  CA  . ARG A 1 12  ? -0.184  7.379   -25.047 1.00 67.57  ? 12  ARG A CA  1 
ATOM   32   C  C   . ARG A 1 12  ? -1.232  7.785   -24.006 1.00 65.97  ? 12  ARG A C   1 
ATOM   33   O  O   . ARG A 1 12  ? -0.889  8.246   -22.912 1.00 65.59  ? 12  ARG A O   1 
ATOM   34   C  CB  . ARG A 1 12  ? -0.066  8.453   -26.137 1.00 67.96  ? 12  ARG A CB  1 
ATOM   35   C  CG  . ARG A 1 12  ? 0.210   9.869   -25.633 1.00 69.54  ? 12  ARG A CG  1 
ATOM   36   C  CD  . ARG A 1 12  ? 1.645   10.038  -25.155 1.00 72.48  ? 12  ARG A CD  1 
ATOM   37   N  NE  . ARG A 1 12  ? 2.121   11.402  -25.389 1.00 74.51  ? 12  ARG A NE  1 
ATOM   38   C  CZ  . ARG A 1 12  ? 2.049   12.394  -24.505 1.00 75.43  ? 12  ARG A CZ  1 
ATOM   39   N  NH1 . ARG A 1 12  ? 2.508   13.599  -24.831 1.00 75.71  ? 12  ARG A NH1 1 
ATOM   40   N  NH2 . ARG A 1 12  ? 1.524   12.192  -23.298 1.00 75.37  ? 12  ARG A NH2 1 
ATOM   41   N  N   . ASP A 1 13  ? -2.502  7.609   -24.362 1.00 64.05  ? 13  ASP A N   1 
ATOM   42   C  CA  . ASP A 1 13  ? -3.615  7.914   -23.475 1.00 62.33  ? 13  ASP A CA  1 
ATOM   43   C  C   . ASP A 1 13  ? -3.570  7.058   -22.206 1.00 61.00  ? 13  ASP A C   1 
ATOM   44   O  O   . ASP A 1 13  ? -3.860  7.544   -21.116 1.00 60.61  ? 13  ASP A O   1 
ATOM   45   C  CB  . ASP A 1 13  ? -4.949  7.737   -24.209 1.00 62.37  ? 13  ASP A CB  1 
ATOM   46   C  CG  . ASP A 1 13  ? -5.176  8.793   -25.296 1.00 62.72  ? 13  ASP A CG  1 
ATOM   47   O  OD1 . ASP A 1 13  ? -4.208  9.473   -25.714 1.00 62.51  ? 13  ASP A OD1 1 
ATOM   48   O  OD2 . ASP A 1 13  ? -6.337  8.941   -25.736 1.00 62.64  ? 13  ASP A OD2 1 
ATOM   49   N  N   . ARG A 1 14  ? -3.191  5.791   -22.362 1.00 59.41  ? 14  ARG A N   1 
ATOM   50   C  CA  . ARG A 1 14  ? -3.029  4.878   -21.229 1.00 58.26  ? 14  ARG A CA  1 
ATOM   51   C  C   . ARG A 1 14  ? -1.907  5.340   -20.292 1.00 56.45  ? 14  ARG A C   1 
ATOM   52   O  O   . ARG A 1 14  ? -2.083  5.349   -19.075 1.00 55.86  ? 14  ARG A O   1 
ATOM   53   C  CB  . ARG A 1 14  ? -2.784  3.441   -21.709 1.00 58.23  ? 14  ARG A CB  1 
ATOM   54   C  CG  . ARG A 1 14  ? -2.415  2.488   -20.583 1.00 59.45  ? 14  ARG A CG  1 
ATOM   55   C  CD  . ARG A 1 14  ? -2.292  1.026   -21.024 1.00 60.18  ? 14  ARG A CD  1 
ATOM   56   N  NE  . ARG A 1 14  ? -1.778  0.193   -19.930 1.00 63.31  ? 14  ARG A NE  1 
ATOM   57   C  CZ  . ARG A 1 14  ? -0.497  0.145   -19.559 1.00 64.49  ? 14  ARG A CZ  1 
ATOM   58   N  NH1 . ARG A 1 14  ? 0.413   0.878   -20.197 1.00 65.58  ? 14  ARG A NH1 1 
ATOM   59   N  NH2 . ARG A 1 14  ? -0.117  -0.633  -18.552 1.00 64.68  ? 14  ARG A NH2 1 
ATOM   60   N  N   . GLN A 1 15  ? -0.766  5.729   -20.862 1.00 54.80  ? 15  GLN A N   1 
ATOM   61   C  CA  . GLN A 1 15  ? 0.354   6.222   -20.062 1.00 53.38  ? 15  GLN A CA  1 
ATOM   62   C  C   . GLN A 1 15  ? 0.034   7.529   -19.339 1.00 51.82  ? 15  GLN A C   1 
ATOM   63   O  O   . GLN A 1 15  ? 0.482   7.739   -18.203 1.00 51.70  ? 15  GLN A O   1 
ATOM   64   C  CB  . GLN A 1 15  ? 1.630   6.362   -20.897 1.00 53.71  ? 15  GLN A CB  1 
ATOM   65   C  CG  . GLN A 1 15  ? 2.913   6.543   -20.065 1.00 55.29  ? 15  GLN A CG  1 
ATOM   66   C  CD  . GLN A 1 15  ? 3.013   5.595   -18.851 1.00 57.47  ? 15  GLN A CD  1 
ATOM   67   O  OE1 . GLN A 1 15  ? 2.596   4.430   -18.896 1.00 58.89  ? 15  GLN A OE1 1 
ATOM   68   N  NE2 . GLN A 1 15  ? 3.580   6.102   -17.766 1.00 58.02  ? 15  GLN A NE2 1 
ATOM   69   N  N   . GLU A 1 16  ? -0.742  8.395   -19.986 1.00 49.72  ? 16  GLU A N   1 
ATOM   70   C  CA  . GLU A 1 16  ? -1.222  9.615   -19.343 1.00 48.03  ? 16  GLU A CA  1 
ATOM   71   C  C   . GLU A 1 16  ? -2.093  9.294   -18.138 1.00 46.47  ? 16  GLU A C   1 
ATOM   72   O  O   . GLU A 1 16  ? -1.963  9.932   -17.096 1.00 45.96  ? 16  GLU A O   1 
ATOM   73   C  CB  . GLU A 1 16  ? -1.996  10.488  -20.326 1.00 48.46  ? 16  GLU A CB  1 
ATOM   74   C  CG  . GLU A 1 16  ? -1.119  11.180  -21.357 1.00 49.28  ? 16  GLU A CG  1 
ATOM   75   C  CD  . GLU A 1 16  ? -1.901  12.129  -22.244 1.00 51.00  ? 16  GLU A CD  1 
ATOM   76   O  OE1 . GLU A 1 16  ? -3.156  12.095  -22.221 1.00 51.57  ? 16  GLU A OE1 1 
ATOM   77   O  OE2 . GLU A 1 16  ? -1.255  12.912  -22.968 1.00 51.75  ? 16  GLU A OE2 1 
ATOM   78   N  N   . LEU A 1 17  ? -2.973  8.309   -18.284 1.00 45.06  ? 17  LEU A N   1 
ATOM   79   C  CA  . LEU A 1 17  ? -3.849  7.895   -17.188 1.00 44.45  ? 17  LEU A CA  1 
ATOM   80   C  C   . LEU A 1 17  ? -3.052  7.307   -16.020 1.00 43.41  ? 17  LEU A C   1 
ATOM   81   O  O   . LEU A 1 17  ? -3.320  7.632   -14.865 1.00 43.06  ? 17  LEU A O   1 
ATOM   82   C  CB  . LEU A 1 17  ? -4.931  6.921   -17.668 1.00 44.59  ? 17  LEU A CB  1 
ATOM   83   C  CG  . LEU A 1 17  ? -6.157  7.486   -18.407 1.00 46.38  ? 17  LEU A CG  1 
ATOM   84   C  CD1 . LEU A 1 17  ? -7.041  6.360   -18.927 1.00 49.04  ? 17  LEU A CD1 1 
ATOM   85   C  CD2 . LEU A 1 17  ? -6.984  8.440   -17.540 1.00 47.83  ? 17  LEU A CD2 1 
ATOM   86   N  N   . ILE A 1 18  ? -2.072  6.458   -16.334 1.00 42.50  ? 18  ILE A N   1 
ATOM   87   C  CA  . ILE A 1 18  ? -1.144  5.889   -15.333 1.00 41.66  ? 18  ILE A CA  1 
ATOM   88   C  C   . ILE A 1 18  ? -0.388  6.987   -14.558 1.00 40.63  ? 18  ILE A C   1 
ATOM   89   O  O   . ILE A 1 18  ? -0.423  7.027   -13.329 1.00 40.41  ? 18  ILE A O   1 
ATOM   90   C  CB  . ILE A 1 18  ? -0.108  4.921   -16.006 1.00 41.93  ? 18  ILE A CB  1 
ATOM   91   C  CG1 . ILE A 1 18  ? -0.804  3.690   -16.642 1.00 42.05  ? 18  ILE A CG1 1 
ATOM   92   C  CG2 . ILE A 1 18  ? 1.039   4.554   -15.039 1.00 41.37  ? 18  ILE A CG2 1 
ATOM   93   C  CD1 . ILE A 1 18  ? -1.537  2.764   -15.685 1.00 42.39  ? 18  ILE A CD1 1 
ATOM   94   N  N   . ASP A 1 19  ? 0.273   7.883   -15.279 1.00 39.41  ? 19  ASP A N   1 
ATOM   95   C  CA  . ASP A 1 19  ? 1.023   8.968   -14.642 1.00 38.32  ? 19  ASP A CA  1 
ATOM   96   C  C   . ASP A 1 19  ? 0.163   9.877   -13.737 1.00 36.91  ? 19  ASP A C   1 
ATOM   97   O  O   . ASP A 1 19  ? 0.622   10.327  -12.680 1.00 36.27  ? 19  ASP A O   1 
ATOM   98   C  CB  . ASP A 1 19  ? 1.739   9.786   -15.699 1.00 38.61  ? 19  ASP A CB  1 
ATOM   99   C  CG  . ASP A 1 19  ? 2.833   8.992   -16.408 1.00 41.02  ? 19  ASP A CG  1 
ATOM   100  O  OD1 . ASP A 1 19  ? 3.140   7.849   -15.982 1.00 43.31  ? 19  ASP A OD1 1 
ATOM   101  O  OD2 . ASP A 1 19  ? 3.374   9.513   -17.398 1.00 42.06  ? 19  ASP A OD2 1 
ATOM   102  N  N   . ALA A 1 20  ? -1.068  10.149  -14.161 1.00 35.03  ? 20  ALA A N   1 
ATOM   103  C  CA  . ALA A 1 20  ? -1.991  10.911  -13.335 1.00 34.68  ? 20  ALA A CA  1 
ATOM   104  C  C   . ALA A 1 20  ? -2.286  10.144  -12.032 1.00 34.28  ? 20  ALA A C   1 
ATOM   105  O  O   . ALA A 1 20  ? -2.312  10.730  -10.959 1.00 33.44  ? 20  ALA A O   1 
ATOM   106  C  CB  . ALA A 1 20  ? -3.261  11.219  -14.088 1.00 34.58  ? 20  ALA A CB  1 
ATOM   107  N  N   . ARG A 1 21  ? -2.474  8.829   -12.142 1.00 33.83  ? 21  ARG A N   1 
ATOM   108  C  CA  . ARG A 1 21  ? -2.735  7.989   -10.978 1.00 34.11  ? 21  ARG A CA  1 
ATOM   109  C  C   . ARG A 1 21  ? -1.531  7.901   -10.031 1.00 32.44  ? 21  ARG A C   1 
ATOM   110  O  O   . ARG A 1 21  ? -1.711  7.852   -8.817  1.00 31.74  ? 21  ARG A O   1 
ATOM   111  C  CB  . ARG A 1 21  ? -3.168  6.573   -11.406 1.00 35.60  ? 21  ARG A CB  1 
ATOM   112  C  CG  . ARG A 1 21  ? -4.572  6.458   -12.037 1.00 39.58  ? 21  ARG A CG  1 
ATOM   113  C  CD  . ARG A 1 21  ? -5.582  7.344   -11.346 1.00 47.99  ? 21  ARG A CD  1 
ATOM   114  N  NE  . ARG A 1 21  ? -6.953  6.831   -11.412 1.00 55.31  ? 21  ARG A NE  1 
ATOM   115  C  CZ  . ARG A 1 21  ? -7.777  6.668   -10.367 1.00 56.90  ? 21  ARG A CZ  1 
ATOM   116  N  NH1 . ARG A 1 21  ? -7.405  6.968   -9.127  1.00 55.16  ? 21  ARG A NH1 1 
ATOM   117  N  NH2 . ARG A 1 21  ? -9.006  6.196   -10.574 1.00 59.10  ? 21  ARG A NH2 1 
ATOM   118  N  N   . LYS A 1 22  ? -0.318  7.888   -10.580 1.00 31.13  ? 22  LYS A N   1 
ATOM   119  C  CA  . LYS A 1 22  ? 0.892   7.870   -9.740  1.00 31.30  ? 22  LYS A CA  1 
ATOM   120  C  C   . LYS A 1 22  ? 1.001   9.161   -8.915  1.00 29.95  ? 22  LYS A C   1 
ATOM   121  O  O   . LYS A 1 22  ? 1.378   9.120   -7.749  1.00 29.58  ? 22  LYS A O   1 
ATOM   122  C  CB  . LYS A 1 22  ? 2.152   7.658   -10.589 1.00 31.08  ? 22  LYS A CB  1 
ATOM   123  C  CG  . LYS A 1 22  ? 2.187   6.290   -11.296 1.00 31.43  ? 22  LYS A CG  1 
ATOM   124  C  CD  . LYS A 1 22  ? 3.294   6.199   -12.331 1.00 34.49  ? 22  LYS A CD  1 
ATOM   125  C  CE  . LYS A 1 22  ? 4.638   6.085   -11.659 1.00 36.94  ? 22  LYS A CE  1 
ATOM   126  N  NZ  . LYS A 1 22  ? 5.681   5.460   -12.523 1.00 40.10  ? 22  LYS A NZ  1 
ATOM   127  N  N   . LYS A 1 23  ? 0.659   10.296  -9.531  1.00 29.32  ? 23  LYS A N   1 
ATOM   128  C  CA  . LYS A 1 23  ? 0.626   11.587  -8.832  1.00 28.73  ? 23  LYS A CA  1 
ATOM   129  C  C   . LYS A 1 23  ? -0.392  11.556  -7.673  1.00 28.15  ? 23  LYS A C   1 
ATOM   130  O  O   . LYS A 1 23  ? -0.097  12.000  -6.556  1.00 26.50  ? 23  LYS A O   1 
ATOM   131  C  CB  . LYS A 1 23  ? 0.282   12.702  -9.814  1.00 29.74  ? 23  LYS A CB  1 
ATOM   132  C  CG  . LYS A 1 23  ? 0.600   14.099  -9.314  1.00 32.76  ? 23  LYS A CG  1 
ATOM   133  C  CD  . LYS A 1 23  ? 0.415   15.129  -10.449 1.00 39.08  ? 23  LYS A CD  1 
ATOM   134  C  CE  . LYS A 1 23  ? 0.946   16.502  -10.048 1.00 42.59  ? 23  LYS A CE  1 
ATOM   135  N  NZ  . LYS A 1 23  ? 0.159   17.053  -8.900  1.00 45.98  ? 23  LYS A NZ  1 
ATOM   136  N  N   . GLU A 1 24  ? -1.577  11.012  -7.947  1.00 28.05  ? 24  GLU A N   1 
ATOM   137  C  CA  . GLU A 1 24  ? -2.628  10.819  -6.925  1.00 29.35  ? 24  GLU A CA  1 
ATOM   138  C  C   . GLU A 1 24  ? -2.114  9.934   -5.779  1.00 27.28  ? 24  GLU A C   1 
ATOM   139  O  O   . GLU A 1 24  ? -2.302  10.243  -4.597  1.00 26.90  ? 24  GLU A O   1 
ATOM   140  C  CB  . GLU A 1 24  ? -3.868  10.166  -7.565  1.00 29.33  ? 24  GLU A CB  1 
ATOM   141  C  CG  . GLU A 1 24  ? -4.580  11.017  -8.638  1.00 33.90  ? 24  GLU A CG  1 
ATOM   142  C  CD  . GLU A 1 24  ? -5.583  10.223  -9.488  1.00 35.99  ? 24  GLU A CD  1 
ATOM   143  O  OE1 . GLU A 1 24  ? -6.128  9.219   -9.000  1.00 42.88  ? 24  GLU A OE1 1 
ATOM   144  O  OE2 . GLU A 1 24  ? -5.831  10.613  -10.663 1.00 46.61  ? 24  GLU A OE2 1 
ATOM   145  N  N   . LEU A 1 25  ? -1.468  8.825   -6.129  1.00 26.93  ? 25  LEU A N   1 
ATOM   146  C  CA  . LEU A 1 25  ? -0.947  7.900   -5.126  1.00 25.27  ? 25  LEU A CA  1 
ATOM   147  C  C   . LEU A 1 25  ? 0.017   8.600   -4.167  1.00 24.68  ? 25  LEU A C   1 
ATOM   148  O  O   . LEU A 1 25  ? -0.028  8.376   -2.974  1.00 23.55  ? 25  LEU A O   1 
ATOM   149  C  CB  . LEU A 1 25  ? -0.278  6.692   -5.794  1.00 26.00  ? 25  LEU A CB  1 
ATOM   150  C  CG  . LEU A 1 25  ? -1.243  5.614   -6.325  1.00 26.58  ? 25  LEU A CG  1 
ATOM   151  C  CD1 . LEU A 1 25  ? -0.480  4.622   -7.180  1.00 28.03  ? 25  LEU A CD1 1 
ATOM   152  C  CD2 . LEU A 1 25  ? -1.970  4.909   -5.142  1.00 24.96  ? 25  LEU A CD2 1 
ATOM   153  N  N   . LYS A 1 26  ? 0.907   9.423   -4.698  1.00 24.45  ? 26  LYS A N   1 
ATOM   154  C  CA  . LYS A 1 26  ? 1.845   10.160  -3.837  1.00 25.12  ? 26  LYS A CA  1 
ATOM   155  C  C   . LYS A 1 26  ? 1.119   11.111  -2.863  1.00 24.40  ? 26  LYS A C   1 
ATOM   156  O  O   . LYS A 1 26  ? 1.531   11.249  -1.715  1.00 25.16  ? 26  LYS A O   1 
ATOM   157  C  CB  . LYS A 1 26  ? 2.897   10.881  -4.674  1.00 25.75  ? 26  LYS A CB  1 
ATOM   158  C  CG  . LYS A 1 26  ? 3.914   9.869   -5.236  1.00 29.15  ? 26  LYS A CG  1 
ATOM   159  C  CD  . LYS A 1 26  ? 5.052   10.524  -5.970  1.00 36.40  ? 26  LYS A CD  1 
ATOM   160  C  CE  . LYS A 1 26  ? 6.219   9.534   -6.176  1.00 37.53  ? 26  LYS A CE  1 
ATOM   161  N  NZ  . LYS A 1 26  ? 7.189   9.426   -5.014  1.00 39.49  ? 26  LYS A NZ  1 
ATOM   162  N  N   . ALA A 1 27  ? 0.036   11.730  -3.334  1.00 23.98  ? 27  ALA A N   1 
ATOM   163  C  CA  . ALA A 1 27  ? -0.838  12.587  -2.511  1.00 23.84  ? 27  ALA A CA  1 
ATOM   164  C  C   . ALA A 1 27  ? -1.562  11.824  -1.401  1.00 23.67  ? 27  ALA A C   1 
ATOM   165  O  O   . ALA A 1 27  ? -1.520  12.210  -0.213  1.00 24.10  ? 27  ALA A O   1 
ATOM   166  C  CB  . ALA A 1 27  ? -1.852  13.353  -3.404  1.00 22.74  ? 27  ALA A CB  1 
ATOM   167  N  N   . TYR A 1 28  ? -2.204  10.726  -1.775  1.00 23.53  ? 28  TYR A N   1 
ATOM   168  C  CA  . TYR A 1 28  ? -2.848  9.856   -0.808  1.00 25.00  ? 28  TYR A CA  1 
ATOM   169  C  C   . TYR A 1 28  ? -1.857  9.369   0.233   1.00 25.43  ? 28  TYR A C   1 
ATOM   170  O  O   . TYR A 1 28  ? -2.180  9.361   1.420   1.00 25.48  ? 28  TYR A O   1 
ATOM   171  C  CB  . TYR A 1 28  ? -3.485  8.638   -1.511  1.00 26.46  ? 28  TYR A CB  1 
ATOM   172  C  CG  . TYR A 1 28  ? -4.535  9.018   -2.559  1.00 26.55  ? 28  TYR A CG  1 
ATOM   173  C  CD1 . TYR A 1 28  ? -5.349  10.129  -2.376  1.00 28.29  ? 28  TYR A CD1 1 
ATOM   174  C  CD2 . TYR A 1 28  ? -4.734  8.222   -3.688  1.00 27.23  ? 28  TYR A CD2 1 
ATOM   175  C  CE1 . TYR A 1 28  ? -6.319  10.476  -3.321  1.00 30.41  ? 28  TYR A CE1 1 
ATOM   176  C  CE2 . TYR A 1 28  ? -5.695  8.547   -4.637  1.00 28.08  ? 28  TYR A CE2 1 
ATOM   177  C  CZ  . TYR A 1 28  ? -6.491  9.657   -4.443  1.00 30.47  ? 28  TYR A CZ  1 
ATOM   178  O  OH  . TYR A 1 28  ? -7.441  9.987   -5.387  1.00 31.36  ? 28  TYR A OH  1 
HETATM 179  N  N   . MSE A 1 29  ? -0.665  8.939   -0.203  1.00 25.61  ? 29  MSE A N   1 
HETATM 180  C  CA  . MSE A 1 29  ? 0.336   8.467   0.761   1.00 27.25  ? 29  MSE A CA  1 
HETATM 181  C  C   . MSE A 1 29  ? 0.699   9.598   1.725   1.00 26.99  ? 29  MSE A C   1 
HETATM 182  O  O   . MSE A 1 29  ? 0.822   9.355   2.922   1.00 27.21  ? 29  MSE A O   1 
HETATM 183  C  CB  . MSE A 1 29  ? 1.608   7.941   0.074   1.00 27.73  ? 29  MSE A CB  1 
HETATM 184  C  CG  . MSE A 1 29  ? 2.713   7.469   1.033   1.00 29.53  ? 29  MSE A CG  1 
HETATM 185  SE SE  . MSE A 1 29  ? 2.131   6.009   2.233   1.00 40.04  ? 29  MSE A SE  1 
HETATM 186  C  CE  . MSE A 1 29  ? 3.650   6.038   3.437   1.00 40.72  ? 29  MSE A CE  1 
HETATM 187  N  N   . MSE A 1 30  ? 0.915   10.801  1.200   1.00 25.95  ? 30  MSE A N   1 
HETATM 188  C  CA  . MSE A 1 30  ? 1.205   11.965  2.040   1.00 28.26  ? 30  MSE A CA  1 
HETATM 189  C  C   . MSE A 1 30  ? 0.137   12.194  3.102   1.00 26.29  ? 30  MSE A C   1 
HETATM 190  O  O   . MSE A 1 30  ? 0.449   12.469  4.249   1.00 25.18  ? 30  MSE A O   1 
HETATM 191  C  CB  . MSE A 1 30  ? 1.380   13.245  1.230   1.00 28.05  ? 30  MSE A CB  1 
HETATM 192  C  CG  . MSE A 1 30  ? 1.882   14.377  2.103   1.00 29.45  ? 30  MSE A CG  1 
HETATM 193  SE SE  . MSE A 1 30  ? 2.206   15.992  1.074   1.00 39.19  ? 30  MSE A SE  1 
HETATM 194  C  CE  . MSE A 1 30  ? 3.884   15.581  0.125   1.00 33.86  ? 30  MSE A CE  1 
HETATM 195  N  N   . MSE A 1 31  ? -1.125  12.041  2.718   1.00 25.56  ? 31  MSE A N   1 
HETATM 196  C  CA  . MSE A 1 31  ? -2.231  12.200  3.666   1.00 26.45  ? 31  MSE A CA  1 
HETATM 197  C  C   . MSE A 1 31  ? -2.171  11.210  4.821   1.00 25.79  ? 31  MSE A C   1 
HETATM 198  O  O   . MSE A 1 31  ? -2.430  11.573  5.978   1.00 25.72  ? 31  MSE A O   1 
HETATM 199  C  CB  . MSE A 1 31  ? -3.571  12.131  2.919   1.00 27.23  ? 31  MSE A CB  1 
HETATM 200  C  CG  . MSE A 1 31  ? -3.735  13.288  1.968   1.00 34.18  ? 31  MSE A CG  1 
HETATM 201  SE SE  . MSE A 1 31  ? -4.537  14.848  2.943   1.00 53.71  ? 31  MSE A SE  1 
HETATM 202  C  CE  . MSE A 1 31  ? -6.449  14.338  2.702   1.00 44.22  ? 31  MSE A CE  1 
ATOM   203  N  N   . GLY A 1 32  ? -1.812  9.965   4.511   1.00 25.57  ? 32  GLY A N   1 
ATOM   204  C  CA  . GLY A 1 32  ? -1.744  8.935   5.520   1.00 26.15  ? 32  GLY A CA  1 
ATOM   205  C  C   . GLY A 1 32  ? -0.543  9.169   6.436   1.00 25.53  ? 32  GLY A C   1 
ATOM   206  O  O   . GLY A 1 32  ? -0.671  9.117   7.648   1.00 25.36  ? 32  GLY A O   1 
ATOM   207  N  N   . VAL A 1 33  ? 0.607   9.476   5.840   1.00 25.64  ? 33  VAL A N   1 
ATOM   208  C  CA  . VAL A 1 33  ? 1.821   9.753   6.611   1.00 26.06  ? 33  VAL A CA  1 
ATOM   209  C  C   . VAL A 1 33  ? 1.675   10.980  7.545   1.00 26.70  ? 33  VAL A C   1 
ATOM   210  O  O   . VAL A 1 33  ? 2.138   10.973  8.702   1.00 26.14  ? 33  VAL A O   1 
ATOM   211  C  CB  . VAL A 1 33  ? 3.056   9.889   5.681   1.00 26.85  ? 33  VAL A CB  1 
ATOM   212  C  CG1 . VAL A 1 33  ? 4.314   10.394  6.476   1.00 28.13  ? 33  VAL A CG1 1 
ATOM   213  C  CG2 . VAL A 1 33  ? 3.347   8.540   5.023   1.00 26.92  ? 33  VAL A CG2 1 
ATOM   214  N  N   . THR A 1 34  ? 1.026   12.017  7.042   1.00 25.11  ? 34  THR A N   1 
ATOM   215  C  CA  . THR A 1 34  ? 0.840   13.229  7.830   1.00 26.07  ? 34  THR A CA  1 
ATOM   216  C  C   . THR A 1 34  ? -0.258  13.068  8.890   1.00 26.19  ? 34  THR A C   1 
ATOM   217  O  O   . THR A 1 34  ? -0.135  13.626  9.972   1.00 28.17  ? 34  THR A O   1 
ATOM   218  C  CB  . THR A 1 34  ? 0.630   14.492  6.926   1.00 24.45  ? 34  THR A CB  1 
ATOM   219  O  OG1 . THR A 1 34  ? -0.453  14.276  6.026   1.00 24.46  ? 34  THR A OG1 1 
ATOM   220  C  CG2 . THR A 1 34  ? 1.914   14.747  6.085   1.00 25.03  ? 34  THR A CG2 1 
ATOM   221  N  N   . ALA A 1 35  ? -1.305  12.300  8.587   1.00 26.63  ? 35  ALA A N   1 
ATOM   222  C  CA  . ALA A 1 35  ? -2.369  12.010  9.562   1.00 26.57  ? 35  ALA A CA  1 
ATOM   223  C  C   . ALA A 1 35  ? -1.834  11.377  10.845  1.00 27.31  ? 35  ALA A C   1 
ATOM   224  O  O   . ALA A 1 35  ? -2.370  11.638  11.942  1.00 27.64  ? 35  ALA A O   1 
ATOM   225  C  CB  . ALA A 1 35  ? -3.426  11.132  8.955   1.00 27.11  ? 35  ALA A CB  1 
ATOM   226  N  N   . ILE A 1 36  ? -0.810  10.521  10.708  1.00 26.73  ? 36  ILE A N   1 
ATOM   227  C  CA  . ILE A 1 36  ? -0.223  9.847   11.877  1.00 27.34  ? 36  ILE A CA  1 
ATOM   228  C  C   . ILE A 1 36  ? 1.049   10.541  12.365  1.00 27.65  ? 36  ILE A C   1 
ATOM   229  O  O   . ILE A 1 36  ? 1.679   10.095  13.325  1.00 26.76  ? 36  ILE A O   1 
ATOM   230  C  CB  . ILE A 1 36  ? 0.054   8.337   11.602  1.00 27.28  ? 36  ILE A CB  1 
ATOM   231  C  CG1 . ILE A 1 36  ? 1.119   8.179   10.490  1.00 26.71  ? 36  ILE A CG1 1 
ATOM   232  C  CG2 . ILE A 1 36  ? -1.254  7.614   11.261  1.00 27.78  ? 36  ILE A CG2 1 
ATOM   233  C  CD1 . ILE A 1 36  ? 1.969   6.904   10.561  1.00 29.88  ? 36  ILE A CD1 1 
ATOM   234  N  N   . LYS A 1 37  ? 1.435   11.645  11.726  1.00 29.00  ? 37  LYS A N   1 
ATOM   235  C  CA  . LYS A 1 37  ? 2.681   12.309  12.129  1.00 30.57  ? 37  LYS A CA  1 
ATOM   236  C  C   . LYS A 1 37  ? 2.777   12.704  13.631  1.00 30.58  ? 37  LYS A C   1 
ATOM   237  O  O   . LYS A 1 37  ? 3.821   12.496  14.259  1.00 30.61  ? 37  LYS A O   1 
ATOM   238  C  CB  . LYS A 1 37  ? 2.983   13.490  11.191  1.00 30.81  ? 37  LYS A CB  1 
ATOM   239  C  CG  . LYS A 1 37  ? 4.194   14.297  11.569  1.00 34.98  ? 37  LYS A CG  1 
ATOM   240  C  CD  . LYS A 1 37  ? 4.916   14.840  10.324  1.00 39.86  ? 37  LYS A CD  1 
ATOM   241  C  CE  . LYS A 1 37  ? 6.104   15.736  10.729  1.00 40.89  ? 37  LYS A CE  1 
ATOM   242  N  NZ  . LYS A 1 37  ? 5.587   16.947  11.420  1.00 43.48  ? 37  LYS A NZ  1 
ATOM   243  N  N   . PRO A 1 38  ? 1.705   13.278  14.212  1.00 31.28  ? 38  PRO A N   1 
ATOM   244  C  CA  . PRO A 1 38  ? 1.794   13.626  15.650  1.00 31.39  ? 38  PRO A CA  1 
ATOM   245  C  C   . PRO A 1 38  ? 2.121   12.395  16.505  1.00 30.88  ? 38  PRO A C   1 
ATOM   246  O  O   . PRO A 1 38  ? 3.004   12.456  17.363  1.00 30.48  ? 38  PRO A O   1 
ATOM   247  C  CB  . PRO A 1 38  ? 0.390   14.135  15.971  1.00 31.92  ? 38  PRO A CB  1 
ATOM   248  C  CG  . PRO A 1 38  ? -0.126  14.649  14.655  1.00 32.90  ? 38  PRO A CG  1 
ATOM   249  C  CD  . PRO A 1 38  ? 0.405   13.678  13.639  1.00 30.85  ? 38  PRO A CD  1 
ATOM   250  N  N   . LEU A 1 39  ? 1.457   11.280  16.213  1.00 29.83  ? 39  LEU A N   1 
ATOM   251  C  CA  . LEU A 1 39  ? 1.726   9.996   16.885  1.00 29.73  ? 39  LEU A CA  1 
ATOM   252  C  C   . LEU A 1 39  ? 3.136   9.440   16.623  1.00 29.74  ? 39  LEU A C   1 
ATOM   253  O  O   . LEU A 1 39  ? 3.839   9.028   17.559  1.00 29.96  ? 39  LEU A O   1 
ATOM   254  C  CB  . LEU A 1 39  ? 0.669   8.966   16.486  1.00 29.37  ? 39  LEU A CB  1 
ATOM   255  C  CG  . LEU A 1 39  ? -0.775  9.156   16.971  1.00 29.29  ? 39  LEU A CG  1 
ATOM   256  C  CD1 . LEU A 1 39  ? -1.736  8.264   16.154  1.00 30.88  ? 39  LEU A CD1 1 
ATOM   257  C  CD2 . LEU A 1 39  ? -0.928  8.892   18.459  1.00 30.70  ? 39  LEU A CD2 1 
ATOM   258  N  N   . TYR A 1 40  ? 3.546   9.445   15.358  1.00 29.55  ? 40  TYR A N   1 
ATOM   259  C  CA  . TYR A 1 40  ? 4.842   8.922   14.923  1.00 30.40  ? 40  TYR A CA  1 
ATOM   260  C  C   . TYR A 1 40  ? 5.981   9.703   15.572  1.00 31.56  ? 40  TYR A C   1 
ATOM   261  O  O   . TYR A 1 40  ? 6.919   9.106   16.117  1.00 31.69  ? 40  TYR A O   1 
ATOM   262  C  CB  . TYR A 1 40  ? 4.951   9.052   13.405  1.00 30.46  ? 40  TYR A CB  1 
ATOM   263  C  CG  . TYR A 1 40  ? 6.133   8.346   12.749  1.00 30.92  ? 40  TYR A CG  1 
ATOM   264  C  CD1 . TYR A 1 40  ? 6.191   6.950   12.687  1.00 30.23  ? 40  TYR A CD1 1 
ATOM   265  C  CD2 . TYR A 1 40  ? 7.158   9.078   12.131  1.00 31.36  ? 40  TYR A CD2 1 
ATOM   266  C  CE1 . TYR A 1 40  ? 7.267   6.290   12.057  1.00 30.95  ? 40  TYR A CE1 1 
ATOM   267  C  CE2 . TYR A 1 40  ? 8.233   8.423   11.492  1.00 31.51  ? 40  TYR A CE2 1 
ATOM   268  C  CZ  . TYR A 1 40  ? 8.269   7.028   11.458  1.00 31.42  ? 40  TYR A CZ  1 
ATOM   269  O  OH  . TYR A 1 40  ? 9.319   6.378   10.814  1.00 32.17  ? 40  TYR A OH  1 
ATOM   270  N  N   . ASP A 1 41  ? 5.896   11.031  15.492  1.00 32.16  ? 41  ASP A N   1 
ATOM   271  C  CA  . ASP A 1 41  ? 6.904   11.910  16.064  1.00 33.75  ? 41  ASP A CA  1 
ATOM   272  C  C   . ASP A 1 41  ? 7.036   11.783  17.587  1.00 34.11  ? 41  ASP A C   1 
ATOM   273  O  O   . ASP A 1 41  ? 8.156   11.851  18.122  1.00 35.11  ? 41  ASP A O   1 
ATOM   274  C  CB  . ASP A 1 41  ? 6.642   13.370  15.667  1.00 33.62  ? 41  ASP A CB  1 
ATOM   275  C  CG  . ASP A 1 41  ? 6.940   13.649  14.196  1.00 35.84  ? 41  ASP A CG  1 
ATOM   276  O  OD1 . ASP A 1 41  ? 7.509   12.782  13.500  1.00 37.26  ? 41  ASP A OD1 1 
ATOM   277  O  OD2 . ASP A 1 41  ? 6.615   14.760  13.725  1.00 37.64  ? 41  ASP A OD2 1 
ATOM   278  N  N   . SER A 1 42  ? 5.911   11.622  18.285  1.00 33.89  ? 42  SER A N   1 
ATOM   279  C  CA  . SER A 1 42  ? 5.917   11.565  19.745  1.00 34.33  ? 42  SER A CA  1 
ATOM   280  C  C   . SER A 1 42  ? 6.047   10.145  20.314  1.00 34.69  ? 42  SER A C   1 
ATOM   281  O  O   . SER A 1 42  ? 6.022   9.964   21.535  1.00 34.36  ? 42  SER A O   1 
ATOM   282  C  CB  . SER A 1 42  ? 4.660   12.234  20.319  1.00 34.72  ? 42  SER A CB  1 
ATOM   283  O  OG  . SER A 1 42  ? 3.495   11.475  20.020  1.00 32.93  ? 42  SER A OG  1 
ATOM   284  N  N   . ASP A 1 43  ? 6.182   9.153   19.434  1.00 34.62  ? 43  ASP A N   1 
ATOM   285  C  CA  . ASP A 1 43  ? 6.228   7.761   19.842  1.00 35.26  ? 43  ASP A CA  1 
ATOM   286  C  C   . ASP A 1 43  ? 7.412   7.471   20.759  1.00 36.53  ? 43  ASP A C   1 
ATOM   287  O  O   . ASP A 1 43  ? 8.513   7.982   20.537  1.00 36.14  ? 43  ASP A O   1 
ATOM   288  C  CB  . ASP A 1 43  ? 6.342   6.866   18.619  1.00 35.04  ? 43  ASP A CB  1 
ATOM   289  C  CG  . ASP A 1 43  ? 6.318   5.398   18.976  1.00 35.65  ? 43  ASP A CG  1 
ATOM   290  O  OD1 . ASP A 1 43  ? 5.258   4.936   19.454  1.00 34.98  ? 43  ASP A OD1 1 
ATOM   291  O  OD2 . ASP A 1 43  ? 7.351   4.708   18.768  1.00 34.45  ? 43  ASP A OD2 1 
ATOM   292  N  N   . VAL A 1 44  ? 7.178   6.632   21.767  1.00 37.57  ? 44  VAL A N   1 
ATOM   293  C  CA  . VAL A 1 44  ? 8.262   6.105   22.599  1.00 39.12  ? 44  VAL A CA  1 
ATOM   294  C  C   . VAL A 1 44  ? 8.216   4.586   22.491  1.00 39.67  ? 44  VAL A C   1 
ATOM   295  O  O   . VAL A 1 44  ? 7.299   3.944   23.011  1.00 39.56  ? 44  VAL A O   1 
ATOM   296  C  CB  . VAL A 1 44  ? 8.161   6.556   24.079  1.00 39.27  ? 44  VAL A CB  1 
ATOM   297  C  CG1 . VAL A 1 44  ? 9.323   5.976   24.901  1.00 40.19  ? 44  VAL A CG1 1 
ATOM   298  C  CG2 . VAL A 1 44  ? 8.156   8.070   24.181  1.00 40.51  ? 44  VAL A CG2 1 
ATOM   299  N  N   . ASN A 1 45  ? 9.190   4.035   21.774  1.00 40.27  ? 45  ASN A N   1 
ATOM   300  C  CA  . ASN A 1 45  ? 9.331   2.591   21.574  1.00 41.27  ? 45  ASN A CA  1 
ATOM   301  C  C   . ASN A 1 45  ? 8.019   1.856   21.240  1.00 40.54  ? 45  ASN A C   1 
ATOM   302  O  O   . ASN A 1 45  ? 7.726   0.787   21.792  1.00 40.64  ? 45  ASN A O   1 
ATOM   303  C  CB  . ASN A 1 45  ? 10.034  1.960   22.786  1.00 42.04  ? 45  ASN A CB  1 
ATOM   304  C  CG  . ASN A 1 45  ? 10.753  0.665   22.436  1.00 45.89  ? 45  ASN A CG  1 
ATOM   305  O  OD1 . ASN A 1 45  ? 11.443  0.573   21.407  1.00 49.33  ? 45  ASN A OD1 1 
ATOM   306  N  ND2 . ASN A 1 45  ? 10.593  -0.351  23.293  1.00 48.66  ? 45  ASN A ND2 1 
ATOM   307  N  N   . GLY A 1 46  ? 7.229   2.437   20.338  1.00 39.28  ? 46  GLY A N   1 
ATOM   308  C  CA  . GLY A 1 46  ? 6.076   1.735   19.783  1.00 37.53  ? 46  GLY A CA  1 
ATOM   309  C  C   . GLY A 1 46  ? 4.770   1.992   20.498  1.00 36.72  ? 46  GLY A C   1 
ATOM   310  O  O   . GLY A 1 46  ? 3.729   1.450   20.109  1.00 35.89  ? 46  GLY A O   1 
ATOM   311  N  N   . SER A 1 47  ? 4.826   2.834   21.528  1.00 35.86  ? 47  SER A N   1 
ATOM   312  C  CA  . SER A 1 47  ? 3.655   3.229   22.309  1.00 35.69  ? 47  SER A CA  1 
ATOM   313  C  C   . SER A 1 47  ? 2.464   3.685   21.462  1.00 34.84  ? 47  SER A C   1 
ATOM   314  O  O   . SER A 1 47  ? 1.315   3.451   21.829  1.00 35.08  ? 47  SER A O   1 
ATOM   315  C  CB  . SER A 1 47  ? 4.020   4.339   23.313  1.00 36.28  ? 47  SER A CB  1 
ATOM   316  O  OG  . SER A 1 47  ? 4.564   5.483   22.649  1.00 37.89  ? 47  SER A OG  1 
ATOM   317  N  N   . ASN A 1 48  ? 2.736   4.319   20.328  1.00 33.48  ? 48  ASN A N   1 
ATOM   318  C  CA  . ASN A 1 48  ? 1.662   4.936   19.547  1.00 33.21  ? 48  ASN A CA  1 
ATOM   319  C  C   . ASN A 1 48  ? 1.268   4.158   18.302  1.00 32.19  ? 48  ASN A C   1 
ATOM   320  O  O   . ASN A 1 48  ? 0.397   4.591   17.552  1.00 31.84  ? 48  ASN A O   1 
ATOM   321  C  CB  . ASN A 1 48  ? 2.053   6.369   19.145  1.00 33.18  ? 48  ASN A CB  1 
ATOM   322  C  CG  . ASN A 1 48  ? 2.001   7.349   20.313  1.00 33.67  ? 48  ASN A CG  1 
ATOM   323  O  OD1 . ASN A 1 48  ? 1.239   7.176   21.275  1.00 33.73  ? 48  ASN A OD1 1 
ATOM   324  N  ND2 . ASN A 1 48  ? 2.802   8.415   20.214  1.00 33.07  ? 48  ASN A ND2 1 
ATOM   325  N  N   . LYS A 1 49  ? 1.917   3.019   18.068  1.00 32.15  ? 49  LYS A N   1 
ATOM   326  C  CA  . LYS A 1 49  ? 1.624   2.219   16.877  1.00 31.57  ? 49  LYS A CA  1 
ATOM   327  C  C   . LYS A 1 49  ? 0.153   1.809   16.817  1.00 31.39  ? 49  LYS A C   1 
ATOM   328  O  O   . LYS A 1 49  ? -0.479  1.906   15.760  1.00 30.78  ? 49  LYS A O   1 
ATOM   329  C  CB  . LYS A 1 49  ? 2.497   0.973   16.842  1.00 32.22  ? 49  LYS A CB  1 
ATOM   330  C  CG  . LYS A 1 49  ? 3.923   1.188   16.390  1.00 34.48  ? 49  LYS A CG  1 
ATOM   331  C  CD  . LYS A 1 49  ? 4.703   -0.069  16.722  1.00 39.21  ? 49  LYS A CD  1 
ATOM   332  C  CE  . LYS A 1 49  ? 5.728   -0.413  15.681  1.00 39.68  ? 49  LYS A CE  1 
ATOM   333  N  NZ  . LYS A 1 49  ? 6.368   -1.724  16.059  1.00 42.40  ? 49  LYS A NZ  1 
ATOM   334  N  N   . GLN A 1 50  ? -0.398  1.368   17.951  1.00 30.67  ? 50  GLN A N   1 
ATOM   335  C  CA  . GLN A 1 50  ? -1.784  0.930   17.973  1.00 31.49  ? 50  GLN A CA  1 
ATOM   336  C  C   . GLN A 1 50  ? -2.738  2.042   17.543  1.00 30.73  ? 50  GLN A C   1 
ATOM   337  O  O   . GLN A 1 50  ? -3.649  1.813   16.728  1.00 30.18  ? 50  GLN A O   1 
ATOM   338  C  CB  . GLN A 1 50  ? -2.187  0.382   19.350  1.00 31.95  ? 50  GLN A CB  1 
ATOM   339  C  CG  . GLN A 1 50  ? -3.579  -0.216  19.366  1.00 35.55  ? 50  GLN A CG  1 
ATOM   340  C  CD  . GLN A 1 50  ? -3.742  -1.359  18.356  1.00 39.66  ? 50  GLN A CD  1 
ATOM   341  O  OE1 . GLN A 1 50  ? -2.865  -2.215  18.210  1.00 41.03  ? 50  GLN A OE1 1 
ATOM   342  N  NE2 . GLN A 1 50  ? -4.872  -1.367  17.654  1.00 43.49  ? 50  GLN A NE2 1 
ATOM   343  N  N   . ALA A 1 51  ? -2.522  3.238   18.089  1.00 29.61  ? 51  ALA A N   1 
ATOM   344  C  CA  . ALA A 1 51  ? -3.330  4.414   17.730  1.00 29.09  ? 51  ALA A CA  1 
ATOM   345  C  C   . ALA A 1 51  ? -3.200  4.799   16.241  1.00 27.67  ? 51  ALA A C   1 
ATOM   346  O  O   . ALA A 1 51  ? -4.190  5.198   15.589  1.00 25.99  ? 51  ALA A O   1 
ATOM   347  C  CB  . ALA A 1 51  ? -2.974  5.610   18.650  1.00 28.86  ? 51  ALA A CB  1 
ATOM   348  N  N   . ALA A 1 52  ? -1.984  4.684   15.710  1.00 27.57  ? 52  ALA A N   1 
ATOM   349  C  CA  . ALA A 1 52  ? -1.755  5.005   14.300  1.00 27.02  ? 52  ALA A CA  1 
ATOM   350  C  C   . ALA A 1 52  ? -2.421  3.966   13.392  1.00 27.64  ? 52  ALA A C   1 
ATOM   351  O  O   . ALA A 1 52  ? -2.967  4.308   12.345  1.00 26.82  ? 52  ALA A O   1 
ATOM   352  C  CB  . ALA A 1 52  ? -0.273  5.105   14.004  1.00 27.61  ? 52  ALA A CB  1 
ATOM   353  N  N   . LYS A 1 53  ? -2.355  2.698   13.783  1.00 28.11  ? 53  LYS A N   1 
ATOM   354  C  CA  . LYS A 1 53  ? -3.086  1.642   13.066  1.00 28.72  ? 53  LYS A CA  1 
ATOM   355  C  C   . LYS A 1 53  ? -4.561  1.923   12.924  1.00 28.30  ? 53  LYS A C   1 
ATOM   356  O  O   . LYS A 1 53  ? -5.111  1.732   11.839  1.00 27.60  ? 53  LYS A O   1 
ATOM   357  C  CB  . LYS A 1 53  ? -2.952  0.270   13.747  1.00 29.88  ? 53  LYS A CB  1 
ATOM   358  C  CG  . LYS A 1 53  ? -1.653  -0.441  13.511  1.00 32.84  ? 53  LYS A CG  1 
ATOM   359  C  CD  . LYS A 1 53  ? -1.667  -1.775  14.279  1.00 35.22  ? 53  LYS A CD  1 
ATOM   360  C  CE  . LYS A 1 53  ? -2.716  -2.746  13.703  1.00 37.59  ? 53  LYS A CE  1 
ATOM   361  N  NZ  . LYS A 1 53  ? -2.718  -4.069  14.407  1.00 40.23  ? 53  LYS A NZ  1 
ATOM   362  N  N   A GLU A 1 54  ? -5.193  2.380   14.000  0.50 28.08  ? 54  GLU A N   1 
ATOM   363  N  N   B GLU A 1 54  ? -5.227  2.331   14.011  0.50 28.36  ? 54  GLU A N   1 
ATOM   364  C  CA  A GLU A 1 54  ? -6.634  2.629   13.994  0.50 28.02  ? 54  GLU A CA  1 
ATOM   365  C  CA  B GLU A 1 54  ? -6.671  2.606   13.921  0.50 28.57  ? 54  GLU A CA  1 
ATOM   366  C  C   A GLU A 1 54  ? -7.066  3.755   13.056  0.50 27.67  ? 54  GLU A C   1 
ATOM   367  C  C   B GLU A 1 54  ? -6.963  3.662   12.871  0.50 27.92  ? 54  GLU A C   1 
ATOM   368  O  O   A GLU A 1 54  ? -8.155  3.702   12.451  0.50 27.01  ? 54  GLU A O   1 
ATOM   369  O  O   B GLU A 1 54  ? -7.875  3.482   12.031  0.50 27.05  ? 54  GLU A O   1 
ATOM   370  C  CB  A GLU A 1 54  ? -7.124  2.847   15.425  0.50 28.37  ? 54  GLU A CB  1 
ATOM   371  C  CB  B GLU A 1 54  ? -7.322  2.995   15.263  0.50 29.30  ? 54  GLU A CB  1 
ATOM   372  C  CG  A GLU A 1 54  ? -7.046  1.563   16.239  0.50 30.10  ? 54  GLU A CG  1 
ATOM   373  C  CG  B GLU A 1 54  ? -8.763  3.559   15.061  0.50 32.65  ? 54  GLU A CG  1 
ATOM   374  C  CD  A GLU A 1 54  ? -7.393  1.738   17.695  0.50 33.11  ? 54  GLU A CD  1 
ATOM   375  C  CD  B GLU A 1 54  ? -9.728  3.327   16.209  0.50 38.14  ? 54  GLU A CD  1 
ATOM   376  O  OE1 A GLU A 1 54  ? -8.030  2.757   18.050  0.50 35.50  ? 54  GLU A OE1 1 
ATOM   377  O  OE1 B GLU A 1 54  ? -10.777 2.680   15.970  0.50 41.45  ? 54  GLU A OE1 1 
ATOM   378  O  OE2 A GLU A 1 54  ? -7.036  0.840   18.484  0.50 34.47  ? 54  GLU A OE2 1 
ATOM   379  O  OE2 B GLU A 1 54  ? -9.472  3.806   17.336  0.50 38.93  ? 54  GLU A OE2 1 
ATOM   380  N  N   . ILE A 1 55  ? -6.203  4.759   12.917  1.00 26.78  ? 55  ILE A N   1 
ATOM   381  C  CA  . ILE A 1 55  ? -6.425  5.855   11.992  1.00 26.91  ? 55  ILE A CA  1 
ATOM   382  C  C   . ILE A 1 55  ? -6.204  5.352   10.557  1.00 26.14  ? 55  ILE A C   1 
ATOM   383  O  O   . ILE A 1 55  ? -7.075  5.520   9.695   1.00 26.60  ? 55  ILE A O   1 
ATOM   384  C  CB  . ILE A 1 55  ? -5.484  7.060   12.288  1.00 26.91  ? 55  ILE A CB  1 
ATOM   385  C  CG1 . ILE A 1 55  ? -5.827  7.694   13.648  1.00 27.70  ? 55  ILE A CG1 1 
ATOM   386  C  CG2 . ILE A 1 55  ? -5.580  8.097   11.176  1.00 25.24  ? 55  ILE A CG2 1 
ATOM   387  C  CD1 . ILE A 1 55  ? -4.703  8.544   14.221  1.00 27.80  ? 55  ILE A CD1 1 
ATOM   388  N  N   . LEU A 1 56  ? -5.069  4.705   10.305  1.00 25.77  ? 56  LEU A N   1 
ATOM   389  C  CA  . LEU A 1 56  ? -4.774  4.296   8.916   1.00 25.40  ? 56  LEU A CA  1 
ATOM   390  C  C   . LEU A 1 56  ? -5.759  3.268   8.376   1.00 25.62  ? 56  LEU A C   1 
ATOM   391  O  O   . LEU A 1 56  ? -6.128  3.319   7.200   1.00 25.14  ? 56  LEU A O   1 
ATOM   392  C  CB  . LEU A 1 56  ? -3.345  3.777   8.782   1.00 25.66  ? 56  LEU A CB  1 
ATOM   393  C  CG  . LEU A 1 56  ? -2.217  4.815   8.934   1.00 25.94  ? 56  LEU A CG  1 
ATOM   394  C  CD1 . LEU A 1 56  ? -0.930  4.084   9.186   1.00 26.90  ? 56  LEU A CD1 1 
ATOM   395  C  CD2 . LEU A 1 56  ? -2.108  5.734   7.698   1.00 24.32  ? 56  LEU A CD2 1 
ATOM   396  N  N   . LYS A 1 57  ? -6.199  2.343   9.228   1.00 26.03  ? 57  LYS A N   1 
ATOM   397  C  CA  . LYS A 1 57  ? -7.168  1.344   8.783   1.00 26.79  ? 57  LYS A CA  1 
ATOM   398  C  C   . LYS A 1 57  ? -8.569  1.908   8.497   1.00 27.16  ? 57  LYS A C   1 
ATOM   399  O  O   . LYS A 1 57  ? -9.342  1.304   7.747   1.00 28.09  ? 57  LYS A O   1 
ATOM   400  C  CB  . LYS A 1 57  ? -7.243  0.201   9.796   1.00 26.52  ? 57  LYS A CB  1 
ATOM   401  C  CG  . LYS A 1 57  ? -6.006  -0.687  9.757   1.00 27.30  ? 57  LYS A CG  1 
ATOM   402  C  CD  . LYS A 1 57  ? -5.962  -1.664  10.956  1.00 28.51  ? 57  LYS A CD  1 
ATOM   403  C  CE  . LYS A 1 57  ? -7.039  -2.713  10.915  1.00 29.25  ? 57  LYS A CE  1 
ATOM   404  N  NZ  . LYS A 1 57  ? -6.934  -3.554  12.157  1.00 30.18  ? 57  LYS A NZ  1 
ATOM   405  N  N   . ALA A 1 58  ? -8.905  3.054   9.080   1.00 27.05  ? 58  ALA A N   1 
ATOM   406  C  CA  . ALA A 1 58  ? -10.213 3.688   8.789   1.00 26.98  ? 58  ALA A CA  1 
ATOM   407  C  C   . ALA A 1 58  ? -10.227 4.488   7.478   1.00 27.23  ? 58  ALA A C   1 
ATOM   408  O  O   . ALA A 1 58  ? -11.284 4.669   6.856   1.00 26.09  ? 58  ALA A O   1 
ATOM   409  C  CB  . ALA A 1 58  ? -10.621 4.585   9.947   1.00 26.83  ? 58  ALA A CB  1 
HETATM 410  N  N   . MSE A 1 59  ? -9.066  5.010   7.083   1.00 27.08  ? 59  MSE A N   1 
HETATM 411  C  CA  . MSE A 1 59  ? -8.980  5.902   5.922   1.00 29.51  ? 59  MSE A CA  1 
HETATM 412  C  C   . MSE A 1 59  ? -9.346  5.292   4.567   1.00 28.17  ? 59  MSE A C   1 
HETATM 413  O  O   . MSE A 1 59  ? -8.939  4.171   4.232   1.00 28.47  ? 59  MSE A O   1 
HETATM 414  C  CB  . MSE A 1 59  ? -7.584  6.551   5.861   1.00 28.16  ? 59  MSE A CB  1 
HETATM 415  C  CG  . MSE A 1 59  ? -7.397  7.557   6.961   1.00 28.75  ? 59  MSE A CG  1 
HETATM 416  SE SE  . MSE A 1 59  ? -5.548  8.203   7.091   1.00 40.08  ? 59  MSE A SE  1 
HETATM 417  C  CE  . MSE A 1 59  ? -5.619  9.424   5.626   1.00 32.73  ? 59  MSE A CE  1 
ATOM   418  N  N   . ARG A 1 60  ? -10.115 6.040   3.781   1.00 27.57  ? 60  ARG A N   1 
ATOM   419  C  CA  . ARG A 1 60  ? -10.399 5.642   2.387   1.00 26.48  ? 60  ARG A CA  1 
ATOM   420  C  C   . ARG A 1 60  ? -10.298 6.858   1.464   1.00 27.36  ? 60  ARG A C   1 
ATOM   421  O  O   . ARG A 1 60  ? -10.680 7.958   1.868   1.00 26.88  ? 60  ARG A O   1 
ATOM   422  C  CB  . ARG A 1 60  ? -11.819 5.053   2.270   1.00 26.80  ? 60  ARG A CB  1 
ATOM   423  C  CG  . ARG A 1 60  ? -12.078 3.833   3.107   1.00 26.54  ? 60  ARG A CG  1 
ATOM   424  C  CD  . ARG A 1 60  ? -11.361 2.600   2.531   1.00 27.16  ? 60  ARG A CD  1 
ATOM   425  N  NE  . ARG A 1 60  ? -11.781 1.383   3.239   1.00 27.43  ? 60  ARG A NE  1 
ATOM   426  C  CZ  . ARG A 1 60  ? -11.345 1.034   4.450   1.00 29.72  ? 60  ARG A CZ  1 
ATOM   427  N  NH1 . ARG A 1 60  ? -10.446 1.792   5.092   1.00 26.78  ? 60  ARG A NH1 1 
ATOM   428  N  NH2 . ARG A 1 60  ? -11.778 -0.101  5.005   1.00 28.50  ? 60  ARG A NH2 1 
ATOM   429  N  N   . PHE A 1 61  ? -9.807  6.668   0.233   1.00 26.29  ? 61  PHE A N   1 
ATOM   430  C  CA  . PHE A 1 61  ? -10.045 7.676   -0.810  1.00 27.51  ? 61  PHE A CA  1 
ATOM   431  C  C   . PHE A 1 61  ? -11.096 7.258   -1.846  1.00 28.73  ? 61  PHE A C   1 
ATOM   432  O  O   . PHE A 1 61  ? -11.462 8.055   -2.727  1.00 28.96  ? 61  PHE A O   1 
ATOM   433  C  CB  . PHE A 1 61  ? -8.738  8.127   -1.489  1.00 27.76  ? 61  PHE A CB  1 
ATOM   434  C  CG  . PHE A 1 61  ? -7.908  6.996   -2.082  1.00 27.25  ? 61  PHE A CG  1 
ATOM   435  C  CD1 . PHE A 1 61  ? -8.083  6.597   -3.399  1.00 29.21  ? 61  PHE A CD1 1 
ATOM   436  C  CD2 . PHE A 1 61  ? -6.934  6.366   -1.329  1.00 28.84  ? 61  PHE A CD2 1 
ATOM   437  C  CE1 . PHE A 1 61  ? -7.286  5.559   -3.956  1.00 29.21  ? 61  PHE A CE1 1 
ATOM   438  C  CE2 . PHE A 1 61  ? -6.131  5.330   -1.880  1.00 31.37  ? 61  PHE A CE2 1 
ATOM   439  C  CZ  . PHE A 1 61  ? -6.326  4.935   -3.193  1.00 28.30  ? 61  PHE A CZ  1 
ATOM   440  N  N   . GLU A 1 62  ? -11.540 6.004   -1.738  1.00 29.31  ? 62  GLU A N   1 
ATOM   441  C  CA  . GLU A 1 62  ? -12.683 5.451   -2.475  1.00 31.05  ? 62  GLU A CA  1 
ATOM   442  C  C   . GLU A 1 62  ? -12.872 4.059   -1.878  1.00 29.70  ? 62  GLU A C   1 
ATOM   443  O  O   . GLU A 1 62  ? -12.079 3.624   -1.046  1.00 29.34  ? 62  GLU A O   1 
ATOM   444  C  CB  . GLU A 1 62  ? -12.410 5.378   -3.988  1.00 30.59  ? 62  GLU A CB  1 
ATOM   445  C  CG  . GLU A 1 62  ? -11.120 4.610   -4.351  1.00 32.95  ? 62  GLU A CG  1 
ATOM   446  C  CD  . GLU A 1 62  ? -10.819 4.579   -5.867  1.00 36.45  ? 62  GLU A CD  1 
ATOM   447  O  OE1 . GLU A 1 62  ? -11.583 5.142   -6.658  1.00 43.89  ? 62  GLU A OE1 1 
ATOM   448  O  OE2 . GLU A 1 62  ? -9.806  3.979   -6.272  1.00 45.25  ? 62  GLU A OE2 1 
ATOM   449  N  N   . SER A 1 63  ? -13.923 3.357   -2.280  1.00 29.49  ? 63  SER A N   1 
ATOM   450  C  CA  . SER A 1 63  ? -14.175 2.033   -1.730  1.00 29.35  ? 63  SER A CA  1 
ATOM   451  C  C   . SER A 1 63  ? -12.985 1.100   -1.854  1.00 28.39  ? 63  SER A C   1 
ATOM   452  O  O   . SER A 1 63  ? -12.688 0.333   -0.918  1.00 30.02  ? 63  SER A O   1 
ATOM   453  C  CB  . SER A 1 63  ? -15.419 1.405   -2.354  1.00 29.84  ? 63  SER A CB  1 
ATOM   454  O  OG  . SER A 1 63  ? -16.584 2.078   -1.894  1.00 35.39  ? 63  SER A OG  1 
ATOM   455  N  N   . ASP A 1 64  ? -12.253 1.209   -2.967  1.00 26.79  ? 64  ASP A N   1 
ATOM   456  C  CA  . ASP A 1 64  ? -11.091 0.352   -3.200  1.00 26.05  ? 64  ASP A CA  1 
ATOM   457  C  C   . ASP A 1 64  ? -9.767  1.010   -2.802  1.00 25.48  ? 64  ASP A C   1 
ATOM   458  O  O   . ASP A 1 64  ? -8.717  0.490   -3.127  1.00 24.55  ? 64  ASP A O   1 
ATOM   459  C  CB  . ASP A 1 64  ? -11.029 -0.013  -4.688  1.00 26.09  ? 64  ASP A CB  1 
ATOM   460  C  CG  . ASP A 1 64  ? -12.150 -0.952  -5.092  1.00 27.60  ? 64  ASP A CG  1 
ATOM   461  O  OD1 . ASP A 1 64  ? -12.422 -1.897  -4.320  1.00 27.43  ? 64  ASP A OD1 1 
ATOM   462  O  OD2 . ASP A 1 64  ? -12.764 -0.734  -6.160  1.00 27.83  ? 64  ASP A OD2 1 
ATOM   463  N  N   . GLY A 1 65  ? -9.839  2.142   -2.110  1.00 25.06  ? 65  GLY A N   1 
ATOM   464  C  CA  . GLY A 1 65  ? -8.646  2.960   -1.833  1.00 25.28  ? 65  GLY A CA  1 
ATOM   465  C  C   . GLY A 1 65  ? -8.320  2.948   -0.355  1.00 25.80  ? 65  GLY A C   1 
ATOM   466  O  O   . GLY A 1 65  ? -8.933  3.697   0.423   1.00 26.27  ? 65  GLY A O   1 
ATOM   467  N  N   . TYR A 1 66  ? -7.350  2.111   0.042   1.00 24.49  ? 66  TYR A N   1 
ATOM   468  C  CA  . TYR A 1 66  ? -7.096  1.832   1.448   1.00 24.48  ? 66  TYR A CA  1 
ATOM   469  C  C   . TYR A 1 66  ? -5.607  1.586   1.692   1.00 24.16  ? 66  TYR A C   1 
ATOM   470  O  O   . TYR A 1 66  ? -4.838  1.399   0.729   1.00 22.76  ? 66  TYR A O   1 
ATOM   471  C  CB  . TYR A 1 66  ? -7.896  0.570   1.885   1.00 24.56  ? 66  TYR A CB  1 
ATOM   472  C  CG  . TYR A 1 66  ? -7.437  -0.693  1.144   1.00 24.72  ? 66  TYR A CG  1 
ATOM   473  C  CD1 . TYR A 1 66  ? -6.391  -1.466  1.638   1.00 25.98  ? 66  TYR A CD1 1 
ATOM   474  C  CD2 . TYR A 1 66  ? -8.029  -1.074  -0.070  1.00 25.50  ? 66  TYR A CD2 1 
ATOM   475  C  CE1 . TYR A 1 66  ? -5.948  -2.628  0.974   1.00 24.43  ? 66  TYR A CE1 1 
ATOM   476  C  CE2 . TYR A 1 66  ? -7.594  -2.239  -0.770  1.00 25.74  ? 66  TYR A CE2 1 
ATOM   477  C  CZ  . TYR A 1 66  ? -6.555  -3.003  -0.232  1.00 24.03  ? 66  TYR A CZ  1 
ATOM   478  O  OH  . TYR A 1 66  ? -6.124  -4.130  -0.889  1.00 25.08  ? 66  TYR A OH  1 
ATOM   479  N  N   . PHE A 1 67  ? -5.219  1.558   2.978   1.00 23.76  ? 67  PHE A N   1 
ATOM   480  C  CA  . PHE A 1 67  ? -3.837  1.295   3.388   1.00 24.59  ? 67  PHE A CA  1 
ATOM   481  C  C   . PHE A 1 67  ? -3.564  -0.122  3.905   1.00 25.09  ? 67  PHE A C   1 
ATOM   482  O  O   . PHE A 1 67  ? -4.438  -0.760  4.525   1.00 24.43  ? 67  PHE A O   1 
ATOM   483  C  CB  . PHE A 1 67  ? -3.421  2.265   4.500   1.00 24.61  ? 67  PHE A CB  1 
ATOM   484  C  CG  . PHE A 1 67  ? -3.266  3.655   4.044   1.00 25.77  ? 67  PHE A CG  1 
ATOM   485  C  CD1 . PHE A 1 67  ? -2.113  4.052   3.359   1.00 25.27  ? 67  PHE A CD1 1 
ATOM   486  C  CD2 . PHE A 1 67  ? -4.258  4.601   4.305   1.00 27.13  ? 67  PHE A CD2 1 
ATOM   487  C  CE1 . PHE A 1 67  ? -1.950  5.374   2.926   1.00 26.37  ? 67  PHE A CE1 1 
ATOM   488  C  CE2 . PHE A 1 67  ? -4.113  5.928   3.893   1.00 26.01  ? 67  PHE A CE2 1 
ATOM   489  C  CZ  . PHE A 1 67  ? -2.963  6.328   3.192   1.00 28.49  ? 67  PHE A CZ  1 
ATOM   490  N  N   . PHE A 1 68  ? -2.329  -0.572  3.674   1.00 23.83  ? 68  PHE A N   1 
ATOM   491  C  CA  . PHE A 1 68  ? -1.779  -1.762  4.292   1.00 24.81  ? 68  PHE A CA  1 
ATOM   492  C  C   . PHE A 1 68  ? -0.345  -1.438  4.746   1.00 24.38  ? 68  PHE A C   1 
ATOM   493  O  O   . PHE A 1 68  ? 0.270   -0.460  4.283   1.00 25.03  ? 68  PHE A O   1 
ATOM   494  C  CB  . PHE A 1 68  ? -1.761  -2.939  3.269   1.00 24.58  ? 68  PHE A CB  1 
ATOM   495  C  CG  . PHE A 1 68  ? -1.045  -2.590  1.981   1.00 26.60  ? 68  PHE A CG  1 
ATOM   496  C  CD1 . PHE A 1 68  ? 0.358   -2.583  1.927   1.00 26.07  ? 68  PHE A CD1 1 
ATOM   497  C  CD2 . PHE A 1 68  ? -1.758  -2.227  0.840   1.00 26.52  ? 68  PHE A CD2 1 
ATOM   498  C  CE1 . PHE A 1 68  ? 1.035   -2.228  0.740   1.00 27.96  ? 68  PHE A CE1 1 
ATOM   499  C  CE2 . PHE A 1 68  ? -1.093  -1.871  -0.360  1.00 26.75  ? 68  PHE A CE2 1 
ATOM   500  C  CZ  . PHE A 1 68  ? 0.301   -1.874  -0.409  1.00 26.01  ? 68  PHE A CZ  1 
ATOM   501  N  N   . ALA A 1 69  ? 0.207   -2.250  5.634   1.00 24.86  ? 69  ALA A N   1 
ATOM   502  C  CA  . ALA A 1 69  ? 1.644   -2.111  5.960   1.00 25.17  ? 69  ALA A CA  1 
ATOM   503  C  C   . ALA A 1 69  ? 2.273   -3.449  6.297   1.00 24.92  ? 69  ALA A C   1 
ATOM   504  O  O   . ALA A 1 69  ? 1.588   -4.329  6.856   1.00 25.55  ? 69  ALA A O   1 
ATOM   505  C  CB  . ALA A 1 69  ? 1.858   -1.091  7.102   1.00 24.31  ? 69  ALA A CB  1 
ATOM   506  N  N   . TYR A 1 70  ? 3.554   -3.608  5.938   1.00 24.67  ? 70  TYR A N   1 
ATOM   507  C  CA  . TYR A 1 70  ? 4.327   -4.823  6.234   1.00 25.02  ? 70  TYR A CA  1 
ATOM   508  C  C   . TYR A 1 70  ? 5.648   -4.381  6.845   1.00 25.54  ? 70  TYR A C   1 
ATOM   509  O  O   . TYR A 1 70  ? 6.132   -3.293  6.508   1.00 25.22  ? 70  TYR A O   1 
ATOM   510  C  CB  . TYR A 1 70  ? 4.604   -5.601  4.926   1.00 24.86  ? 70  TYR A CB  1 
ATOM   511  C  CG  . TYR A 1 70  ? 3.328   -6.149  4.307   1.00 25.88  ? 70  TYR A CG  1 
ATOM   512  C  CD1 . TYR A 1 70  ? 2.894   -7.441  4.607   1.00 25.99  ? 70  TYR A CD1 1 
ATOM   513  C  CD2 . TYR A 1 70  ? 2.536   -5.358  3.470   1.00 23.61  ? 70  TYR A CD2 1 
ATOM   514  C  CE1 . TYR A 1 70  ? 1.711   -7.941  4.068   1.00 26.14  ? 70  TYR A CE1 1 
ATOM   515  C  CE2 . TYR A 1 70  ? 1.341   -5.866  2.889   1.00 25.77  ? 70  TYR A CE2 1 
ATOM   516  C  CZ  . TYR A 1 70  ? 0.942   -7.156  3.222   1.00 26.01  ? 70  TYR A CZ  1 
ATOM   517  O  OH  . TYR A 1 70  ? -0.213  -7.685  2.710   1.00 26.06  ? 70  TYR A OH  1 
ATOM   518  N  N   . ASP A 1 71  ? 6.225   -5.196  7.729   1.00 25.19  ? 71  ASP A N   1 
ATOM   519  C  CA  . ASP A 1 71  ? 7.591   -4.923  8.177   1.00 26.84  ? 71  ASP A CA  1 
ATOM   520  C  C   . ASP A 1 71  ? 8.620   -5.449  7.165   1.00 26.17  ? 71  ASP A C   1 
ATOM   521  O  O   . ASP A 1 71  ? 8.246   -6.047  6.155   1.00 26.91  ? 71  ASP A O   1 
ATOM   522  C  CB  . ASP A 1 71  ? 7.851   -5.391  9.624   1.00 26.32  ? 71  ASP A CB  1 
ATOM   523  C  CG  . ASP A 1 71  ? 7.945   -6.902  9.764   1.00 29.10  ? 71  ASP A CG  1 
ATOM   524  O  OD1 . ASP A 1 71  ? 8.139   -7.602  8.748   1.00 30.05  ? 71  ASP A OD1 1 
ATOM   525  O  OD2 . ASP A 1 71  ? 7.835   -7.390  10.917  1.00 31.23  ? 71  ASP A OD2 1 
ATOM   526  N  N   . SER A 1 72  ? 9.904   -5.228  7.427   1.00 26.53  ? 72  SER A N   1 
ATOM   527  C  CA  . SER A 1 72  ? 10.950  -5.598  6.452   1.00 26.96  ? 72  SER A CA  1 
ATOM   528  C  C   . SER A 1 72  ? 11.073  -7.110  6.251   1.00 27.85  ? 72  SER A C   1 
ATOM   529  O  O   . SER A 1 72  ? 11.619  -7.563  5.225   1.00 28.24  ? 72  SER A O   1 
ATOM   530  C  CB  . SER A 1 72  ? 12.310  -4.993  6.832   1.00 26.87  ? 72  SER A CB  1 
ATOM   531  O  OG  . SER A 1 72  ? 12.264  -3.599  6.644   1.00 27.72  ? 72  SER A OG  1 
ATOM   532  N  N   . GLN A 1 73  ? 10.567  -7.885  7.213   1.00 27.05  ? 73  GLN A N   1 
ATOM   533  C  CA  . GLN A 1 73  ? 10.517  -9.354  7.072   1.00 27.86  ? 73  GLN A CA  1 
ATOM   534  C  C   . GLN A 1 73  ? 9.263   -9.872  6.332   1.00 26.84  ? 73  GLN A C   1 
ATOM   535  O  O   . GLN A 1 73  ? 9.105   -11.076 6.134   1.00 26.47  ? 73  GLN A O   1 
ATOM   536  C  CB  . GLN A 1 73  ? 10.639  -10.034 8.456   1.00 28.54  ? 73  GLN A CB  1 
ATOM   537  C  CG  . GLN A 1 73  ? 11.804  -9.514  9.338   1.00 33.69  ? 73  GLN A CG  1 
ATOM   538  C  CD  . GLN A 1 73  ? 13.078  -9.287  8.568   1.00 40.95  ? 73  GLN A CD  1 
ATOM   539  O  OE1 . GLN A 1 73  ? 13.630  -10.217 7.971   1.00 44.18  ? 73  GLN A OE1 1 
ATOM   540  N  NE2 . GLN A 1 73  ? 13.554  -8.038  8.564   1.00 41.97  ? 73  GLN A NE2 1 
ATOM   541  N  N   . GLY A 1 74  ? 8.374   -8.966  5.939   1.00 26.21  ? 74  GLY A N   1 
ATOM   542  C  CA  . GLY A 1 74  ? 7.162   -9.340  5.206   1.00 26.31  ? 74  GLY A CA  1 
ATOM   543  C  C   . GLY A 1 74  ? 5.974   -9.689  6.098   1.00 26.19  ? 74  GLY A C   1 
ATOM   544  O  O   . GLY A 1 74  ? 4.983   -10.253 5.632   1.00 26.06  ? 74  GLY A O   1 
ATOM   545  N  N   . ILE A 1 75  ? 6.103   -9.392  7.383   1.00 25.91  ? 75  ILE A N   1 
ATOM   546  C  CA  . ILE A 1 75  ? 5.005   -9.611  8.332   1.00 25.78  ? 75  ILE A CA  1 
ATOM   547  C  C   . ILE A 1 75  ? 4.020   -8.453  8.236   1.00 25.67  ? 75  ILE A C   1 
ATOM   548  O  O   . ILE A 1 75  ? 4.395   -7.288  8.375   1.00 24.82  ? 75  ILE A O   1 
ATOM   549  C  CB  . ILE A 1 75  ? 5.513   -9.801  9.768   1.00 26.24  ? 75  ILE A CB  1 
ATOM   550  C  CG1 . ILE A 1 75  ? 6.438   -11.023 9.821   1.00 27.73  ? 75  ILE A CG1 1 
ATOM   551  C  CG2 . ILE A 1 75  ? 4.308   -10.021 10.747  1.00 26.64  ? 75  ILE A CG2 1 
ATOM   552  C  CD1 . ILE A 1 75  ? 7.300   -11.080 11.083  1.00 31.83  ? 75  ILE A CD1 1 
ATOM   553  N  N   . ASN A 1 76  ? 2.762   -8.776  7.963   1.00 25.51  ? 76  ASN A N   1 
ATOM   554  C  CA  . ASN A 1 76  ? 1.729   -7.746  7.934   1.00 25.31  ? 76  ASN A CA  1 
ATOM   555  C  C   . ASN A 1 76  ? 1.569   -7.087  9.306   1.00 25.43  ? 76  ASN A C   1 
ATOM   556  O  O   . ASN A 1 76  ? 1.413   -7.770  10.322  1.00 24.30  ? 76  ASN A O   1 
ATOM   557  C  CB  . ASN A 1 76  ? 0.392   -8.303  7.420   1.00 24.94  ? 76  ASN A CB  1 
ATOM   558  C  CG  . ASN A 1 76  ? -0.658  -7.214  7.278   1.00 25.52  ? 76  ASN A CG  1 
ATOM   559  O  OD1 . ASN A 1 76  ? -1.478  -7.032  8.161   1.00 26.94  ? 76  ASN A OD1 1 
ATOM   560  N  ND2 . ASN A 1 76  ? -0.600  -6.461  6.181   1.00 24.12  ? 76  ASN A ND2 1 
ATOM   561  N  N   . THR A 1 77  ? 1.633   -5.753  9.318   1.00 25.03  ? 77  THR A N   1 
ATOM   562  C  CA  . THR A 1 77  ? 1.450   -4.979  10.526  1.00 24.88  ? 77  THR A CA  1 
ATOM   563  C  C   . THR A 1 77  ? 0.099   -4.253  10.572  1.00 25.09  ? 77  THR A C   1 
ATOM   564  O  O   . THR A 1 77  ? -0.417  -3.976  11.666  1.00 25.58  ? 77  THR A O   1 
ATOM   565  C  CB  . THR A 1 77  ? 2.597   -3.985  10.756  1.00 24.59  ? 77  THR A CB  1 
ATOM   566  O  OG1 . THR A 1 77  ? 2.643   -3.031  9.700   1.00 26.18  ? 77  THR A OG1 1 
ATOM   567  C  CG2 . THR A 1 77  ? 3.966   -4.741  10.829  1.00 25.55  ? 77  THR A CG2 1 
ATOM   568  N  N   . LEU A 1 78  ? -0.488  -3.976  9.412   1.00 23.89  ? 78  LEU A N   1 
ATOM   569  C  CA  . LEU A 1 78  ? -1.891  -3.539  9.418   1.00 23.75  ? 78  LEU A CA  1 
ATOM   570  C  C   . LEU A 1 78  ? -2.509  -3.832  8.077   1.00 23.76  ? 78  LEU A C   1 
ATOM   571  O  O   . LEU A 1 78  ? -1.811  -3.798  7.049   1.00 23.96  ? 78  LEU A O   1 
ATOM   572  C  CB  . LEU A 1 78  ? -2.005  -2.051  9.767   1.00 24.56  ? 78  LEU A CB  1 
ATOM   573  C  CG  . LEU A 1 78  ? -1.465  -1.048  8.734   1.00 25.49  ? 78  LEU A CG  1 
ATOM   574  C  CD1 . LEU A 1 78  ? -2.612  -0.480  7.834   1.00 25.03  ? 78  LEU A CD1 1 
ATOM   575  C  CD2 . LEU A 1 78  ? -0.739  0.099   9.422   1.00 26.42  ? 78  LEU A CD2 1 
ATOM   576  N  N   . HIS A 1 79  ? -3.812  -4.128  8.061   1.00 23.23  ? 79  HIS A N   1 
ATOM   577  C  CA  . HIS A 1 79  ? -4.501  -4.273  6.775   1.00 23.81  ? 79  HIS A CA  1 
ATOM   578  C  C   . HIS A 1 79  ? -5.927  -3.788  6.920   1.00 24.20  ? 79  HIS A C   1 
ATOM   579  O  O   . HIS A 1 79  ? -6.687  -4.330  7.728   1.00 23.65  ? 79  HIS A O   1 
ATOM   580  C  CB  . HIS A 1 79  ? -4.469  -5.724  6.255   1.00 24.91  ? 79  HIS A CB  1 
ATOM   581  C  CG  . HIS A 1 79  ? -4.631  -5.795  4.765   1.00 25.87  ? 79  HIS A CG  1 
ATOM   582  N  ND1 . HIS A 1 79  ? -5.840  -5.570  4.134   1.00 25.99  ? 79  HIS A ND1 1 
ATOM   583  C  CD2 . HIS A 1 79  ? -3.711  -5.938  3.785   1.00 22.73  ? 79  HIS A CD2 1 
ATOM   584  C  CE1 . HIS A 1 79  ? -5.665  -5.649  2.823   1.00 25.38  ? 79  HIS A CE1 1 
ATOM   585  N  NE2 . HIS A 1 79  ? -4.378  -5.860  2.586   1.00 25.82  ? 79  HIS A NE2 1 
ATOM   586  N  N   . ALA A 1 80  ? -6.272  -2.737  6.178   1.00 24.12  ? 80  ALA A N   1 
ATOM   587  C  CA  . ALA A 1 80  ? -7.570  -2.078  6.360   1.00 24.47  ? 80  ALA A CA  1 
ATOM   588  C  C   . ALA A 1 80  ? -8.741  -2.983  5.963   1.00 24.87  ? 80  ALA A C   1 
ATOM   589  O  O   . ALA A 1 80  ? -9.822  -2.889  6.543   1.00 24.43  ? 80  ALA A O   1 
ATOM   590  C  CB  . ALA A 1 80  ? -7.639  -0.773  5.547   1.00 24.45  ? 80  ALA A CB  1 
ATOM   591  N  N   . ILE A 1 81  ? -8.521  -3.816  4.947   1.00 23.80  ? 81  ILE A N   1 
ATOM   592  C  CA  . ILE A 1 81  ? -9.575  -4.668  4.381   1.00 23.78  ? 81  ILE A CA  1 
ATOM   593  C  C   . ILE A 1 81  ? -9.699  -6.049  5.061   1.00 23.43  ? 81  ILE A C   1 
ATOM   594  O  O   . ILE A 1 81  ? -10.812 -6.538  5.304   1.00 23.27  ? 81  ILE A O   1 
ATOM   595  C  CB  . ILE A 1 81  ? -9.332  -4.845  2.852   1.00 23.67  ? 81  ILE A CB  1 
ATOM   596  C  CG1 . ILE A 1 81  ? -9.359  -3.478  2.114   1.00 24.16  ? 81  ILE A CG1 1 
ATOM   597  C  CG2 . ILE A 1 81  ? -10.295 -5.874  2.216   1.00 24.94  ? 81  ILE A CG2 1 
ATOM   598  C  CD1 . ILE A 1 81  ? -10.670 -2.633  2.286   1.00 24.81  ? 81  ILE A CD1 1 
ATOM   599  N  N   . LYS A 1 82  ? -8.553  -6.688  5.303   1.00 23.75  ? 82  LYS A N   1 
ATOM   600  C  CA  . LYS A 1 82  ? -8.531  -8.043  5.857   1.00 24.66  ? 82  LYS A CA  1 
ATOM   601  C  C   . LYS A 1 82  ? -7.599  -8.049  7.067   1.00 25.15  ? 82  LYS A C   1 
ATOM   602  O  O   . LYS A 1 82  ? -6.423  -8.456  6.947   1.00 23.86  ? 82  LYS A O   1 
ATOM   603  C  CB  . LYS A 1 82  ? -8.054  -9.046  4.801   1.00 24.32  ? 82  LYS A CB  1 
ATOM   604  C  CG  . LYS A 1 82  ? -8.266  -10.537 5.220   1.00 22.90  ? 82  LYS A CG  1 
ATOM   605  C  CD  . LYS A 1 82  ? -7.698  -11.459 4.151   1.00 27.61  ? 82  LYS A CD  1 
ATOM   606  C  CE  . LYS A 1 82  ? -7.915  -12.930 4.539   1.00 30.66  ? 82  LYS A CE  1 
ATOM   607  N  NZ  . LYS A 1 82  ? -7.489  -13.793 3.380   1.00 32.62  ? 82  LYS A NZ  1 
ATOM   608  N  N   . PRO A 1 83  ? -8.108  -7.571  8.223   1.00 25.69  ? 83  PRO A N   1 
ATOM   609  C  CA  . PRO A 1 83  ? -7.262  -7.466  9.415   1.00 26.88  ? 83  PRO A CA  1 
ATOM   610  C  C   . PRO A 1 83  ? -6.730  -8.806  9.965   1.00 27.00  ? 83  PRO A C   1 
ATOM   611  O  O   . PRO A 1 83  ? -5.758  -8.799  10.716  1.00 26.73  ? 83  PRO A O   1 
ATOM   612  C  CB  . PRO A 1 83  ? -8.171  -6.750  10.426  1.00 27.28  ? 83  PRO A CB  1 
ATOM   613  C  CG  . PRO A 1 83  ? -9.589  -7.099  9.973   1.00 26.94  ? 83  PRO A CG  1 
ATOM   614  C  CD  . PRO A 1 83  ? -9.476  -7.050  8.478   1.00 26.33  ? 83  PRO A CD  1 
ATOM   615  N  N   . SER A 1 84  ? -7.369  -9.925  9.604   1.00 26.36  ? 84  SER A N   1 
ATOM   616  C  CA  . SER A 1 84  ? -6.845  -11.261 9.873   1.00 26.60  ? 84  SER A CA  1 
ATOM   617  C  C   . SER A 1 84  ? -5.462  -11.556 9.265   1.00 26.13  ? 84  SER A C   1 
ATOM   618  O  O   . SER A 1 84  ? -4.796  -12.496 9.680   1.00 26.70  ? 84  SER A O   1 
ATOM   619  C  CB  . SER A 1 84  ? -7.881  -12.356 9.518   1.00 26.57  ? 84  SER A CB  1 
ATOM   620  O  OG  . SER A 1 84  ? -8.091  -12.450 8.115   1.00 27.68  ? 84  SER A OG  1 
ATOM   621  N  N   . LEU A 1 85  ? -4.999  -10.740 8.319   1.00 25.80  ? 85  LEU A N   1 
ATOM   622  C  CA  . LEU A 1 85  ? -3.640  -10.890 7.789   1.00 25.87  ? 85  LEU A CA  1 
ATOM   623  C  C   . LEU A 1 85  ? -2.592  -10.416 8.797   1.00 25.56  ? 85  LEU A C   1 
ATOM   624  O  O   . LEU A 1 85  ? -1.424  -10.785 8.695   1.00 25.23  ? 85  LEU A O   1 
ATOM   625  C  CB  . LEU A 1 85  ? -3.459  -10.101 6.474   1.00 25.85  ? 85  LEU A CB  1 
ATOM   626  C  CG  . LEU A 1 85  ? -4.306  -10.610 5.300   1.00 26.81  ? 85  LEU A CG  1 
ATOM   627  C  CD1 . LEU A 1 85  ? -4.014  -9.736  4.055   1.00 27.92  ? 85  LEU A CD1 1 
ATOM   628  C  CD2 . LEU A 1 85  ? -4.050  -12.118 5.017   1.00 26.29  ? 85  LEU A CD2 1 
ATOM   629  N  N   . GLU A 1 86  ? -3.014  -9.592  9.754   1.00 25.98  ? 86  GLU A N   1 
ATOM   630  C  CA  . GLU A 1 86  ? -2.050  -8.943  10.666  1.00 27.16  ? 86  GLU A CA  1 
ATOM   631  C  C   . GLU A 1 86  ? -1.315  -9.991  11.481  1.00 26.71  ? 86  GLU A C   1 
ATOM   632  O  O   . GLU A 1 86  ? -1.927  -10.920 12.042  1.00 24.66  ? 86  GLU A O   1 
ATOM   633  C  CB  . GLU A 1 86  ? -2.728  -7.887  11.541  1.00 27.84  ? 86  GLU A CB  1 
ATOM   634  C  CG  . GLU A 1 86  ? -3.240  -6.685  10.706  1.00 27.54  ? 86  GLU A CG  1 
ATOM   635  C  CD  . GLU A 1 86  ? -4.198  -5.769  11.440  1.00 30.71  ? 86  GLU A CD  1 
ATOM   636  O  OE1 . GLU A 1 86  ? -4.359  -5.910  12.675  1.00 31.98  ? 86  GLU A OE1 1 
ATOM   637  O  OE2 . GLU A 1 86  ? -4.804  -4.902  10.761  1.00 29.04  ? 86  GLU A OE2 1 
ATOM   638  N  N   . GLY A 1 87  ? 0.012   -9.879  11.484  1.00 26.34  ? 87  GLY A N   1 
ATOM   639  C  CA  . GLY A 1 87  ? 0.851   -10.861 12.150  1.00 27.04  ? 87  GLY A CA  1 
ATOM   640  C  C   . GLY A 1 87  ? 1.272   -12.035 11.277  1.00 27.57  ? 87  GLY A C   1 
ATOM   641  O  O   . GLY A 1 87  ? 2.089   -12.847 11.701  1.00 27.60  ? 87  GLY A O   1 
ATOM   642  N  N   . LYS A 1 88  ? 0.720   -12.168 10.071  1.00 27.03  ? 88  LYS A N   1 
ATOM   643  C  CA  . LYS A 1 88  ? 1.158   -13.265 9.187   1.00 28.01  ? 88  LYS A CA  1 
ATOM   644  C  C   . LYS A 1 88  ? 2.368   -12.875 8.332   1.00 27.51  ? 88  LYS A C   1 
ATOM   645  O  O   . LYS A 1 88  ? 2.437   -11.755 7.842   1.00 27.12  ? 88  LYS A O   1 
ATOM   646  C  CB  . LYS A 1 88  ? 0.030   -13.744 8.277   1.00 28.75  ? 88  LYS A CB  1 
ATOM   647  C  CG  . LYS A 1 88  ? -1.161  -14.313 9.054   1.00 30.29  ? 88  LYS A CG  1 
ATOM   648  C  CD  . LYS A 1 88  ? -2.281  -14.821 8.132   1.00 30.82  ? 88  LYS A CD  1 
ATOM   649  C  CE  . LYS A 1 88  ? -3.389  -15.527 8.942   1.00 33.89  ? 88  LYS A CE  1 
ATOM   650  N  NZ  . LYS A 1 88  ? -2.795  -16.552 9.861   1.00 36.99  ? 88  LYS A NZ  1 
ATOM   651  N  N   . ASN A 1 89  ? 3.291   -13.819 8.146   1.00 26.35  ? 89  ASN A N   1 
ATOM   652  C  CA  . ASN A 1 89  ? 4.466   -13.582 7.311   1.00 26.99  ? 89  ASN A CA  1 
ATOM   653  C  C   . ASN A 1 89  ? 4.124   -13.888 5.846   1.00 26.74  ? 89  ASN A C   1 
ATOM   654  O  O   . ASN A 1 89  ? 3.918   -15.052 5.463   1.00 26.39  ? 89  ASN A O   1 
ATOM   655  C  CB  . ASN A 1 89  ? 5.647   -14.424 7.789   1.00 26.80  ? 89  ASN A CB  1 
ATOM   656  C  CG  . ASN A 1 89  ? 6.929   -14.090 7.054   1.00 28.72  ? 89  ASN A CG  1 
ATOM   657  O  OD1 . ASN A 1 89  ? 6.921   -13.827 5.849   1.00 28.10  ? 89  ASN A OD1 1 
ATOM   658  N  ND2 . ASN A 1 89  ? 8.038   -14.108 7.774   1.00 29.54  ? 89  ASN A ND2 1 
ATOM   659  N  N   . LEU A 1 90  ? 4.038   -12.838 5.046   1.00 24.69  ? 90  LEU A N   1 
ATOM   660  C  CA  . LEU A 1 90  ? 3.643   -12.971 3.634   1.00 26.28  ? 90  LEU A CA  1 
ATOM   661  C  C   . LEU A 1 90  ? 4.800   -12.656 2.692   1.00 26.50  ? 90  LEU A C   1 
ATOM   662  O  O   . LEU A 1 90  ? 4.577   -12.362 1.519   1.00 26.90  ? 90  LEU A O   1 
ATOM   663  C  CB  . LEU A 1 90  ? 2.425   -12.082 3.292   1.00 26.03  ? 90  LEU A CB  1 
ATOM   664  C  CG  . LEU A 1 90  ? 1.146   -12.313 4.114   1.00 27.82  ? 90  LEU A CG  1 
ATOM   665  C  CD1 . LEU A 1 90  ? -0.040  -11.445 3.569   1.00 27.97  ? 90  LEU A CD1 1 
ATOM   666  C  CD2 . LEU A 1 90  ? 0.767   -13.765 4.172   1.00 30.92  ? 90  LEU A CD2 1 
ATOM   667  N  N   . TYR A 1 91  ? 6.030   -12.761 3.198   1.00 26.98  ? 91  TYR A N   1 
ATOM   668  C  CA  . TYR A 1 91  ? 7.216   -12.465 2.380   1.00 27.41  ? 91  TYR A CA  1 
ATOM   669  C  C   . TYR A 1 91  ? 7.294   -13.301 1.077   1.00 28.38  ? 91  TYR A C   1 
ATOM   670  O  O   . TYR A 1 91  ? 7.650   -12.776 0.011   1.00 28.21  ? 91  TYR A O   1 
ATOM   671  C  CB  . TYR A 1 91  ? 8.496   -12.626 3.204   1.00 27.84  ? 91  TYR A CB  1 
ATOM   672  C  CG  . TYR A 1 91  ? 9.666   -12.007 2.493   1.00 27.91  ? 91  TYR A CG  1 
ATOM   673  C  CD1 . TYR A 1 91  ? 9.888   -10.638 2.567   1.00 29.24  ? 91  TYR A CD1 1 
ATOM   674  C  CD2 . TYR A 1 91  ? 10.516  -12.785 1.708   1.00 29.47  ? 91  TYR A CD2 1 
ATOM   675  C  CE1 . TYR A 1 91  ? 10.968  -10.039 1.893   1.00 29.83  ? 91  TYR A CE1 1 
ATOM   676  C  CE2 . TYR A 1 91  ? 11.603  -12.205 1.010   1.00 30.33  ? 91  TYR A CE2 1 
ATOM   677  C  CZ  . TYR A 1 91  ? 11.804  -10.827 1.114   1.00 31.66  ? 91  TYR A CZ  1 
ATOM   678  O  OH  . TYR A 1 91  ? 12.844  -10.245 0.446   1.00 30.49  ? 91  TYR A OH  1 
ATOM   679  N  N   . ASP A 1 92  ? 6.956   -14.591 1.166   1.00 29.33  ? 92  ASP A N   1 
ATOM   680  C  CA  . ASP A 1 92  ? 6.969   -15.475 -0.005  1.00 30.55  ? 92  ASP A CA  1 
ATOM   681  C  C   . ASP A 1 92  ? 5.717   -15.416 -0.888  1.00 30.46  ? 92  ASP A C   1 
ATOM   682  O  O   . ASP A 1 92  ? 5.644   -16.147 -1.889  1.00 29.77  ? 92  ASP A O   1 
ATOM   683  C  CB  . ASP A 1 92  ? 7.189   -16.944 0.384   1.00 32.29  ? 92  ASP A CB  1 
ATOM   684  C  CG  . ASP A 1 92  ? 8.384   -17.153 1.270   1.00 36.62  ? 92  ASP A CG  1 
ATOM   685  O  OD1 . ASP A 1 92  ? 9.423   -16.491 1.065   1.00 40.51  ? 92  ASP A OD1 1 
ATOM   686  O  OD2 . ASP A 1 92  ? 8.281   -18.024 2.165   1.00 43.95  ? 92  ASP A OD2 1 
ATOM   687  N  N   . LEU A 1 93  ? 4.734   -14.584 -0.534  1.00 29.50  ? 93  LEU A N   1 
ATOM   688  C  CA  . LEU A 1 93  ? 3.471   -14.563 -1.280  1.00 29.95  ? 93  LEU A CA  1 
ATOM   689  C  C   . LEU A 1 93  ? 3.633   -14.133 -2.745  1.00 29.23  ? 93  LEU A C   1 
ATOM   690  O  O   . LEU A 1 93  ? 4.235   -13.098 -3.028  1.00 29.44  ? 93  LEU A O   1 
ATOM   691  C  CB  . LEU A 1 93  ? 2.438   -13.654 -0.588  1.00 29.14  ? 93  LEU A CB  1 
ATOM   692  C  CG  . LEU A 1 93  ? 1.050   -13.451 -1.212  1.00 31.29  ? 93  LEU A CG  1 
ATOM   693  C  CD1 . LEU A 1 93  ? 0.047   -13.012 -0.163  1.00 32.44  ? 93  LEU A CD1 1 
ATOM   694  C  CD2 . LEU A 1 93  ? 1.090   -12.408 -2.356  1.00 33.24  ? 93  LEU A CD2 1 
ATOM   695  N  N   . LYS A 1 94  ? 3.035   -14.896 -3.658  1.00 28.47  ? 94  LYS A N   1 
ATOM   696  C  CA  . LYS A 1 94  ? 3.020   -14.533 -5.069  1.00 29.18  ? 94  LYS A CA  1 
ATOM   697  C  C   . LYS A 1 94  ? 1.592   -14.293 -5.552  1.00 28.44  ? 94  LYS A C   1 
ATOM   698  O  O   . LYS A 1 94  ? 0.675   -14.981 -5.111  1.00 28.08  ? 94  LYS A O   1 
ATOM   699  C  CB  . LYS A 1 94  ? 3.685   -15.629 -5.904  1.00 30.12  ? 94  LYS A CB  1 
ATOM   700  C  CG  . LYS A 1 94  ? 5.208   -15.773 -5.631  1.00 31.22  ? 94  LYS A CG  1 
ATOM   701  C  CD  . LYS A 1 94  ? 5.782   -16.913 -6.455  1.00 34.67  ? 94  LYS A CD  1 
ATOM   702  C  CE  . LYS A 1 94  ? 7.228   -17.289 -6.032  1.00 36.08  ? 94  LYS A CE  1 
ATOM   703  N  NZ  . LYS A 1 94  ? 8.236   -16.194 -6.143  1.00 39.04  ? 94  LYS A NZ  1 
ATOM   704  N  N   . ASP A 1 95  ? 1.392   -13.315 -6.431  1.00 26.81  ? 95  ASP A N   1 
ATOM   705  C  CA  . ASP A 1 95  ? 0.065   -13.173 -7.055  1.00 27.22  ? 95  ASP A CA  1 
ATOM   706  C  C   . ASP A 1 95  ? -0.132  -14.236 -8.149  1.00 27.05  ? 95  ASP A C   1 
ATOM   707  O  O   . ASP A 1 95  ? 0.723   -15.122 -8.307  1.00 24.51  ? 95  ASP A O   1 
ATOM   708  C  CB  . ASP A 1 95  ? -0.193  -11.733 -7.532  1.00 26.68  ? 95  ASP A CB  1 
ATOM   709  C  CG  . ASP A 1 95  ? 0.627   -11.351 -8.766  1.00 28.13  ? 95  ASP A CG  1 
ATOM   710  O  OD1 . ASP A 1 95  ? 1.255   -12.248 -9.402  1.00 26.61  ? 95  ASP A OD1 1 
ATOM   711  O  OD2 . ASP A 1 95  ? 0.619   -10.143 -9.114  1.00 27.57  ? 95  ASP A OD2 1 
ATOM   712  N  N   . GLU A 1 96  ? -1.250  -14.153 -8.885  1.00 27.47  ? 96  GLU A N   1 
ATOM   713  C  CA  . GLU A 1 96  ? -1.600  -15.140 -9.910  1.00 29.23  ? 96  GLU A CA  1 
ATOM   714  C  C   . GLU A 1 96  ? -0.601  -15.140 -11.069 1.00 28.15  ? 96  GLU A C   1 
ATOM   715  O  O   . GLU A 1 96  ? -0.537  -16.108 -11.819 1.00 27.26  ? 96  GLU A O   1 
ATOM   716  C  CB  . GLU A 1 96  ? -3.021  -14.881 -10.462 1.00 29.77  ? 96  GLU A CB  1 
ATOM   717  C  CG  . GLU A 1 96  ? -3.142  -13.554 -11.241 1.00 32.32  ? 96  GLU A CG  1 
ATOM   718  C  CD  . GLU A 1 96  ? -4.578  -13.186 -11.546 1.00 34.50  ? 96  GLU A CD  1 
ATOM   719  O  OE1 . GLU A 1 96  ? -5.324  -12.867 -10.591 1.00 37.10  ? 96  GLU A OE1 1 
ATOM   720  O  OE2 . GLU A 1 96  ? -4.956  -13.217 -12.751 1.00 38.77  ? 96  GLU A OE2 1 
ATOM   721  N  N   . ASN A 1 97  ? 0.187   -14.063 -11.199 1.00 26.71  ? 97  ASN A N   1 
ATOM   722  C  CA  . ASN A 1 97  ? 1.185   -13.971 -12.270 1.00 26.84  ? 97  ASN A CA  1 
ATOM   723  C  C   . ASN A 1 97  ? 2.607   -14.237 -11.792 1.00 26.04  ? 97  ASN A C   1 
ATOM   724  O  O   . ASN A 1 97  ? 3.573   -14.017 -12.525 1.00 26.77  ? 97  ASN A O   1 
ATOM   725  C  CB  . ASN A 1 97  ? 1.095   -12.611 -12.980 1.00 26.89  ? 97  ASN A CB  1 
ATOM   726  C  CG  . ASN A 1 97  ? -0.266  -12.389 -13.611 1.00 30.16  ? 97  ASN A CG  1 
ATOM   727  O  OD1 . ASN A 1 97  ? -0.826  -13.305 -14.229 1.00 32.11  ? 97  ASN A OD1 1 
ATOM   728  N  ND2 . ASN A 1 97  ? -0.828  -11.191 -13.425 1.00 30.97  ? 97  ASN A ND2 1 
ATOM   729  N  N   . GLY A 1 98  ? 2.740   -14.690 -10.552 1.00 26.13  ? 98  GLY A N   1 
ATOM   730  C  CA  . GLY A 1 98  ? 4.063   -14.998 -9.987  1.00 25.43  ? 98  GLY A CA  1 
ATOM   731  C  C   . GLY A 1 98  ? 4.840   -13.783 -9.493  1.00 25.63  ? 98  GLY A C   1 
ATOM   732  O  O   . GLY A 1 98  ? 6.052   -13.882 -9.256  1.00 25.51  ? 98  GLY A O   1 
ATOM   733  N  N   . VAL A 1 99  ? 4.177   -12.633 -9.359  1.00 25.22  ? 99  VAL A N   1 
ATOM   734  C  CA  . VAL A 1 99  ? 4.826   -11.444 -8.783  1.00 25.83  ? 99  VAL A CA  1 
ATOM   735  C  C   . VAL A 1 99  ? 4.960   -11.624 -7.258  1.00 25.68  ? 99  VAL A C   1 
ATOM   736  O  O   . VAL A 1 99  ? 3.965   -11.864 -6.581  1.00 25.88  ? 99  VAL A O   1 
ATOM   737  C  CB  . VAL A 1 99  ? 4.056   -10.122 -9.076  1.00 25.75  ? 99  VAL A CB  1 
ATOM   738  C  CG1 . VAL A 1 99  ? 4.728   -8.917  -8.309  1.00 25.92  ? 99  VAL A CG1 1 
ATOM   739  C  CG2 . VAL A 1 99  ? 4.002   -9.826  -10.593 1.00 27.52  ? 99  VAL A CG2 1 
ATOM   740  N  N   . ALA A 1 100 ? 6.183   -11.536 -6.732  1.00 24.84  ? 100 ALA A N   1 
ATOM   741  C  CA  . ALA A 1 100 ? 6.387   -11.592 -5.288  1.00 24.91  ? 100 ALA A CA  1 
ATOM   742  C  C   . ALA A 1 100 ? 6.030   -10.217 -4.730  1.00 24.82  ? 100 ALA A C   1 
ATOM   743  O  O   . ALA A 1 100 ? 6.849   -9.293  -4.698  1.00 24.40  ? 100 ALA A O   1 
ATOM   744  C  CB  . ALA A 1 100 ? 7.829   -11.992 -4.939  1.00 24.65  ? 100 ALA A CB  1 
ATOM   745  N  N   . VAL A 1 101 ? 4.766   -10.088 -4.338  1.00 24.34  ? 101 VAL A N   1 
ATOM   746  C  CA  . VAL A 1 101 ? 4.173   -8.790  -4.030  1.00 24.82  ? 101 VAL A CA  1 
ATOM   747  C  C   . VAL A 1 101 ? 4.818   -8.093  -2.826  1.00 24.72  ? 101 VAL A C   1 
ATOM   748  O  O   . VAL A 1 101 ? 5.124   -6.898  -2.892  1.00 23.53  ? 101 VAL A O   1 
ATOM   749  C  CB  . VAL A 1 101 ? 2.634   -8.947  -3.764  1.00 24.84  ? 101 VAL A CB  1 
ATOM   750  C  CG1 . VAL A 1 101 ? 1.985   -7.590  -3.397  1.00 25.86  ? 101 VAL A CG1 1 
ATOM   751  C  CG2 . VAL A 1 101 ? 1.948   -9.561  -4.999  1.00 25.19  ? 101 VAL A CG2 1 
ATOM   752  N  N   . ILE A 1 102 ? 4.965   -8.829  -1.724  1.00 25.58  ? 102 ILE A N   1 
ATOM   753  C  CA  . ILE A 1 102 ? 5.380   -8.205  -0.450  1.00 26.29  ? 102 ILE A CA  1 
ATOM   754  C  C   . ILE A 1 102 ? 6.866   -7.851  -0.531  1.00 26.66  ? 102 ILE A C   1 
ATOM   755  O  O   . ILE A 1 102 ? 7.287   -6.721  -0.180  1.00 25.94  ? 102 ILE A O   1 
ATOM   756  C  CB  . ILE A 1 102 ? 5.050   -9.105  0.801   1.00 27.31  ? 102 ILE A CB  1 
ATOM   757  C  CG1 . ILE A 1 102 ? 3.566   -9.078  1.209   1.00 29.41  ? 102 ILE A CG1 1 
ATOM   758  C  CG2 . ILE A 1 102 ? 5.742   -8.559  2.059   1.00 27.21  ? 102 ILE A CG2 1 
ATOM   759  C  CD1 . ILE A 1 102 ? 2.573   -8.646  0.241   1.00 32.29  ? 102 ILE A CD1 1 
ATOM   760  N  N   . ALA A 1 103 ? 7.663   -8.802  -1.006  1.00 25.88  ? 103 ALA A N   1 
ATOM   761  C  CA  . ALA A 1 103 ? 9.090   -8.552  -1.185  1.00 26.65  ? 103 ALA A CA  1 
ATOM   762  C  C   . ALA A 1 103 ? 9.294   -7.385  -2.181  1.00 26.78  ? 103 ALA A C   1 
ATOM   763  O  O   . ALA A 1 103 ? 10.178  -6.532  -1.999  1.00 26.84  ? 103 ALA A O   1 
ATOM   764  C  CB  . ALA A 1 103 ? 9.803   -9.809  -1.675  1.00 26.54  ? 103 ALA A CB  1 
ATOM   765  N  N   . GLY A 1 104 ? 8.457   -7.345  -3.223  1.00 26.22  ? 104 GLY A N   1 
ATOM   766  C  CA  . GLY A 1 104 ? 8.566   -6.286  -4.233  1.00 25.42  ? 104 GLY A CA  1 
ATOM   767  C  C   . GLY A 1 104 ? 8.238   -4.901  -3.666  1.00 25.17  ? 104 GLY A C   1 
ATOM   768  O  O   . GLY A 1 104 ? 8.915   -3.929  -3.985  1.00 24.90  ? 104 GLY A O   1 
ATOM   769  N  N   . LEU A 1 105 ? 7.223   -4.816  -2.805  1.00 24.77  ? 105 LEU A N   1 
ATOM   770  C  CA  . LEU A 1 105 ? 6.859   -3.542  -2.174  1.00 25.19  ? 105 LEU A CA  1 
ATOM   771  C  C   . LEU A 1 105 ? 7.908   -3.093  -1.171  1.00 25.35  ? 105 LEU A C   1 
ATOM   772  O  O   . LEU A 1 105 ? 8.209   -1.888  -1.054  1.00 24.32  ? 105 LEU A O   1 
ATOM   773  C  CB  . LEU A 1 105 ? 5.508   -3.635  -1.486  1.00 25.08  ? 105 LEU A CB  1 
ATOM   774  C  CG  . LEU A 1 105 ? 4.273   -3.690  -2.411  1.00 27.05  ? 105 LEU A CG  1 
ATOM   775  C  CD1 . LEU A 1 105 ? 3.027   -4.183  -1.663  1.00 27.86  ? 105 LEU A CD1 1 
ATOM   776  C  CD2 . LEU A 1 105 ? 4.047   -2.299  -3.030  1.00 29.06  ? 105 LEU A CD2 1 
ATOM   777  N  N   . ILE A 1 106 ? 8.444   -4.055  -0.423  1.00 25.45  ? 106 ILE A N   1 
ATOM   778  C  CA  . ILE A 1 106 ? 9.481   -3.702  0.558   1.00 25.58  ? 106 ILE A CA  1 
ATOM   779  C  C   . ILE A 1 106 ? 10.659  -3.096  -0.224  1.00 26.15  ? 106 ILE A C   1 
ATOM   780  O  O   . ILE A 1 106 ? 11.147  -2.006  0.098   1.00 25.36  ? 106 ILE A O   1 
ATOM   781  C  CB  . ILE A 1 106 ? 9.936   -4.921  1.384   1.00 25.33  ? 106 ILE A CB  1 
ATOM   782  C  CG1 . ILE A 1 106 ? 8.803   -5.388  2.321   1.00 24.96  ? 106 ILE A CG1 1 
ATOM   783  C  CG2 . ILE A 1 106 ? 11.215  -4.566  2.202   1.00 24.55  ? 106 ILE A CG2 1 
ATOM   784  C  CD1 . ILE A 1 106 ? 9.035   -6.852  2.826   1.00 26.78  ? 106 ILE A CD1 1 
ATOM   785  N  N   . ASP A 1 107 ? 11.097  -3.790  -1.266  1.00 26.68  ? 107 ASP A N   1 
ATOM   786  C  CA  . ASP A 1 107 ? 12.230  -3.303  -2.069  1.00 27.24  ? 107 ASP A CA  1 
ATOM   787  C  C   . ASP A 1 107 ? 11.935  -1.970  -2.800  1.00 26.64  ? 107 ASP A C   1 
ATOM   788  O  O   . ASP A 1 107 ? 12.796  -1.082  -2.837  1.00 26.39  ? 107 ASP A O   1 
ATOM   789  C  CB  . ASP A 1 107 ? 12.701  -4.366  -3.061  1.00 27.36  ? 107 ASP A CB  1 
ATOM   790  C  CG  . ASP A 1 107 ? 13.381  -5.571  -2.381  1.00 32.01  ? 107 ASP A CG  1 
ATOM   791  O  OD1 . ASP A 1 107 ? 13.723  -5.539  -1.159  1.00 34.49  ? 107 ASP A OD1 1 
ATOM   792  O  OD2 . ASP A 1 107 ? 13.567  -6.569  -3.098  1.00 34.14  ? 107 ASP A OD2 1 
ATOM   793  N  N   . ALA A 1 108 ? 10.742  -1.836  -3.383  1.00 26.33  ? 108 ALA A N   1 
ATOM   794  C  CA  . ALA A 1 108 ? 10.360  -0.580  -4.063  1.00 25.95  ? 108 ALA A CA  1 
ATOM   795  C  C   . ALA A 1 108 ? 10.452  0.610   -3.099  1.00 25.74  ? 108 ALA A C   1 
ATOM   796  O  O   . ALA A 1 108 ? 10.942  1.681   -3.465  1.00 24.65  ? 108 ALA A O   1 
ATOM   797  C  CB  . ALA A 1 108 ? 8.937   -0.681  -4.643  1.00 25.25  ? 108 ALA A CB  1 
ATOM   798  N  N   . SER A 1 109 ? 9.949   0.423   -1.881  1.00 24.87  ? 109 SER A N   1 
ATOM   799  C  CA  . SER A 1 109 ? 9.888   1.519   -0.924  1.00 25.97  ? 109 SER A CA  1 
ATOM   800  C  C   . SER A 1 109 ? 11.287  1.868   -0.404  1.00 25.97  ? 109 SER A C   1 
ATOM   801  O  O   . SER A 1 109 ? 11.569  3.026   -0.106  1.00 26.96  ? 109 SER A O   1 
ATOM   802  C  CB  . SER A 1 109 ? 8.957   1.173   0.249   1.00 25.90  ? 109 SER A CB  1 
ATOM   803  O  OG  . SER A 1 109 ? 9.562   0.253   1.132   1.00 26.95  ? 109 SER A OG  1 
ATOM   804  N  N   . GLN A 1 110 ? 12.171  0.880   -0.321  1.00 25.37  ? 110 GLN A N   1 
ATOM   805  C  CA  . GLN A 1 110 ? 13.500  1.130   0.280   1.00 25.83  ? 110 GLN A CA  1 
ATOM   806  C  C   . GLN A 1 110 ? 14.580  1.469   -0.733  1.00 26.12  ? 110 GLN A C   1 
ATOM   807  O  O   . GLN A 1 110 ? 15.404  2.364   -0.494  1.00 26.69  ? 110 GLN A O   1 
ATOM   808  C  CB  . GLN A 1 110 ? 13.938  -0.070  1.121   1.00 25.58  ? 110 GLN A CB  1 
ATOM   809  C  CG  . GLN A 1 110 ? 13.061  -0.240  2.381   1.00 25.71  ? 110 GLN A CG  1 
ATOM   810  C  CD  . GLN A 1 110 ? 13.301  -1.524  3.155   1.00 26.00  ? 110 GLN A CD  1 
ATOM   811  O  OE1 . GLN A 1 110 ? 13.992  -2.442  2.704   1.00 26.36  ? 110 GLN A OE1 1 
ATOM   812  N  NE2 . GLN A 1 110 ? 12.676  -1.610  4.333   1.00 28.33  ? 110 GLN A NE2 1 
ATOM   813  N  N   . LYS A 1 111 ? 14.602  0.722   -1.833  1.00 25.96  ? 111 LYS A N   1 
ATOM   814  C  CA  . LYS A 1 111 ? 15.688  0.794   -2.829  1.00 26.88  ? 111 LYS A CA  1 
ATOM   815  C  C   . LYS A 1 111 ? 15.208  1.348   -4.162  1.00 25.79  ? 111 LYS A C   1 
ATOM   816  O  O   . LYS A 1 111 ? 15.999  1.514   -5.080  1.00 23.86  ? 111 LYS A O   1 
ATOM   817  C  CB  . LYS A 1 111 ? 16.234  -0.603  -3.140  1.00 27.36  ? 111 LYS A CB  1 
ATOM   818  C  CG  . LYS A 1 111 ? 16.656  -1.425  -1.939  1.00 31.27  ? 111 LYS A CG  1 
ATOM   819  C  CD  . LYS A 1 111 ? 17.565  -2.531  -2.363  1.00 35.16  ? 111 LYS A CD  1 
ATOM   820  C  CE  . LYS A 1 111 ? 16.815  -3.769  -2.773  1.00 38.63  ? 111 LYS A CE  1 
ATOM   821  N  NZ  . LYS A 1 111 ? 17.802  -4.889  -2.735  1.00 41.77  ? 111 LYS A NZ  1 
ATOM   822  N  N   . GLY A 1 112 ? 13.912  1.572   -4.304  1.00 26.24  ? 112 GLY A N   1 
ATOM   823  C  CA  . GLY A 1 112 ? 13.392  1.978   -5.619  1.00 26.30  ? 112 GLY A CA  1 
ATOM   824  C  C   . GLY A 1 112 ? 12.440  3.152   -5.568  1.00 26.97  ? 112 GLY A C   1 
ATOM   825  O  O   . GLY A 1 112 ? 12.507  3.974   -4.643  1.00 27.27  ? 112 GLY A O   1 
ATOM   826  N  N   . ASP A 1 113 ? 11.548  3.237   -6.561  1.00 26.07  ? 113 ASP A N   1 
ATOM   827  C  CA  . ASP A 1 113 ? 10.654  4.400   -6.661  1.00 25.84  ? 113 ASP A CA  1 
ATOM   828  C  C   . ASP A 1 113 ? 9.303   4.266   -5.967  1.00 25.63  ? 113 ASP A C   1 
ATOM   829  O  O   . ASP A 1 113 ? 8.433   5.127   -6.145  1.00 25.63  ? 113 ASP A O   1 
ATOM   830  C  CB  . ASP A 1 113 ? 10.468  4.810   -8.120  1.00 26.39  ? 113 ASP A CB  1 
ATOM   831  C  CG  . ASP A 1 113 ? 9.588   3.843   -8.889  1.00 28.21  ? 113 ASP A CG  1 
ATOM   832  O  OD1 . ASP A 1 113 ? 9.126   2.824   -8.310  1.00 26.88  ? 113 ASP A OD1 1 
ATOM   833  O  OD2 . ASP A 1 113 ? 9.371   4.109   -10.086 1.00 30.97  ? 113 ASP A OD2 1 
ATOM   834  N  N   . GLY A 1 114 ? 9.127   3.195   -5.204  1.00 25.25  ? 114 GLY A N   1 
ATOM   835  C  CA  . GLY A 1 114 ? 7.923   2.994   -4.385  1.00 25.40  ? 114 GLY A CA  1 
ATOM   836  C  C   . GLY A 1 114 ? 6.800   2.235   -5.091  1.00 24.83  ? 114 GLY A C   1 
ATOM   837  O  O   . GLY A 1 114 ? 5.879   1.765   -4.429  1.00 24.38  ? 114 GLY A O   1 
ATOM   838  N  N   . PHE A 1 115 ? 6.879   2.109   -6.418  1.00 24.97  ? 115 PHE A N   1 
ATOM   839  C  CA  . PHE A 1 115 ? 5.754   1.583   -7.207  1.00 24.81  ? 115 PHE A CA  1 
ATOM   840  C  C   . PHE A 1 115 ? 5.968   0.111   -7.554  1.00 25.02  ? 115 PHE A C   1 
ATOM   841  O  O   . PHE A 1 115 ? 7.096   -0.336  -7.776  1.00 23.79  ? 115 PHE A O   1 
ATOM   842  C  CB  . PHE A 1 115 ? 5.519   2.378   -8.506  1.00 25.12  ? 115 PHE A CB  1 
ATOM   843  C  CG  . PHE A 1 115 ? 4.992   3.771   -8.278  1.00 24.92  ? 115 PHE A CG  1 
ATOM   844  C  CD1 . PHE A 1 115 ? 3.648   3.989   -7.996  1.00 26.77  ? 115 PHE A CD1 1 
ATOM   845  C  CD2 . PHE A 1 115 ? 5.856   4.855   -8.308  1.00 25.97  ? 115 PHE A CD2 1 
ATOM   846  C  CE1 . PHE A 1 115 ? 3.171   5.289   -7.773  1.00 26.13  ? 115 PHE A CE1 1 
ATOM   847  C  CE2 . PHE A 1 115 ? 5.397   6.142   -8.064  1.00 25.68  ? 115 PHE A CE2 1 
ATOM   848  C  CZ  . PHE A 1 115 ? 4.059   6.354   -7.798  1.00 26.54  ? 115 PHE A CZ  1 
ATOM   849  N  N   . LEU A 1 116 ? 4.871   -0.632  -7.590  1.00 24.77  ? 116 LEU A N   1 
ATOM   850  C  CA  . LEU A 1 116 ? 4.917   -2.034  -8.021  1.00 25.32  ? 116 LEU A CA  1 
ATOM   851  C  C   . LEU A 1 116 ? 3.575   -2.414  -8.647  1.00 25.40  ? 116 LEU A C   1 
ATOM   852  O  O   . LEU A 1 116 ? 2.540   -2.159  -8.042  1.00 25.14  ? 116 LEU A O   1 
ATOM   853  C  CB  . LEU A 1 116 ? 5.192   -2.956  -6.832  1.00 25.48  ? 116 LEU A CB  1 
ATOM   854  C  CG  . LEU A 1 116 ? 5.400   -4.439  -7.185  1.00 25.96  ? 116 LEU A CG  1 
ATOM   855  C  CD1 . LEU A 1 116 ? 6.756   -4.676  -7.864  1.00 27.47  ? 116 LEU A CD1 1 
ATOM   856  C  CD2 . LEU A 1 116 ? 5.246   -5.316  -5.940  1.00 27.04  ? 116 LEU A CD2 1 
ATOM   857  N  N   . TYR A 1 117 ? 3.606   -3.032  -9.837  1.00 25.26  ? 117 TYR A N   1 
ATOM   858  C  CA  . TYR A 1 117 ? 2.380   -3.610  -10.423 1.00 25.05  ? 117 TYR A CA  1 
ATOM   859  C  C   . TYR A 1 117 ? 2.204   -5.047  -9.893  1.00 25.03  ? 117 TYR A C   1 
ATOM   860  O  O   . TYR A 1 117 ? 3.159   -5.833  -9.865  1.00 24.24  ? 117 TYR A O   1 
ATOM   861  C  CB  . TYR A 1 117 ? 2.485   -3.663  -11.952 1.00 25.98  ? 117 TYR A CB  1 
ATOM   862  C  CG  . TYR A 1 117 ? 2.356   -2.344  -12.659 1.00 28.27  ? 117 TYR A CG  1 
ATOM   863  C  CD1 . TYR A 1 117 ? 1.095   -1.813  -12.946 1.00 27.77  ? 117 TYR A CD1 1 
ATOM   864  C  CD2 . TYR A 1 117 ? 3.485   -1.621  -13.058 1.00 28.50  ? 117 TYR A CD2 1 
ATOM   865  C  CE1 . TYR A 1 117 ? 0.960   -0.604  -13.612 1.00 29.32  ? 117 TYR A CE1 1 
ATOM   866  C  CE2 . TYR A 1 117 ? 3.362   -0.409  -13.734 1.00 30.37  ? 117 TYR A CE2 1 
ATOM   867  C  CZ  . TYR A 1 117 ? 2.081   0.092   -13.994 1.00 29.84  ? 117 TYR A CZ  1 
ATOM   868  O  OH  . TYR A 1 117 ? 1.907   1.275   -14.655 1.00 31.23  ? 117 TYR A OH  1 
ATOM   869  N  N   . PHE A 1 118 ? 0.980   -5.394  -9.503  1.00 25.04  ? 118 PHE A N   1 
ATOM   870  C  CA  . PHE A 1 118 ? 0.652   -6.745  -9.044  1.00 24.68  ? 118 PHE A CA  1 
ATOM   871  C  C   . PHE A 1 118 ? -0.862  -6.892  -9.000  1.00 24.27  ? 118 PHE A C   1 
ATOM   872  O  O   . PHE A 1 118 ? -1.576  -5.916  -9.142  1.00 24.18  ? 118 PHE A O   1 
ATOM   873  C  CB  . PHE A 1 118 ? 1.229   -7.015  -7.647  1.00 25.02  ? 118 PHE A CB  1 
ATOM   874  C  CG  . PHE A 1 118 ? 0.760   -6.057  -6.575  1.00 25.54  ? 118 PHE A CG  1 
ATOM   875  C  CD1 . PHE A 1 118 ? -0.306  -6.405  -5.730  1.00 25.85  ? 118 PHE A CD1 1 
ATOM   876  C  CD2 . PHE A 1 118 ? 1.429   -4.830  -6.363  1.00 26.99  ? 118 PHE A CD2 1 
ATOM   877  C  CE1 . PHE A 1 118 ? -0.732  -5.557  -4.682  1.00 25.91  ? 118 PHE A CE1 1 
ATOM   878  C  CE2 . PHE A 1 118 ? 1.003   -3.949  -5.338  1.00 25.53  ? 118 PHE A CE2 1 
ATOM   879  C  CZ  . PHE A 1 118 ? -0.087  -4.305  -4.492  1.00 26.42  ? 118 PHE A CZ  1 
ATOM   880  N  N   . SER A 1 119 ? -1.346  -8.117  -8.797  1.00 24.89  ? 119 SER A N   1 
ATOM   881  C  CA  . SER A 1 119 ? -2.794  -8.346  -8.637  1.00 25.20  ? 119 SER A CA  1 
ATOM   882  C  C   . SER A 1 119 ? -3.085  -8.614  -7.171  1.00 25.43  ? 119 SER A C   1 
ATOM   883  O  O   . SER A 1 119 ? -2.250  -9.199  -6.463  1.00 25.65  ? 119 SER A O   1 
ATOM   884  C  CB  . SER A 1 119 ? -3.281  -9.507  -9.504  1.00 25.54  ? 119 SER A CB  1 
ATOM   885  O  OG  . SER A 1 119 ? -3.316  -9.114  -10.861 1.00 28.25  ? 119 SER A OG  1 
ATOM   886  N  N   . TRP A 1 120 ? -4.257  -8.162  -6.730  1.00 24.94  ? 120 TRP A N   1 
ATOM   887  C  CA  . TRP A 1 120 ? -4.693  -8.294  -5.343  1.00 24.99  ? 120 TRP A CA  1 
ATOM   888  C  C   . TRP A 1 120 ? -6.220  -8.264  -5.292  1.00 24.61  ? 120 TRP A C   1 
ATOM   889  O  O   . TRP A 1 120 ? -6.888  -7.755  -6.195  1.00 24.71  ? 120 TRP A O   1 
ATOM   890  C  CB  . TRP A 1 120 ? -4.084  -7.188  -4.463  1.00 25.52  ? 120 TRP A CB  1 
ATOM   891  C  CG  . TRP A 1 120 ? -4.112  -7.520  -2.985  1.00 25.99  ? 120 TRP A CG  1 
ATOM   892  C  CD1 . TRP A 1 120 ? -5.128  -7.256  -2.099  1.00 27.53  ? 120 TRP A CD1 1 
ATOM   893  C  CD2 . TRP A 1 120 ? -3.099  -8.204  -2.247  1.00 27.58  ? 120 TRP A CD2 1 
ATOM   894  N  NE1 . TRP A 1 120 ? -4.795  -7.736  -0.847  1.00 28.34  ? 120 TRP A NE1 1 
ATOM   895  C  CE2 . TRP A 1 120 ? -3.552  -8.305  -0.904  1.00 27.14  ? 120 TRP A CE2 1 
ATOM   896  C  CE3 . TRP A 1 120 ? -1.829  -8.718  -2.581  1.00 28.27  ? 120 TRP A CE3 1 
ATOM   897  C  CZ2 . TRP A 1 120 ? -2.800  -8.911  0.104   1.00 27.65  ? 120 TRP A CZ2 1 
ATOM   898  C  CZ3 . TRP A 1 120 ? -1.069  -9.323  -1.569  1.00 28.49  ? 120 TRP A CZ3 1 
ATOM   899  C  CH2 . TRP A 1 120 ? -1.558  -9.412  -0.243  1.00 28.43  ? 120 TRP A CH2 1 
ATOM   900  N  N   . HIS A 1 121 ? -6.771  -8.818  -4.216  1.00 24.67  ? 121 HIS A N   1 
ATOM   901  C  CA  . HIS A 1 121 ? -8.184  -8.695  -3.931  1.00 23.61  ? 121 HIS A CA  1 
ATOM   902  C  C   . HIS A 1 121 ? -8.602  -7.228  -4.131  1.00 23.10  ? 121 HIS A C   1 
ATOM   903  O  O   . HIS A 1 121 ? -7.957  -6.312  -3.642  1.00 23.12  ? 121 HIS A O   1 
ATOM   904  C  CB  . HIS A 1 121 ? -8.428  -9.129  -2.472  1.00 23.85  ? 121 HIS A CB  1 
ATOM   905  C  CG  . HIS A 1 121 ? -9.802  -8.820  -1.956  1.00 24.47  ? 121 HIS A CG  1 
ATOM   906  N  ND1 . HIS A 1 121 ? -10.088 -7.663  -1.267  1.00 23.89  ? 121 HIS A ND1 1 
ATOM   907  C  CD2 . HIS A 1 121 ? -10.940 -9.552  -1.957  1.00 26.14  ? 121 HIS A CD2 1 
ATOM   908  C  CE1 . HIS A 1 121 ? -11.357 -7.677  -0.895  1.00 27.21  ? 121 HIS A CE1 1 
ATOM   909  N  NE2 . HIS A 1 121 ? -11.893 -8.822  -1.288  1.00 25.60  ? 121 HIS A NE2 1 
ATOM   910  N  N   . LYS A 1 122 ? -9.682  -7.030  -4.866  1.00 22.80  ? 122 LYS A N   1 
ATOM   911  C  CA  . LYS A 1 122 ? -10.264 -5.708  -5.055  1.00 23.62  ? 122 LYS A CA  1 
ATOM   912  C  C   . LYS A 1 122 ? -11.623 -5.640  -4.301  1.00 23.47  ? 122 LYS A C   1 
ATOM   913  O  O   . LYS A 1 122 ? -12.558 -6.344  -4.671  1.00 23.93  ? 122 LYS A O   1 
ATOM   914  C  CB  . LYS A 1 122 ? -10.479 -5.480  -6.559  1.00 23.23  ? 122 LYS A CB  1 
ATOM   915  C  CG  . LYS A 1 122 ? -11.075 -4.129  -6.920  1.00 25.00  ? 122 LYS A CG  1 
ATOM   916  C  CD  . LYS A 1 122 ? -11.245 -3.993  -8.435  1.00 25.23  ? 122 LYS A CD  1 
ATOM   917  C  CE  . LYS A 1 122 ? -11.882 -2.655  -8.775  1.00 27.93  ? 122 LYS A CE  1 
ATOM   918  N  NZ  . LYS A 1 122 ? -11.948 -2.364  -10.256 1.00 27.49  ? 122 LYS A NZ  1 
ATOM   919  N  N   . PRO A 1 123 ? -11.724 -4.814  -3.238  1.00 24.11  ? 123 PRO A N   1 
ATOM   920  C  CA  . PRO A 1 123 ? -12.941 -4.805  -2.394  1.00 23.66  ? 123 PRO A CA  1 
ATOM   921  C  C   . PRO A 1 123 ? -14.247 -4.777  -3.148  1.00 23.37  ? 123 PRO A C   1 
ATOM   922  O  O   . PRO A 1 123 ? -15.134 -5.577  -2.842  1.00 24.04  ? 123 PRO A O   1 
ATOM   923  C  CB  . PRO A 1 123 ? -12.763 -3.562  -1.514  1.00 24.46  ? 123 PRO A CB  1 
ATOM   924  C  CG  . PRO A 1 123 ? -11.236 -3.512  -1.325  1.00 22.78  ? 123 PRO A CG  1 
ATOM   925  C  CD  . PRO A 1 123 ? -10.675 -3.917  -2.702  1.00 24.68  ? 123 PRO A CD  1 
ATOM   926  N  N   . THR A 1 124 ? -14.379 -3.900  -4.148  1.00 24.16  ? 124 THR A N   1 
ATOM   927  C  CA  . THR A 1 124 ? -15.689 -3.702  -4.761  1.00 23.56  ? 124 THR A CA  1 
ATOM   928  C  C   . THR A 1 124 ? -16.197 -4.885  -5.595  1.00 23.69  ? 124 THR A C   1 
ATOM   929  O  O   . THR A 1 124 ? -17.349 -4.882  -5.999  1.00 23.28  ? 124 THR A O   1 
ATOM   930  C  CB  . THR A 1 124 ? -15.766 -2.401  -5.606  1.00 24.97  ? 124 THR A CB  1 
ATOM   931  O  OG1 . THR A 1 124 ? -14.737 -2.418  -6.611  1.00 24.47  ? 124 THR A OG1 1 
ATOM   932  C  CG2 . THR A 1 124 ? -15.621 -1.152  -4.708  1.00 24.53  ? 124 THR A CG2 1 
ATOM   933  N  N   . ILE A 1 125 ? -15.343 -5.876  -5.864  1.00 23.01  ? 125 ILE A N   1 
ATOM   934  C  CA  . ILE A 1 125 ? -15.763 -7.088  -6.599  1.00 23.25  ? 125 ILE A CA  1 
ATOM   935  C  C   . ILE A 1 125 ? -15.384 -8.383  -5.868  1.00 22.36  ? 125 ILE A C   1 
ATOM   936  O  O   . ILE A 1 125 ? -15.674 -9.486  -6.352  1.00 21.43  ? 125 ILE A O   1 
ATOM   937  C  CB  . ILE A 1 125 ? -15.205 -7.139  -8.063  1.00 24.05  ? 125 ILE A CB  1 
ATOM   938  C  CG1 . ILE A 1 125 ? -13.665 -7.162  -8.061  1.00 22.93  ? 125 ILE A CG1 1 
ATOM   939  C  CG2 . ILE A 1 125 ? -15.788 -5.959  -8.890  1.00 25.04  ? 125 ILE A CG2 1 
ATOM   940  C  CD1 . ILE A 1 125 ? -13.016 -7.496  -9.453  1.00 25.03  ? 125 ILE A CD1 1 
ATOM   941  N  N   . ASN A 1 126 ? -14.780 -8.232  -4.700  1.00 21.48  ? 126 ASN A N   1 
ATOM   942  C  CA  . ASN A 1 126 ? -14.312 -9.372  -3.910  1.00 22.53  ? 126 ASN A CA  1 
ATOM   943  C  C   . ASN A 1 126 ? -13.616 -10.450 -4.765  1.00 22.25  ? 126 ASN A C   1 
ATOM   944  O  O   . ASN A 1 126 ? -14.000 -11.627 -4.739  1.00 22.10  ? 126 ASN A O   1 
ATOM   945  C  CB  . ASN A 1 126 ? -15.486 -9.992  -3.095  1.00 21.76  ? 126 ASN A CB  1 
ATOM   946  C  CG  . ASN A 1 126 ? -15.000 -11.013 -2.052  1.00 23.01  ? 126 ASN A CG  1 
ATOM   947  O  OD1 . ASN A 1 126 ? -13.847 -10.945 -1.593  1.00 25.82  ? 126 ASN A OD1 1 
ATOM   948  N  ND2 . ASN A 1 126 ? -15.861 -11.963 -1.694  1.00 23.06  ? 126 ASN A ND2 1 
ATOM   949  N  N   . ALA A 1 127 ? -12.617 -10.042 -5.556  1.00 22.18  ? 127 ALA A N   1 
ATOM   950  C  CA  . ALA A 1 127 ? -11.931 -10.952 -6.476  1.00 23.22  ? 127 ALA A CA  1 
ATOM   951  C  C   . ALA A 1 127 ? -10.614 -10.289 -6.848  1.00 23.57  ? 127 ALA A C   1 
ATOM   952  O  O   . ALA A 1 127 ? -10.463 -9.085  -6.669  1.00 22.25  ? 127 ALA A O   1 
ATOM   953  C  CB  . ALA A 1 127 ? -12.797 -11.198 -7.771  1.00 23.97  ? 127 ALA A CB  1 
ATOM   954  N  N   . GLN A 1 128 ? -9.647  -11.077 -7.331  1.00 24.43  ? 128 GLN A N   1 
ATOM   955  C  CA  . GLN A 1 128 ? -8.358  -10.512 -7.760  1.00 25.17  ? 128 GLN A CA  1 
ATOM   956  C  C   . GLN A 1 128 ? -8.523  -9.566  -8.930  1.00 25.02  ? 128 GLN A C   1 
ATOM   957  O  O   . GLN A 1 128 ? -9.326  -9.817  -9.808  1.00 25.90  ? 128 GLN A O   1 
ATOM   958  C  CB  . GLN A 1 128 ? -7.388  -11.645 -8.158  1.00 26.27  ? 128 GLN A CB  1 
ATOM   959  C  CG  . GLN A 1 128 ? -7.134  -12.633 -7.042  1.00 26.46  ? 128 GLN A CG  1 
ATOM   960  C  CD  . GLN A 1 128 ? -6.287  -12.009 -5.947  1.00 30.35  ? 128 GLN A CD  1 
ATOM   961  O  OE1 . GLN A 1 128 ? -5.201  -11.482 -6.212  1.00 29.67  ? 128 GLN A OE1 1 
ATOM   962  N  NE2 . GLN A 1 128 ? -6.785  -12.055 -4.713  1.00 28.56  ? 128 GLN A NE2 1 
ATOM   963  N  N   . ALA A 1 129 ? -7.744  -8.487  -8.945  1.00 24.68  ? 129 ALA A N   1 
ATOM   964  C  CA  . ALA A 1 129 ? -7.705  -7.551  -10.064 1.00 24.58  ? 129 ALA A CA  1 
ATOM   965  C  C   . ALA A 1 129 ? -6.329  -6.883  -10.151 1.00 24.57  ? 129 ALA A C   1 
ATOM   966  O  O   . ALA A 1 129 ? -5.636  -6.742  -9.123  1.00 24.08  ? 129 ALA A O   1 
ATOM   967  C  CB  . ALA A 1 129 ? -8.783  -6.477  -9.935  1.00 24.40  ? 129 ALA A CB  1 
ATOM   968  N  N   . PRO A 1 130 ? -5.930  -6.466  -11.367 1.00 25.19  ? 130 PRO A N   1 
ATOM   969  C  CA  . PRO A 1 130 ? -4.644  -5.758  -11.493 1.00 25.25  ? 130 PRO A CA  1 
ATOM   970  C  C   . PRO A 1 130 ? -4.635  -4.423  -10.756 1.00 24.66  ? 130 PRO A C   1 
ATOM   971  O  O   . PRO A 1 130 ? -5.616  -3.652  -10.819 1.00 23.66  ? 130 PRO A O   1 
ATOM   972  C  CB  . PRO A 1 130 ? -4.477  -5.557  -13.005 1.00 25.12  ? 130 PRO A CB  1 
ATOM   973  C  CG  . PRO A 1 130 ? -5.867  -5.653  -13.583 1.00 27.66  ? 130 PRO A CG  1 
ATOM   974  C  CD  . PRO A 1 130 ? -6.592  -6.664  -12.674 1.00 26.14  ? 130 PRO A CD  1 
ATOM   975  N  N   . LYS A 1 131 ? -3.513  -4.153  -10.100 1.00 25.15  ? 131 LYS A N   1 
ATOM   976  C  CA  . LYS A 1 131 ? -3.344  -2.990  -9.238  1.00 25.99  ? 131 LYS A CA  1 
ATOM   977  C  C   . LYS A 1 131 ? -1.975  -2.353  -9.482  1.00 26.02  ? 131 LYS A C   1 
ATOM   978  O  O   . LYS A 1 131 ? -1.021  -3.022  -9.911  1.00 25.50  ? 131 LYS A O   1 
ATOM   979  C  CB  . LYS A 1 131 ? -3.427  -3.489  -7.783  1.00 26.55  ? 131 LYS A CB  1 
ATOM   980  C  CG  . LYS A 1 131 ? -3.374  -2.486  -6.667  1.00 26.74  ? 131 LYS A CG  1 
ATOM   981  C  CD  . LYS A 1 131 ? -3.681  -3.229  -5.346  1.00 28.01  ? 131 LYS A CD  1 
ATOM   982  C  CE  . LYS A 1 131 ? -3.915  -2.260  -4.202  1.00 28.67  ? 131 LYS A CE  1 
ATOM   983  N  NZ  . LYS A 1 131 ? -4.299  -2.899  -2.887  1.00 25.85  ? 131 LYS A NZ  1 
ATOM   984  N  N   . LEU A 1 132 ? -1.900  -1.046  -9.222  1.00 25.71  ? 132 LEU A N   1 
ATOM   985  C  CA  . LEU A 1 132 ? -0.632  -0.345  -9.136  1.00 25.47  ? 132 LEU A CA  1 
ATOM   986  C  C   . LEU A 1 132 ? -0.485  0.112   -7.682  1.00 25.33  ? 132 LEU A C   1 
ATOM   987  O  O   . LEU A 1 132 ? -1.237  0.941   -7.213  1.00 24.57  ? 132 LEU A O   1 
ATOM   988  C  CB  . LEU A 1 132 ? -0.587  0.848   -10.092 1.00 25.04  ? 132 LEU A CB  1 
ATOM   989  C  CG  . LEU A 1 132 ? 0.670   1.735   -9.942  1.00 26.69  ? 132 LEU A CG  1 
ATOM   990  C  CD1 . LEU A 1 132 ? 1.962   0.924   -10.157 1.00 25.63  ? 132 LEU A CD1 1 
ATOM   991  C  CD2 . LEU A 1 132 ? 0.592   2.911   -10.925 1.00 27.65  ? 132 LEU A CD2 1 
ATOM   992  N  N   . GLY A 1 133 ? 0.480   -0.460  -6.980  1.00 25.24  ? 133 GLY A N   1 
ATOM   993  C  CA  . GLY A 1 133 ? 0.733   -0.112  -5.585  1.00 25.15  ? 133 GLY A CA  1 
ATOM   994  C  C   . GLY A 1 133 ? 1.810   0.929   -5.441  1.00 25.69  ? 133 GLY A C   1 
ATOM   995  O  O   . GLY A 1 133 ? 2.647   1.087   -6.330  1.00 25.10  ? 133 GLY A O   1 
ATOM   996  N  N   . TYR A 1 134 ? 1.780   1.646   -4.321  1.00 25.63  ? 134 TYR A N   1 
ATOM   997  C  CA  . TYR A 1 134 ? 2.774   2.676   -4.002  1.00 25.34  ? 134 TYR A CA  1 
ATOM   998  C  C   . TYR A 1 134 ? 3.042   2.563   -2.491  1.00 25.22  ? 134 TYR A C   1 
ATOM   999  O  O   . TYR A 1 134 ? 2.121   2.586   -1.693  1.00 25.32  ? 134 TYR A O   1 
ATOM   1000 C  CB  . TYR A 1 134 ? 2.299   4.100   -4.378  1.00 26.14  ? 134 TYR A CB  1 
ATOM   1001 C  CG  . TYR A 1 134 ? 3.328   5.133   -3.944  1.00 26.33  ? 134 TYR A CG  1 
ATOM   1002 C  CD1 . TYR A 1 134 ? 4.591   5.166   -4.547  1.00 25.96  ? 134 TYR A CD1 1 
ATOM   1003 C  CD2 . TYR A 1 134 ? 3.076   6.002   -2.867  1.00 25.61  ? 134 TYR A CD2 1 
ATOM   1004 C  CE1 . TYR A 1 134 ? 5.566   6.074   -4.128  1.00 26.44  ? 134 TYR A CE1 1 
ATOM   1005 C  CE2 . TYR A 1 134 ? 4.042   6.921   -2.448  1.00 27.10  ? 134 TYR A CE2 1 
ATOM   1006 C  CZ  . TYR A 1 134 ? 5.291   6.936   -3.082  1.00 27.24  ? 134 TYR A CZ  1 
ATOM   1007 O  OH  . TYR A 1 134 ? 6.275   7.820   -2.701  1.00 28.67  ? 134 TYR A OH  1 
ATOM   1008 N  N   . ALA A 1 135 ? 4.305   2.409   -2.110  1.00 25.38  ? 135 ALA A N   1 
ATOM   1009 C  CA  . ALA A 1 135 ? 4.683   2.275   -0.707  1.00 25.27  ? 135 ALA A CA  1 
ATOM   1010 C  C   . ALA A 1 135 ? 5.851   3.220   -0.307  1.00 25.31  ? 135 ALA A C   1 
ATOM   1011 O  O   . ALA A 1 135 ? 6.756   3.524   -1.123  1.00 24.12  ? 135 ALA A O   1 
ATOM   1012 C  CB  . ALA A 1 135 ? 5.015   0.790   -0.390  1.00 25.15  ? 135 ALA A CB  1 
ATOM   1013 N  N   . GLU A 1 136 ? 5.791   3.705   0.937   1.00 25.47  ? 136 GLU A N   1 
ATOM   1014 C  CA  . GLU A 1 136 ? 6.851   4.495   1.536   1.00 26.46  ? 136 GLU A CA  1 
ATOM   1015 C  C   . GLU A 1 136 ? 7.277   3.820   2.832   1.00 26.59  ? 136 GLU A C   1 
ATOM   1016 O  O   . GLU A 1 136 ? 6.460   3.201   3.530   1.00 26.30  ? 136 GLU A O   1 
ATOM   1017 C  CB  . GLU A 1 136 ? 6.427   5.961   1.769   1.00 26.78  ? 136 GLU A CB  1 
ATOM   1018 C  CG  . GLU A 1 136 ? 6.299   6.802   0.472   1.00 30.36  ? 136 GLU A CG  1 
ATOM   1019 C  CD  . GLU A 1 136 ? 5.928   8.303   0.705   1.00 31.05  ? 136 GLU A CD  1 
ATOM   1020 O  OE1 . GLU A 1 136 ? 5.763   8.703   1.908   1.00 29.95  ? 136 GLU A OE1 1 
ATOM   1021 O  OE2 . GLU A 1 136 ? 5.806   9.050   -0.331  1.00 31.42  ? 136 GLU A OE2 1 
ATOM   1022 N  N   . TYR A 1 137 ? 8.570   3.912   3.130   1.00 25.95  ? 137 TYR A N   1 
ATOM   1023 C  CA  . TYR A 1 137 ? 9.131   3.269   4.316   1.00 26.72  ? 137 TYR A CA  1 
ATOM   1024 C  C   . TYR A 1 137 ? 9.196   4.228   5.507   1.00 26.81  ? 137 TYR A C   1 
ATOM   1025 O  O   . TYR A 1 137 ? 9.719   5.350   5.386   1.00 26.79  ? 137 TYR A O   1 
ATOM   1026 C  CB  . TYR A 1 137 ? 10.518  2.712   3.989   1.00 26.35  ? 137 TYR A CB  1 
ATOM   1027 C  CG  . TYR A 1 137 ? 11.156  1.937   5.114   1.00 26.21  ? 137 TYR A CG  1 
ATOM   1028 C  CD1 . TYR A 1 137 ? 10.466  0.897   5.747   1.00 27.14  ? 137 TYR A CD1 1 
ATOM   1029 C  CD2 . TYR A 1 137 ? 12.444  2.244   5.559   1.00 25.93  ? 137 TYR A CD2 1 
ATOM   1030 C  CE1 . TYR A 1 137 ? 11.049  0.174   6.794   1.00 27.30  ? 137 TYR A CE1 1 
ATOM   1031 C  CE2 . TYR A 1 137 ? 13.034  1.538   6.614   1.00 26.60  ? 137 TYR A CE2 1 
ATOM   1032 C  CZ  . TYR A 1 137 ? 12.333  0.493   7.217   1.00 28.50  ? 137 TYR A CZ  1 
ATOM   1033 O  OH  . TYR A 1 137 ? 12.907  -0.231  8.254   1.00 26.91  ? 137 TYR A OH  1 
ATOM   1034 N  N   . LEU A 1 138 ? 8.641   3.789   6.633   1.00 26.42  ? 138 LEU A N   1 
ATOM   1035 C  CA  . LEU A 1 138 ? 8.641   4.555   7.879   1.00 27.56  ? 138 LEU A CA  1 
ATOM   1036 C  C   . LEU A 1 138 ? 9.586   3.874   8.857   1.00 27.28  ? 138 LEU A C   1 
ATOM   1037 O  O   . LEU A 1 138 ? 9.204   2.931   9.559   1.00 27.27  ? 138 LEU A O   1 
ATOM   1038 C  CB  . LEU A 1 138 ? 7.218   4.612   8.463   1.00 27.86  ? 138 LEU A CB  1 
ATOM   1039 C  CG  . LEU A 1 138 ? 6.159   5.340   7.635   1.00 31.51  ? 138 LEU A CG  1 
ATOM   1040 C  CD1 . LEU A 1 138 ? 4.823   5.204   8.325   1.00 31.45  ? 138 LEU A CD1 1 
ATOM   1041 C  CD2 . LEU A 1 138 ? 6.519   6.812   7.453   1.00 35.57  ? 138 LEU A CD2 1 
ATOM   1042 N  N   . GLN A 1 139 ? 10.832  4.332   8.890   1.00 27.08  ? 139 GLN A N   1 
ATOM   1043 C  CA  . GLN A 1 139 ? 11.904  3.539   9.501   1.00 28.93  ? 139 GLN A CA  1 
ATOM   1044 C  C   . GLN A 1 139 ? 11.764  3.316   11.019  1.00 28.73  ? 139 GLN A C   1 
ATOM   1045 O  O   . GLN A 1 139 ? 12.146  2.250   11.540  1.00 28.06  ? 139 GLN A O   1 
ATOM   1046 C  CB  . GLN A 1 139 ? 13.261  4.175   9.159   1.00 27.85  ? 139 GLN A CB  1 
ATOM   1047 C  CG  . GLN A 1 139 ? 14.355  3.849   10.129  1.00 36.49  ? 139 GLN A CG  1 
ATOM   1048 C  CD  . GLN A 1 139 ? 14.383  4.772   11.332  1.00 31.78  ? 139 GLN A CD  1 
ATOM   1049 O  OE1 . GLN A 1 139 ? 14.112  5.983   11.248  1.00 41.82  ? 139 GLN A OE1 1 
ATOM   1050 N  NE2 . GLN A 1 139 ? 14.721  4.216   12.436  1.00 41.71  ? 139 GLN A NE2 1 
ATOM   1051 N  N   . LYS A 1 140 ? 11.207  4.305   11.726  1.00 28.86  ? 140 LYS A N   1 
ATOM   1052 C  CA  . LYS A 1 140 ? 11.112  4.230   13.186  1.00 29.76  ? 140 LYS A CA  1 
ATOM   1053 C  C   . LYS A 1 140 ? 10.332  2.993   13.627  1.00 28.80  ? 140 LYS A C   1 
ATOM   1054 O  O   . LYS A 1 140 ? 10.694  2.343   14.598  1.00 27.63  ? 140 LYS A O   1 
ATOM   1055 C  CB  . LYS A 1 140 ? 10.478  5.501   13.749  1.00 30.04  ? 140 LYS A CB  1 
ATOM   1056 C  CG  . LYS A 1 140 ? 10.582  5.614   15.267  1.00 33.77  ? 140 LYS A CG  1 
ATOM   1057 C  CD  . LYS A 1 140 ? 9.808   6.841   15.816  1.00 34.10  ? 140 LYS A CD  1 
ATOM   1058 C  CE  . LYS A 1 140 ? 10.199  8.146   15.154  1.00 38.07  ? 140 LYS A CE  1 
ATOM   1059 N  NZ  . LYS A 1 140 ? 9.639   9.295   15.985  1.00 40.87  ? 140 LYS A NZ  1 
ATOM   1060 N  N   . TRP A 1 141 ? 9.290   2.661   12.868  1.00 28.08  ? 141 TRP A N   1 
ATOM   1061 C  CA  . TRP A 1 141 ? 8.434   1.513   13.149  1.00 28.45  ? 141 TRP A CA  1 
ATOM   1062 C  C   . TRP A 1 141 ? 8.687   0.287   12.268  1.00 28.26  ? 141 TRP A C   1 
ATOM   1063 O  O   . TRP A 1 141 ? 8.018   -0.734  12.434  1.00 28.14  ? 141 TRP A O   1 
ATOM   1064 C  CB  . TRP A 1 141 ? 6.968   1.942   13.028  1.00 28.44  ? 141 TRP A CB  1 
ATOM   1065 C  CG  . TRP A 1 141 ? 6.551   2.825   14.139  1.00 27.60  ? 141 TRP A CG  1 
ATOM   1066 C  CD1 . TRP A 1 141 ? 7.238   3.071   15.302  1.00 30.17  ? 141 TRP A CD1 1 
ATOM   1067 C  CD2 . TRP A 1 141 ? 5.345   3.575   14.217  1.00 28.12  ? 141 TRP A CD2 1 
ATOM   1068 N  NE1 . TRP A 1 141 ? 6.529   3.946   16.093  1.00 30.72  ? 141 TRP A NE1 1 
ATOM   1069 C  CE2 . TRP A 1 141 ? 5.359   4.265   15.452  1.00 29.12  ? 141 TRP A CE2 1 
ATOM   1070 C  CE3 . TRP A 1 141 ? 4.255   3.745   13.356  1.00 28.15  ? 141 TRP A CE3 1 
ATOM   1071 C  CZ2 . TRP A 1 141 ? 4.316   5.116   15.853  1.00 30.88  ? 141 TRP A CZ2 1 
ATOM   1072 C  CZ3 . TRP A 1 141 ? 3.206   4.594   13.762  1.00 30.22  ? 141 TRP A CZ3 1 
ATOM   1073 C  CH2 . TRP A 1 141 ? 3.250   5.266   14.994  1.00 29.62  ? 141 TRP A CH2 1 
ATOM   1074 N  N   . ASP A 1 142 ? 9.650   0.400   11.354  1.00 27.74  ? 142 ASP A N   1 
ATOM   1075 C  CA  . ASP A 1 142 ? 9.922   -0.592  10.321  1.00 28.08  ? 142 ASP A CA  1 
ATOM   1076 C  C   . ASP A 1 142 ? 8.618   -0.936  9.578   1.00 28.15  ? 142 ASP A C   1 
ATOM   1077 O  O   . ASP A 1 142 ? 8.292   -2.102  9.413   1.00 29.26  ? 142 ASP A O   1 
ATOM   1078 C  CB  . ASP A 1 142 ? 10.577  -1.868  10.902  1.00 28.01  ? 142 ASP A CB  1 
ATOM   1079 C  CG  . ASP A 1 142 ? 11.045  -2.840  9.827   1.00 29.48  ? 142 ASP A CG  1 
ATOM   1080 O  OD1 . ASP A 1 142 ? 11.580  -2.383  8.795   1.00 31.45  ? 142 ASP A OD1 1 
ATOM   1081 O  OD2 . ASP A 1 142 ? 10.910  -4.075  10.023  1.00 28.71  ? 142 ASP A OD2 1 
ATOM   1082 N  N   . TRP A 1 143 ? 7.863   0.081   9.174   1.00 27.25  ? 143 TRP A N   1 
ATOM   1083 C  CA  . TRP A 1 143 ? 6.655   -0.143  8.369   1.00 26.65  ? 143 TRP A CA  1 
ATOM   1084 C  C   . TRP A 1 143 ? 6.882   0.284   6.937   1.00 27.03  ? 143 TRP A C   1 
ATOM   1085 O  O   . TRP A 1 143 ? 7.221   1.441   6.669   1.00 27.31  ? 143 TRP A O   1 
ATOM   1086 C  CB  . TRP A 1 143 ? 5.454   0.637   8.903   1.00 27.06  ? 143 TRP A CB  1 
ATOM   1087 C  CG  . TRP A 1 143 ? 4.818   0.070   10.122  1.00 26.96  ? 143 TRP A CG  1 
ATOM   1088 C  CD1 . TRP A 1 143 ? 5.221   -1.014  10.835  1.00 27.23  ? 143 TRP A CD1 1 
ATOM   1089 C  CD2 . TRP A 1 143 ? 3.694   0.615   10.812  1.00 27.98  ? 143 TRP A CD2 1 
ATOM   1090 N  NE1 . TRP A 1 143 ? 4.399   -1.200  11.922  1.00 28.76  ? 143 TRP A NE1 1 
ATOM   1091 C  CE2 . TRP A 1 143 ? 3.457   -0.204  11.935  1.00 28.85  ? 143 TRP A CE2 1 
ATOM   1092 C  CE3 . TRP A 1 143 ? 2.854   1.710   10.579  1.00 28.26  ? 143 TRP A CE3 1 
ATOM   1093 C  CZ2 . TRP A 1 143 ? 2.399   0.023   12.820  1.00 27.47  ? 143 TRP A CZ2 1 
ATOM   1094 C  CZ3 . TRP A 1 143 ? 1.805   1.954   11.482  1.00 29.02  ? 143 TRP A CZ3 1 
ATOM   1095 C  CH2 . TRP A 1 143 ? 1.591   1.109   12.581  1.00 28.43  ? 143 TRP A CH2 1 
ATOM   1096 N  N   . VAL A 1 144 ? 6.639   -0.659  6.030   1.00 26.17  ? 144 VAL A N   1 
ATOM   1097 C  CA  . VAL A 1 144 ? 6.457   -0.352  4.625   1.00 26.01  ? 144 VAL A CA  1 
ATOM   1098 C  C   . VAL A 1 144 ? 4.954   -0.120  4.462   1.00 26.00  ? 144 VAL A C   1 
ATOM   1099 O  O   . VAL A 1 144 ? 4.146   -1.070  4.463   1.00 25.28  ? 144 VAL A O   1 
ATOM   1100 C  CB  . VAL A 1 144 ? 6.944   -1.499  3.727   1.00 25.98  ? 144 VAL A CB  1 
ATOM   1101 C  CG1 . VAL A 1 144 ? 6.613   -1.188  2.239   1.00 26.06  ? 144 VAL A CG1 1 
ATOM   1102 C  CG2 . VAL A 1 144 ? 8.428   -1.743  3.931   1.00 24.81  ? 144 VAL A CG2 1 
ATOM   1103 N  N   . LEU A 1 145 ? 4.590   1.153   4.403   1.00 25.51  ? 145 LEU A N   1 
ATOM   1104 C  CA  . LEU A 1 145 ? 3.168   1.569   4.378   1.00 25.34  ? 145 LEU A CA  1 
ATOM   1105 C  C   . LEU A 1 145 ? 2.783   1.790   2.927   1.00 25.29  ? 145 LEU A C   1 
ATOM   1106 O  O   . LEU A 1 145 ? 3.476   2.524   2.233   1.00 25.69  ? 145 LEU A O   1 
ATOM   1107 C  CB  . LEU A 1 145 ? 2.978   2.874   5.163   1.00 24.46  ? 145 LEU A CB  1 
ATOM   1108 C  CG  . LEU A 1 145 ? 1.574   3.523   5.142   1.00 25.95  ? 145 LEU A CG  1 
ATOM   1109 C  CD1 . LEU A 1 145 ? 0.509   2.616   5.771   1.00 23.72  ? 145 LEU A CD1 1 
ATOM   1110 C  CD2 . LEU A 1 145 ? 1.579   4.885   5.876   1.00 25.58  ? 145 LEU A CD2 1 
ATOM   1111 N  N   . GLY A 1 146 ? 1.685   1.175   2.485   1.00 24.54  ? 146 GLY A N   1 
ATOM   1112 C  CA  . GLY A 1 146 ? 1.307   1.230   1.073   1.00 25.54  ? 146 GLY A CA  1 
ATOM   1113 C  C   . GLY A 1 146 ? -0.174  1.403   0.804   1.00 25.78  ? 146 GLY A C   1 
ATOM   1114 O  O   . GLY A 1 146 ? -1.011  1.182   1.681   1.00 25.14  ? 146 GLY A O   1 
ATOM   1115 N  N   . THR A 1 147 ? -0.485  1.789   -0.430  1.00 25.69  ? 147 THR A N   1 
ATOM   1116 C  CA  . THR A 1 147 ? -1.842  1.844   -0.922  1.00 25.71  ? 147 THR A CA  1 
ATOM   1117 C  C   . THR A 1 147 ? -1.756  1.553   -2.433  1.00 25.66  ? 147 THR A C   1 
ATOM   1118 O  O   . THR A 1 147 ? -0.704  1.122   -2.918  1.00 24.95  ? 147 THR A O   1 
ATOM   1119 C  CB  . THR A 1 147 ? -2.543  3.210   -0.595  1.00 26.45  ? 147 THR A CB  1 
ATOM   1120 O  OG1 . THR A 1 147 ? -3.911  3.145   -1.025  1.00 27.40  ? 147 THR A OG1 1 
ATOM   1121 C  CG2 . THR A 1 147 ? -1.835  4.393   -1.277  1.00 28.83  ? 147 THR A CG2 1 
ATOM   1122 N  N   . GLY A 1 148 ? -2.841  1.754   -3.172  1.00 25.25  ? 148 GLY A N   1 
ATOM   1123 C  CA  . GLY A 1 148 ? -2.839  1.401   -4.604  1.00 24.42  ? 148 GLY A CA  1 
ATOM   1124 C  C   . GLY A 1 148 ? -4.076  1.870   -5.321  1.00 25.17  ? 148 GLY A C   1 
ATOM   1125 O  O   . GLY A 1 148 ? -5.053  2.279   -4.688  1.00 24.60  ? 148 GLY A O   1 
ATOM   1126 N  N   . ILE A 1 149 ? -4.022  1.829   -6.646  1.00 24.87  ? 149 ILE A N   1 
ATOM   1127 C  CA  . ILE A 1 149 ? -5.193  2.072   -7.491  1.00 27.10  ? 149 ILE A CA  1 
ATOM   1128 C  C   . ILE A 1 149 ? -5.361  0.844   -8.398  1.00 26.73  ? 149 ILE A C   1 
ATOM   1129 O  O   . ILE A 1 149 ? -4.369  0.264   -8.853  1.00 24.89  ? 149 ILE A O   1 
ATOM   1130 C  CB  . ILE A 1 149 ? -5.020  3.384   -8.298  1.00 26.96  ? 149 ILE A CB  1 
ATOM   1131 C  CG1 . ILE A 1 149 ? -5.153  4.597   -7.357  1.00 29.37  ? 149 ILE A CG1 1 
ATOM   1132 C  CG2 . ILE A 1 149 ? -6.067  3.519   -9.398  1.00 30.51  ? 149 ILE A CG2 1 
ATOM   1133 C  CD1 . ILE A 1 149 ? -4.629  5.930   -7.982  1.00 30.04  ? 149 ILE A CD1 1 
ATOM   1134 N  N   . TYR A 1 150 ? -6.608  0.441   -8.654  1.00 27.23  ? 150 TYR A N   1 
ATOM   1135 C  CA  . TYR A 1 150 ? -6.850  -0.713  -9.523  1.00 28.66  ? 150 TYR A CA  1 
ATOM   1136 C  C   . TYR A 1 150 ? -6.870  -0.283  -10.983 1.00 31.05  ? 150 TYR A C   1 
ATOM   1137 O  O   . TYR A 1 150 ? -7.396  0.764   -11.321 1.00 31.26  ? 150 TYR A O   1 
ATOM   1138 C  CB  . TYR A 1 150 ? -8.112  -1.478  -9.082  1.00 27.72  ? 150 TYR A CB  1 
ATOM   1139 C  CG  . TYR A 1 150 ? -7.863  -2.125  -7.719  1.00 27.54  ? 150 TYR A CG  1 
ATOM   1140 C  CD1 . TYR A 1 150 ? -7.442  -3.462  -7.623  1.00 25.78  ? 150 TYR A CD1 1 
ATOM   1141 C  CD2 . TYR A 1 150 ? -7.991  -1.390  -6.540  1.00 27.87  ? 150 TYR A CD2 1 
ATOM   1142 C  CE1 . TYR A 1 150 ? -7.168  -4.050  -6.394  1.00 26.11  ? 150 TYR A CE1 1 
ATOM   1143 C  CE2 . TYR A 1 150 ? -7.731  -1.970  -5.299  1.00 26.49  ? 150 TYR A CE2 1 
ATOM   1144 C  CZ  . TYR A 1 150 ? -7.321  -3.295  -5.228  1.00 26.28  ? 150 TYR A CZ  1 
ATOM   1145 O  OH  . TYR A 1 150 ? -7.075  -3.855  -3.996  1.00 25.62  ? 150 TYR A OH  1 
ATOM   1146 N  N   . ILE A 1 151 ? -6.257  -1.069  -11.854 1.00 34.23  ? 151 ILE A N   1 
ATOM   1147 C  CA  . ILE A 1 151 ? -6.087  -0.607  -13.227 1.00 37.65  ? 151 ILE A CA  1 
ATOM   1148 C  C   . ILE A 1 151 ? -6.907  -1.399  -14.240 1.00 40.25  ? 151 ILE A C   1 
ATOM   1149 O  O   . ILE A 1 151 ? -6.821  -1.140  -15.448 1.00 40.53  ? 151 ILE A O   1 
ATOM   1150 C  CB  . ILE A 1 151 ? -4.591  -0.505  -13.633 1.00 37.70  ? 151 ILE A CB  1 
ATOM   1151 C  CG1 . ILE A 1 151 ? -3.849  -1.809  -13.372 1.00 38.27  ? 151 ILE A CG1 1 
ATOM   1152 C  CG2 . ILE A 1 151 ? -3.888  0.626   -12.858 1.00 38.60  ? 151 ILE A CG2 1 
ATOM   1153 C  CD1 . ILE A 1 151 ? -2.372  -1.663  -13.559 1.00 40.43  ? 151 ILE A CD1 1 
ATOM   1154 N  N   . ASP A 1 152 ? -7.721  -2.329  -13.741 1.00 43.26  ? 152 ASP A N   1 
ATOM   1155 C  CA  . ASP A 1 152 ? -8.603  -3.135  -14.596 1.00 47.57  ? 152 ASP A CA  1 
ATOM   1156 C  C   . ASP A 1 152 ? -9.506  -2.338  -15.548 1.00 50.03  ? 152 ASP A C   1 
ATOM   1157 O  O   . ASP A 1 152 ? -9.874  -2.850  -16.611 1.00 50.83  ? 152 ASP A O   1 
ATOM   1158 C  CB  . ASP A 1 152 ? -9.421  -4.168  -13.790 1.00 47.47  ? 152 ASP A CB  1 
ATOM   1159 C  CG  . ASP A 1 152 ? -10.125 -3.576  -12.557 1.00 50.04  ? 152 ASP A CG  1 
ATOM   1160 O  OD1 . ASP A 1 152 ? -9.883  -2.419  -12.163 1.00 51.81  ? 152 ASP A OD1 1 
ATOM   1161 O  OD2 . ASP A 1 152 ? -10.938 -4.305  -11.956 1.00 54.06  ? 152 ASP A OD2 1 
ATOM   1162 N  N   . ASP A 1 153 ? -9.865  -1.108  -15.170 1.00 53.24  ? 153 ASP A N   1 
ATOM   1163 C  CA  . ASP A 1 153 ? -10.639 -0.206  -16.045 1.00 56.19  ? 153 ASP A CA  1 
ATOM   1164 C  C   . ASP A 1 153 ? -9.868  0.200   -17.310 1.00 58.31  ? 153 ASP A C   1 
ATOM   1165 O  O   . ASP A 1 153 ? -10.395 0.099   -18.430 1.00 58.58  ? 153 ASP A O   1 
ATOM   1166 C  CB  . ASP A 1 153 ? -11.114 1.041   -15.282 1.00 56.25  ? 153 ASP A CB  1 
ATOM   1167 C  CG  . ASP A 1 153 ? -10.094 1.539   -14.274 1.00 56.97  ? 153 ASP A CG  1 
ATOM   1168 O  OD1 . ASP A 1 153 ? -8.964  1.894   -14.687 1.00 56.15  ? 153 ASP A OD1 1 
ATOM   1169 O  OD2 . ASP A 1 153 ? -10.427 1.568   -13.064 1.00 56.91  ? 153 ASP A OD2 1 
ATOM   1170 N  N   . ILE A 1 154 ? -8.632  0.668   -17.115 1.00 60.61  ? 154 ILE A N   1 
ATOM   1171 C  CA  . ILE A 1 154 ? -7.684  0.890   -18.194 1.00 63.00  ? 154 ILE A CA  1 
ATOM   1172 C  C   . ILE A 1 154 ? -7.497  -0.442  -18.927 1.00 64.53  ? 154 ILE A C   1 
ATOM   1173 O  O   . ILE A 1 154 ? -7.937  -0.591  -20.073 1.00 65.24  ? 154 ILE A O   1 
ATOM   1174 C  CB  . ILE A 1 154 ? -6.311  1.413   -17.654 1.00 63.21  ? 154 ILE A CB  1 
ATOM   1175 C  CG1 . ILE A 1 154 ? -6.505  2.651   -16.761 1.00 63.61  ? 154 ILE A CG1 1 
ATOM   1176 C  CG2 . ILE A 1 154 ? -5.349  1.707   -18.814 1.00 63.69  ? 154 ILE A CG2 1 
ATOM   1177 C  CD1 . ILE A 1 154 ? -5.321  2.988   -15.858 1.00 63.56  ? 154 ILE A CD1 1 
ATOM   1178 N  N   . ASP A 1 155 ? -6.860  -1.406  -18.254 1.00 66.06  ? 155 ASP A N   1 
ATOM   1179 C  CA  . ASP A 1 155 ? -6.723  -2.774  -18.755 1.00 67.18  ? 155 ASP A CA  1 
ATOM   1180 C  C   . ASP A 1 155 ? -8.076  -3.487  -18.716 1.00 67.38  ? 155 ASP A C   1 
ATOM   1181 O  O   . ASP A 1 155 ? -8.863  -3.412  -19.662 1.00 67.92  ? 155 ASP A O   1 
ATOM   1182 C  CB  . ASP A 1 155 ? -5.676  -3.545  -17.928 1.00 67.65  ? 155 ASP A CB  1 
ATOM   1183 C  CG  . ASP A 1 155 ? -5.784  -5.072  -18.082 1.00 69.59  ? 155 ASP A CG  1 
ATOM   1184 O  OD1 . ASP A 1 155 ? -5.962  -5.571  -19.224 1.00 71.83  ? 155 ASP A OD1 1 
ATOM   1185 O  OD2 . ASP A 1 155 ? -5.679  -5.776  -17.052 1.00 70.90  ? 155 ASP A OD2 1 
HETATM 1186 C  C1  . GOL B 2 .   ? -2.632  -4.240  -1.520  1.00 24.98  ? 175 GOL A C1  1 
HETATM 1187 O  O1  . GOL B 2 .   ? -2.465  -4.997  -2.602  1.00 36.56  ? 175 GOL A O1  1 
HETATM 1188 C  C2  . GOL B 2 .   ? -2.835  -5.273  -0.522  1.00 25.89  ? 175 GOL A C2  1 
HETATM 1189 O  O2  . GOL B 2 .   ? -3.865  -4.929  0.211   1.00 18.31  ? 175 GOL A O2  1 
HETATM 1190 C  C3  . GOL B 2 .   ? -1.482  -5.740  0.032   1.00 21.48  ? 175 GOL A C3  1 
HETATM 1191 O  O3  . GOL B 2 .   ? -1.636  -5.980  1.298   1.00 14.40  ? 175 GOL A O3  1 
HETATM 1192 O  O   . HOH C 3 .   ? -9.660  -12.636 -3.819  1.00 15.68  ? 176 HOH A O   1 
HETATM 1193 O  O   . HOH C 3 .   ? -7.154  2.332   4.972   1.00 16.27  ? 177 HOH A O   1 
HETATM 1194 O  O   . HOH C 3 .   ? -4.200  -0.612  -1.307  1.00 16.35  ? 178 HOH A O   1 
HETATM 1195 O  O   . HOH C 3 .   ? -6.108  0.823   -2.467  1.00 18.74  ? 179 HOH A O   1 
HETATM 1196 O  O   . HOH C 3 .   ? -5.404  -10.752 -2.496  1.00 18.81  ? 180 HOH A O   1 
HETATM 1197 O  O   . HOH C 3 .   ? -16.274 -10.784 -8.543  1.00 18.53  ? 181 HOH A O   1 
HETATM 1198 O  O   . HOH C 3 .   ? -7.867  -6.199  -0.255  1.00 17.69  ? 182 HOH A O   1 
HETATM 1199 O  O   . HOH C 3 .   ? -1.046  -4.887  -12.283 1.00 19.22  ? 183 HOH A O   1 
HETATM 1200 O  O   . HOH C 3 .   ? -9.798  1.693   12.347  1.00 23.31  ? 184 HOH A O   1 
HETATM 1201 O  O   . HOH C 3 .   ? 11.685  6.415   7.055   1.00 21.54  ? 185 HOH A O   1 
HETATM 1202 O  O   . HOH C 3 .   ? -12.975 -5.121  4.279   1.00 20.07  ? 186 HOH A O   1 
HETATM 1203 O  O   . HOH C 3 .   ? 0.572   -9.346  -11.731 1.00 22.51  ? 187 HOH A O   1 
HETATM 1204 O  O   . HOH C 3 .   ? -2.546  -11.511 -5.037  1.00 23.55  ? 188 HOH A O   1 
HETATM 1205 O  O   . HOH C 3 .   ? -1.481  -7.648  -12.241 1.00 20.03  ? 189 HOH A O   1 
HETATM 1206 O  O   . HOH C 3 .   ? 6.143   -11.484 -1.747  1.00 21.55  ? 190 HOH A O   1 
HETATM 1207 O  O   . HOH C 3 .   ? -3.641  -12.660 -8.176  1.00 25.41  ? 191 HOH A O   1 
HETATM 1208 O  O   . HOH C 3 .   ? 8.294   5.650   -1.772  1.00 23.24  ? 192 HOH A O   1 
HETATM 1209 O  O   . HOH C 3 .   ? 10.430  7.955   8.931   1.00 27.08  ? 193 HOH A O   1 
HETATM 1210 O  O   . HOH C 3 .   ? 10.407  -3.926  -6.246  1.00 21.71  ? 194 HOH A O   1 
HETATM 1211 O  O   . HOH C 3 .   ? 15.139  -3.562  0.363   1.00 26.43  ? 195 HOH A O   1 
HETATM 1212 O  O   . HOH C 3 .   ? -19.602 -6.027  -6.961  1.00 24.18  ? 196 HOH A O   1 
HETATM 1213 O  O   . HOH C 3 .   ? 4.473   11.182  2.093   1.00 21.41  ? 197 HOH A O   1 
HETATM 1214 O  O   . HOH C 3 .   ? -18.831 -13.207 -1.679  1.00 20.25  ? 198 HOH A O   1 
HETATM 1215 O  O   . HOH C 3 .   ? 8.658   7.752   -6.739  1.00 24.83  ? 199 HOH A O   1 
HETATM 1216 O  O   . HOH C 3 .   ? -8.816  1.983   -7.697  1.00 28.39  ? 200 HOH A O   1 
HETATM 1217 O  O   . HOH C 3 .   ? 5.165   -11.739 -13.272 1.00 32.18  ? 201 HOH A O   1 
HETATM 1218 O  O   . HOH C 3 .   ? 9.452   -13.571 -1.952  1.00 23.81  ? 202 HOH A O   1 
HETATM 1219 O  O   . HOH C 3 .   ? 4.412   10.145  9.988   1.00 24.94  ? 203 HOH A O   1 
HETATM 1220 O  O   . HOH C 3 .   ? 10.216  5.089   1.039   1.00 26.37  ? 204 HOH A O   1 
HETATM 1221 O  O   . HOH C 3 .   ? 6.276   -3.199  -11.263 1.00 21.36  ? 205 HOH A O   1 
HETATM 1222 O  O   . HOH C 3 .   ? 2.385   -7.773  12.866  1.00 31.21  ? 206 HOH A O   1 
HETATM 1223 O  O   . HOH C 3 .   ? 1.186   14.258  -5.780  1.00 28.58  ? 207 HOH A O   1 
HETATM 1224 O  O   . HOH C 3 .   ? -13.669 -0.220  1.499   1.00 30.46  ? 208 HOH A O   1 
HETATM 1225 O  O   . HOH C 3 .   ? 10.654  -13.272 6.257   1.00 26.70  ? 209 HOH A O   1 
HETATM 1226 O  O   . HOH C 3 .   ? 5.430   -6.268  -11.037 1.00 24.97  ? 210 HOH A O   1 
HETATM 1227 O  O   . HOH C 3 .   ? -11.347 -0.881  7.750   1.00 28.48  ? 211 HOH A O   1 
HETATM 1228 O  O   . HOH C 3 .   ? 7.383   9.046   3.611   1.00 30.67  ? 212 HOH A O   1 
HETATM 1229 O  O   . HOH C 3 .   ? -13.375 2.145   -5.427  1.00 29.81  ? 213 HOH A O   1 
HETATM 1230 O  O   . HOH C 3 .   ? -12.223 -12.705 -0.403  0.50 29.40  ? 214 HOH A O   1 
HETATM 1231 O  O   . HOH C 3 .   ? -1.850  11.455  14.723  1.00 30.21  ? 215 HOH A O   1 
HETATM 1232 O  O   . HOH C 3 .   ? -9.593  -4.520  12.623  1.00 32.68  ? 216 HOH A O   1 
HETATM 1233 O  O   . HOH C 3 .   ? 9.802   -8.891  11.872  1.00 33.87  ? 217 HOH A O   1 
HETATM 1234 O  O   . HOH C 3 .   ? -19.546 -2.883  -5.444  1.00 33.90  ? 218 HOH A O   1 
HETATM 1235 O  O   . HOH C 3 .   ? 4.125   11.216  -0.835  1.00 22.67  ? 219 HOH A O   1 
HETATM 1236 O  O   . HOH C 3 .   ? 13.503  -7.103  3.338   1.00 27.05  ? 220 HOH A O   1 
HETATM 1237 O  O   . HOH C 3 .   ? 2.042   -17.460 -2.995  1.00 31.16  ? 221 HOH A O   1 
HETATM 1238 O  O   . HOH C 3 .   ? -6.170  6.467   16.972  1.00 27.40  ? 222 HOH A O   1 
HETATM 1239 O  O   . HOH C 3 .   ? 8.440   -11.057 -8.328  1.00 32.57  ? 223 HOH A O   1 
HETATM 1240 O  O   . HOH C 3 .   ? 14.816  -4.799  3.911   1.00 27.65  ? 224 HOH A O   1 
HETATM 1241 O  O   . HOH C 3 .   ? -1.342  3.560   20.732  1.00 29.22  ? 225 HOH A O   1 
HETATM 1242 O  O   . HOH C 3 .   ? 1.071   0.626   20.407  1.00 31.38  ? 226 HOH A O   1 
HETATM 1243 O  O   . HOH C 3 .   ? 10.675  6.029   -3.420  1.00 30.65  ? 227 HOH A O   1 
HETATM 1244 O  O   . HOH C 3 .   ? -8.774  -14.954 7.422   1.00 32.99  ? 228 HOH A O   1 
HETATM 1245 O  O   . HOH C 3 .   ? -6.483  -1.868  14.627  1.00 31.58  ? 229 HOH A O   1 
HETATM 1246 O  O   . HOH C 3 .   ? -10.233 -13.851 -7.970  1.00 27.95  ? 230 HOH A O   1 
HETATM 1247 O  O   . HOH C 3 .   ? 0.225   -4.551  14.163  1.00 34.26  ? 231 HOH A O   1 
HETATM 1248 O  O   . HOH C 3 .   ? -13.668 3.631   7.026   1.00 32.25  ? 232 HOH A O   1 
HETATM 1249 O  O   . HOH C 3 .   ? 13.493  4.543   -2.058  1.00 28.57  ? 233 HOH A O   1 
HETATM 1250 O  O   . HOH C 3 .   ? -10.126 -12.368 -10.645 1.00 34.28  ? 234 HOH A O   1 
HETATM 1251 O  O   . HOH C 3 .   ? -8.755  -10.438 12.707  1.00 33.68  ? 235 HOH A O   1 
HETATM 1252 O  O   . HOH C 3 .   ? -5.866  -10.052 -11.625 1.00 36.97  ? 236 HOH A O   1 
HETATM 1253 O  O   . HOH C 3 .   ? -15.884 5.168   -3.473  1.00 35.63  ? 237 HOH A O   1 
HETATM 1254 O  O   . HOH C 3 .   ? -15.718 -2.002  -8.995  1.00 39.53  ? 238 HOH A O   1 
HETATM 1255 O  O   . HOH C 3 .   ? 8.995   -0.651  15.894  1.00 43.94  ? 239 HOH A O   1 
HETATM 1256 O  O   . HOH C 3 .   ? -5.383  -12.748 1.495   1.00 31.68  ? 240 HOH A O   1 
HETATM 1257 O  O   . HOH C 3 .   ? -3.144  13.167  -11.028 1.00 33.39  ? 241 HOH A O   1 
HETATM 1258 O  O   . HOH C 3 .   ? 15.511  1.995   11.613  1.00 39.70  ? 242 HOH A O   1 
HETATM 1259 O  O   . HOH C 3 .   ? -0.946  12.194  -16.856 1.00 41.14  ? 243 HOH A O   1 
HETATM 1260 O  O   . HOH C 3 .   ? -13.683 -2.460  4.468   1.00 36.00  ? 244 HOH A O   1 
HETATM 1261 O  O   . HOH C 3 .   ? -18.636 1.148   -3.373  1.00 44.61  ? 245 HOH A O   1 
HETATM 1262 O  O   . HOH C 3 .   ? 3.081   10.964  -12.248 1.00 38.93  ? 246 HOH A O   1 
HETATM 1263 O  O   . HOH C 3 .   ? 8.692   -8.713  -6.540  1.00 31.08  ? 247 HOH A O   1 
HETATM 1264 O  O   . HOH C 3 .   ? -10.908 -10.729 10.934  1.00 25.74  ? 248 HOH A O   1 
HETATM 1265 O  O   . HOH C 3 .   ? -6.715  -10.850 0.173   1.00 25.49  ? 249 HOH A O   1 
HETATM 1266 O  O   . HOH C 3 .   ? 5.496   -15.995 3.313   1.00 36.06  ? 250 HOH A O   1 
HETATM 1267 O  O   . HOH C 3 .   ? 4.236   -3.126  14.157  1.00 34.56  ? 251 HOH A O   1 
HETATM 1268 O  O   . HOH C 3 .   ? 18.725  0.990   -5.299  1.00 33.69  ? 252 HOH A O   1 
HETATM 1269 O  O   . HOH C 3 .   ? 12.308  1.882   -8.906  1.00 46.38  ? 253 HOH A O   1 
HETATM 1270 O  O   . HOH C 3 .   ? 8.191   -1.068  18.980  1.00 56.37  ? 254 HOH A O   1 
HETATM 1271 O  O   . HOH C 3 .   ? 7.557   -15.850 -9.013  1.00 45.29  ? 255 HOH A O   1 
HETATM 1272 O  O   . HOH C 3 .   ? -14.434 -7.962  -0.405  0.50 27.02  ? 256 HOH A O   1 
HETATM 1273 O  O   . HOH C 3 .   ? -1.796  -13.448 13.094  1.00 36.57  ? 257 HOH A O   1 
HETATM 1274 O  O   . HOH C 3 .   ? -8.954  -0.699  13.570  1.00 32.34  ? 258 HOH A O   1 
HETATM 1275 O  O   . HOH C 3 .   ? -2.884  -11.800 -2.223  1.00 26.65  ? 259 HOH A O   1 
HETATM 1276 O  O   . HOH C 3 .   ? 11.283  -12.398 -3.543  1.00 31.72  ? 260 HOH A O   1 
HETATM 1277 O  O   . HOH C 3 .   ? -14.714 -14.895 -0.496  1.00 26.70  ? 261 HOH A O   1 
HETATM 1278 O  O   . HOH C 3 .   ? -0.313  -4.343  -14.780 1.00 31.83  ? 262 HOH A O   1 
HETATM 1279 O  O   . HOH C 3 .   ? -11.862 -4.042  10.679  1.00 31.59  ? 263 HOH A O   1 
HETATM 1280 O  O   . HOH C 3 .   ? -13.344 -10.682 -11.980 1.00 37.55  ? 264 HOH A O   1 
HETATM 1281 O  O   . HOH C 3 .   ? 13.936  6.411   5.596   1.00 33.64  ? 265 HOH A O   1 
HETATM 1282 O  O   . HOH C 3 .   ? 7.814   -14.984 10.511  1.00 34.74  ? 266 HOH A O   1 
HETATM 1283 O  O   . HOH C 3 .   ? -1.897  -8.007  -14.773 1.00 32.02  ? 267 HOH A O   1 
HETATM 1284 O  O   . HOH C 3 .   ? 7.792   -7.598  -10.245 1.00 37.46  ? 268 HOH A O   1 
HETATM 1285 O  O   . HOH C 3 .   ? 2.624   -8.653  -13.373 1.00 38.95  ? 269 HOH A O   1 
HETATM 1286 O  O   . HOH C 3 .   ? -12.093 1.908   13.708  1.00 34.50  ? 270 HOH A O   1 
HETATM 1287 O  O   . HOH C 3 .   ? 6.436   -3.474  -14.046 1.00 38.44  ? 271 HOH A O   1 
HETATM 1288 O  O   . HOH C 3 .   ? -4.689  -10.785 12.935  1.00 36.70  ? 272 HOH A O   1 
HETATM 1289 O  O   . HOH C 3 .   ? -0.394  16.211  -6.561  1.00 37.29  ? 273 HOH A O   1 
HETATM 1290 O  O   . HOH C 3 .   ? -16.207 2.721   -5.735  1.00 48.43  ? 274 HOH A O   1 
HETATM 1291 O  O   . HOH C 3 .   ? 4.192   14.845  17.885  1.00 46.28  ? 275 HOH A O   1 
HETATM 1292 O  O   . HOH C 3 .   ? 12.761  0.264   13.617  1.00 43.43  ? 276 HOH A O   1 
HETATM 1293 O  O   . HOH C 3 .   ? 8.227   8.315   -9.300  1.00 41.96  ? 277 HOH A O   1 
HETATM 1294 O  O   . HOH C 3 .   ? -10.914 -8.947  -11.979 1.00 34.56  ? 278 HOH A O   1 
HETATM 1295 O  O   . HOH C 3 .   ? -16.528 -2.345  -1.401  1.00 41.55  ? 279 HOH A O   1 
HETATM 1296 O  O   . HOH C 3 .   ? 7.971   12.704  10.838  1.00 43.44  ? 280 HOH A O   1 
HETATM 1297 O  O   . HOH C 3 .   ? -11.326 0.458   10.098  1.00 35.96  ? 281 HOH A O   1 
HETATM 1298 O  O   . HOH C 3 .   ? 11.380  -9.775  -5.143  1.00 43.00  ? 282 HOH A O   1 
HETATM 1299 O  O   . HOH C 3 .   ? 5.871   -7.767  12.845  1.00 43.35  ? 283 HOH A O   1 
HETATM 1300 O  O   . HOH C 3 .   ? 10.251  -5.093  12.469  1.00 45.13  ? 284 HOH A O   1 
HETATM 1301 O  O   . HOH C 3 .   ? -3.777  2.652   21.709  1.00 43.03  ? 285 HOH A O   1 
HETATM 1302 O  O   . HOH C 3 .   ? 4.270   2.889   -15.037 1.00 41.89  ? 286 HOH A O   1 
HETATM 1303 O  O   . HOH C 3 .   ? 12.848  -7.543  0.538   1.00 44.12  ? 287 HOH A O   1 
HETATM 1304 O  O   . HOH C 3 .   ? -4.766  8.820   18.171  1.00 37.89  ? 288 HOH A O   1 
HETATM 1305 O  O   . HOH C 3 .   ? 7.682   3.461   -11.817 1.00 42.53  ? 289 HOH A O   1 
HETATM 1306 O  O   . HOH C 3 .   ? 5.375   12.996  -2.179  1.00 42.82  ? 290 HOH A O   1 
HETATM 1307 O  O   . HOH C 3 .   ? 4.174   11.156  -9.750  1.00 51.78  ? 291 HOH A O   1 
HETATM 1308 O  O   . HOH C 3 .   ? 2.390   -17.102 6.250   1.00 40.95  ? 292 HOH A O   1 
HETATM 1309 O  O   . HOH C 3 .   ? -16.710 -7.475  -12.063 1.00 41.41  ? 293 HOH A O   1 
HETATM 1310 O  O   . HOH C 3 .   ? 3.580   14.197  -6.823  1.00 39.55  ? 294 HOH A O   1 
HETATM 1311 O  O   . HOH C 3 .   ? -10.362 8.428   -5.427  1.00 38.81  ? 295 HOH A O   1 
HETATM 1312 O  O   . HOH C 3 .   ? 4.665   16.233  14.887  1.00 47.08  ? 296 HOH A O   1 
HETATM 1313 O  O   . HOH C 3 .   ? 7.096   -3.168  12.901  1.00 42.65  ? 297 HOH A O   1 
HETATM 1314 O  O   . HOH C 3 .   ? 9.261   -1.954  -8.310  1.00 38.34  ? 298 HOH A O   1 
HETATM 1315 O  O   . HOH C 3 .   ? -0.170  13.654  -14.487 1.00 44.36  ? 299 HOH A O   1 
HETATM 1316 O  O   . HOH C 3 .   ? -3.213  -12.160 -17.111 1.00 42.71  ? 300 HOH A O   1 
HETATM 1317 O  O   . HOH C 3 .   ? 8.621   0.852   -10.439 1.00 47.51  ? 301 HOH A O   1 
HETATM 1318 O  O   . HOH C 3 .   ? -11.867 0.150   -11.382 1.00 51.73  ? 302 HOH A O   1 
HETATM 1319 O  O   . HOH C 3 .   ? 8.794   -3.092  -10.477 1.00 39.98  ? 303 HOH A O   1 
HETATM 1320 O  O   . HOH C 3 .   ? -15.393 7.557   -4.460  1.00 45.84  ? 304 HOH A O   1 
HETATM 1321 O  O   . HOH C 3 .   ? 7.888   -16.324 4.387   1.00 54.96  ? 305 HOH A O   1 
HETATM 1322 O  O   . HOH C 3 .   ? -12.718 -13.855 -4.097  1.00 47.55  ? 306 HOH A O   1 
HETATM 1323 O  O   . HOH C 3 .   ? -13.709 9.413   -3.671  1.00 40.03  ? 307 HOH A O   1 
HETATM 1324 O  O   . HOH C 3 .   ? -11.696 -6.550  -12.893 1.00 47.07  ? 308 HOH A O   1 
HETATM 1325 O  O   . HOH C 3 .   ? 10.660  -11.381 11.945  1.00 47.49  ? 309 HOH A O   1 
HETATM 1326 O  O   . HOH C 3 .   ? -11.443 0.790   -8.147  1.00 41.71  ? 310 HOH A O   1 
HETATM 1327 O  O   . HOH C 3 .   ? 6.732   11.172  9.143   1.00 44.31  ? 311 HOH A O   1 
HETATM 1328 O  O   . HOH C 3 .   ? 9.227   1.205   18.001  1.00 52.70  ? 312 HOH A O   1 
HETATM 1329 O  O   . HOH C 3 .   ? 8.513   9.522   7.702   1.00 48.34  ? 313 HOH A O   1 
HETATM 1330 O  O   . HOH C 3 .   ? 4.212   -13.049 13.145  1.00 40.25  ? 314 HOH A O   1 
HETATM 1331 O  O   . HOH C 3 .   ? 19.736  -1.586  -5.118  1.00 37.20  ? 315 HOH A O   1 
HETATM 1332 O  O   . HOH C 3 .   ? 1.569   -17.723 -12.857 1.00 47.48  ? 316 HOH A O   1 
HETATM 1333 O  O   . HOH C 3 .   ? 1.419   -17.802 -7.964  1.00 42.42  ? 317 HOH A O   1 
HETATM 1334 O  O   . HOH C 3 .   ? -13.999 -3.853  -11.447 1.00 46.75  ? 318 HOH A O   1 
HETATM 1335 O  O   . HOH C 3 .   ? -13.681 2.215   9.728   1.00 43.61  ? 319 HOH A O   1 
HETATM 1336 O  O   . HOH C 3 .   ? -15.997 -4.306  0.788   0.50 40.13  ? 320 HOH A O   1 
HETATM 1337 O  O   . HOH C 3 .   ? -3.718  8.191   20.838  1.00 43.74  ? 321 HOH A O   1 
HETATM 1338 O  O   . HOH C 3 .   ? -0.041  -9.715  -16.297 1.00 46.04  ? 322 HOH A O   1 
HETATM 1339 O  O   . HOH C 3 .   ? 7.579   11.604  4.479   1.00 39.12  ? 323 HOH A O   1 
HETATM 1340 O  O   . HOH C 3 .   ? 7.024   -0.681  -14.659 1.00 52.49  ? 324 HOH A O   1 
HETATM 1341 O  O   . HOH C 3 .   ? 6.072   9.550   -9.753  1.00 49.11  ? 325 HOH A O   1 
HETATM 1342 O  O   . HOH C 3 .   ? 9.582   -5.882  -10.239 1.00 45.15  ? 326 HOH A O   1 
HETATM 1343 O  O   . HOH C 3 .   ? -9.986  6.550   18.265  1.00 40.22  ? 327 HOH A O   1 
HETATM 1344 O  O   . HOH C 3 .   ? 5.721   13.079  3.373   1.00 40.73  ? 328 HOH A O   1 
HETATM 1345 O  O   . HOH C 3 .   ? -15.560 2.010   2.037   1.00 51.20  ? 329 HOH A O   1 
HETATM 1346 O  O   . HOH C 3 .   ? -1.962  14.798  -12.907 1.00 53.37  ? 330 HOH A O   1 
HETATM 1347 O  O   . HOH C 3 .   ? -5.326  -13.952 12.021  1.00 44.22  ? 331 HOH A O   1 
HETATM 1348 O  O   . HOH C 3 .   ? 2.977   -16.534 1.879   1.00 45.53  ? 332 HOH A O   1 
HETATM 1349 O  O   . HOH C 3 .   ? 7.807   6.490   -11.084 1.00 50.85  ? 333 HOH A O   1 
HETATM 1350 O  O   . HOH C 3 .   ? 3.868   -18.305 -9.443  1.00 46.67  ? 334 HOH A O   1 
HETATM 1351 O  O   . HOH C 3 .   ? -12.417 -13.017 -11.331 1.00 47.03  ? 335 HOH A O   1 
HETATM 1352 O  O   . HOH C 3 .   ? 7.888   10.855  -0.569  1.00 51.46  ? 336 HOH A O   1 
HETATM 1353 O  O   . HOH C 3 .   ? 12.598  6.331   3.021   1.00 51.81  ? 337 HOH A O   1 
HETATM 1354 O  O   . HOH C 3 .   ? 10.425  8.769   -4.018  1.00 50.92  ? 338 HOH A O   1 
HETATM 1355 O  O   . HOH C 3 .   ? 10.438  -15.744 4.583   1.00 55.82  ? 339 HOH A O   1 
HETATM 1356 O  O   . HOH C 3 .   ? 10.733  -15.670 -1.181  1.00 54.33  ? 340 HOH A O   1 
HETATM 1357 O  O   . HOH C 3 .   ? 11.052  -1.287  14.790  1.00 52.54  ? 341 HOH A O   1 
HETATM 1358 O  O   . HOH C 3 .   ? 13.107  -5.749  10.394  1.00 48.64  ? 342 HOH A O   1 
HETATM 1359 O  O   . HOH C 3 .   ? 13.712  -11.300 -1.940  1.00 50.02  ? 343 HOH A O   1 
HETATM 1360 O  O   . HOH C 3 .   ? 10.235  -13.196 -8.036  1.00 48.28  ? 344 HOH A O   1 
HETATM 1361 O  O   . HOH C 3 .   ? -3.361  -14.451 -2.105  1.00 52.81  ? 345 HOH A O   1 
HETATM 1362 O  O   . HOH C 3 .   ? -0.380  -8.486  14.690  1.00 51.12  ? 346 HOH A O   1 
HETATM 1363 O  O   . HOH C 3 .   ? 14.071  -2.321  12.474  1.00 57.49  ? 347 HOH A O   1 
HETATM 1364 O  O   . HOH C 3 .   ? 4.249   -4.546  -15.198 1.00 56.16  ? 348 HOH A O   1 
HETATM 1365 O  O   . HOH C 3 .   ? 6.366   0.474   -11.798 1.00 54.89  ? 349 HOH A O   1 
HETATM 1366 O  O   . HOH C 3 .   ? 7.815   -5.646  12.904  1.00 55.39  ? 350 HOH A O   1 
HETATM 1367 O  O   . HOH C 3 .   ? 1.837   -2.710  15.387  1.00 51.32  ? 351 HOH A O   1 
HETATM 1368 O  O   . HOH C 3 .   ? 9.203   7.971   4.804   1.00 50.89  ? 352 HOH A O   1 
HETATM 1369 O  O   . HOH C 3 .   ? 1.233   12.614  -18.764 1.00 55.22  ? 353 HOH A O   1 
HETATM 1370 O  O   . HOH C 3 .   ? -6.536  5.045   19.213  1.00 48.78  ? 354 HOH A O   1 
HETATM 1371 O  O   . HOH C 3 .   ? 4.061   17.363  7.807   1.00 48.53  ? 355 HOH A O   1 
HETATM 1372 O  O   . HOH C 3 .   ? -9.808  -15.892 5.181   1.00 50.87  ? 356 HOH A O   1 
HETATM 1373 O  O   . HOH C 3 .   ? -11.349 3.567   -18.961 1.00 64.23  ? 357 HOH A O   1 
HETATM 1374 O  O   . HOH C 3 .   ? -1.396  6.514   21.539  1.00 52.24  ? 358 HOH A O   1 
HETATM 1375 O  O   . HOH C 3 .   ? 14.682  0.273   10.167  1.00 54.67  ? 359 HOH A O   1 
HETATM 1376 O  O   . HOH C 3 .   ? 11.246  5.007   -11.643 1.00 44.58  ? 360 HOH A O   1 
HETATM 1377 O  O   . HOH C 3 .   ? -3.998  -15.038 -6.843  1.00 50.84  ? 361 HOH A O   1 
HETATM 1378 O  O   . HOH C 3 .   ? 6.623   15.129  18.987  1.00 53.06  ? 362 HOH A O   1 
HETATM 1379 O  O   . HOH C 3 .   ? -6.408  -16.262 11.380  1.00 55.49  ? 363 HOH A O   1 
HETATM 1380 O  O   . HOH C 3 .   ? 14.867  4.659   14.539  1.00 50.81  ? 364 HOH A O   1 
HETATM 1381 O  O   . HOH C 3 .   ? 11.699  8.800   3.879   1.00 68.19  ? 365 HOH A O   1 
HETATM 1382 O  O   . HOH C 3 .   ? 9.744   5.057   18.462  1.00 63.66  ? 366 HOH A O   1 
HETATM 1383 O  O   . HOH C 3 .   ? -11.719 3.706   -9.145  1.00 65.64  ? 367 HOH A O   1 
HETATM 1384 O  O   . HOH C 3 .   ? 14.521  7.467   14.686  1.00 62.90  ? 368 HOH A O   1 
HETATM 1385 O  O   . HOH C 3 .   ? 4.884   2.415   -12.313 1.00 62.19  ? 369 HOH A O   1 
HETATM 1386 O  O   . HOH C 3 .   ? 9.919   8.944   1.809   1.00 67.03  ? 370 HOH A O   1 
HETATM 1387 O  O   . HOH C 3 .   ? -15.047 2.138   5.372   1.00 62.08  ? 371 HOH A O   1 
HETATM 1388 O  O   . HOH C 3 .   ? -7.729  -10.202 -13.403 1.00 62.15  ? 372 HOH A O   1 
HETATM 1389 O  O   . HOH C 3 .   ? 0.906   12.274  20.107  1.00 62.57  ? 373 HOH A O   1 
HETATM 1390 O  O   . HOH C 3 .   ? 13.134  2.831   15.828  1.00 60.13  ? 374 HOH A O   1 
HETATM 1391 O  O   . HOH C 3 .   ? -2.351  15.410  -8.150  1.00 66.15  ? 375 HOH A O   1 
HETATM 1392 O  O   . HOH C 3 .   ? 10.634  -13.124 10.091  1.00 61.06  ? 376 HOH A O   1 
HETATM 1393 O  O   . HOH C 3 .   ? 12.255  8.811   10.508  1.00 55.37  ? 377 HOH A O   1 
HETATM 1394 O  O   . HOH C 3 .   ? -9.662  -6.972  13.652  1.00 63.69  ? 378 HOH A O   1 
HETATM 1395 O  O   . HOH C 3 .   ? 9.991   11.249  14.044  1.00 65.96  ? 379 HOH A O   1 
HETATM 1396 O  O   . HOH C 3 .   ? -1.878  -18.233 -12.918 1.00 70.44  ? 380 HOH A O   1 
HETATM 1397 O  O   . HOH C 3 .   ? -12.369 1.318   -19.711 1.00 81.06  ? 381 HOH A O   1 
HETATM 1398 O  O   . HOH C 3 .   ? 4.708   -5.989  14.542  1.00 65.44  ? 382 HOH A O   1 
HETATM 1399 O  O   . HOH C 3 .   ? -6.427  -15.207 -9.867  1.00 76.98  ? 383 HOH A O   1 
HETATM 1400 O  O   . HOH C 3 .   ? 7.572   12.131  -4.424  1.00 63.59  ? 384 HOH A O   1 
HETATM 1401 O  O   . HOH C 3 .   ? 7.829   -15.234 -3.532  1.00 73.43  ? 385 HOH A O   1 
HETATM 1402 O  O   . HOH C 3 .   ? 2.447   13.432  -13.849 1.00 62.91  ? 386 HOH A O   1 
HETATM 1403 O  O   . HOH C 3 .   ? 12.250  -1.478  -6.987  1.00 69.69  ? 387 HOH A O   1 
HETATM 1404 O  O   . HOH C 3 .   ? 5.760   -10.248 14.456  1.00 65.28  ? 388 HOH A O   1 
HETATM 1405 O  O   . HOH C 3 .   ? -7.685  -12.797 13.192  1.00 66.87  ? 389 HOH A O   1 
HETATM 1406 O  O   . HOH C 3 .   ? 20.180  -3.974  -1.281  1.00 61.64  ? 390 HOH A O   1 
HETATM 1407 O  O   . HOH C 3 .   ? -18.207 -5.362  -11.416 1.00 59.23  ? 391 HOH A O   1 
HETATM 1408 O  O   . HOH C 3 .   ? -5.605  6.365   21.414  1.00 66.38  ? 392 HOH A O   1 
HETATM 1409 O  O   . HOH C 3 .   ? -3.448  -10.766 -14.263 1.00 67.91  ? 393 HOH A O   1 
HETATM 1410 O  O   . HOH C 3 .   ? 11.345  5.684   21.292  1.00 85.93  ? 394 HOH A O   1 
HETATM 1411 O  O   . HOH C 3 .   ? -13.262 -1.065  14.243  1.00 64.74  ? 395 HOH A O   1 
HETATM 1412 O  O   . HOH C 3 .   ? 6.275   19.049  8.482   1.00 80.99  ? 396 HOH A O   1 
HETATM 1413 O  O   . HOH C 3 .   ? 4.360   9.037   23.332  1.00 73.89  ? 397 HOH A O   1 
HETATM 1414 O  O   . HOH C 3 .   ? -19.685 3.221   0.393   1.00 62.35  ? 398 HOH A O   1 
HETATM 1415 O  O   . HOH C 3 .   ? 5.853   -2.413  18.826  1.00 81.34  ? 399 HOH A O   1 
HETATM 1416 O  O   . HOH C 3 .   ? 11.155  11.292  2.122   0.50 41.11  ? 400 HOH A O   1 
HETATM 1417 O  O   . HOH C 3 .   ? 10.277  0.533   -7.636  1.00 52.52  ? 401 HOH A O   1 
HETATM 1418 O  O   . HOH C 3 .   ? 9.001   -14.292 12.232  1.00 54.27  ? 402 HOH A O   1 
HETATM 1419 O  O   . HOH C 3 .   ? 5.507   14.054  -4.683  1.00 61.18  ? 403 HOH A O   1 
HETATM 1420 O  O   . HOH C 3 .   ? -9.635  2.242   -21.709 1.00 84.24  ? 404 HOH A O   1 
HETATM 1421 O  O   . HOH C 3 .   ? 4.578   -6.886  -12.988 1.00 43.71  ? 405 HOH A O   1 
HETATM 1422 O  O   . HOH C 3 .   ? 2.013   10.083  -19.449 1.00 67.35  ? 406 HOH A O   1 
HETATM 1423 O  O   . HOH C 3 .   ? 7.018   3.163   25.341  1.00 54.44  ? 407 HOH A O   1 
HETATM 1424 O  O   . HOH C 3 .   ? -10.195 0.012   16.686  1.00 52.22  ? 408 HOH A O   1 
HETATM 1425 O  O   . HOH C 3 .   ? -4.763  -18.409 10.928  1.00 61.79  ? 409 HOH A O   1 
HETATM 1426 O  O   . HOH C 3 .   ? 2.165   16.974  13.819  1.00 54.46  ? 410 HOH A O   1 
HETATM 1427 O  O   . HOH C 3 .   ? 11.007  3.099   17.251  1.00 62.43  ? 411 HOH A O   1 
HETATM 1428 O  O   . HOH C 3 .   ? -6.247  -8.639  13.494  1.00 67.12  ? 412 HOH A O   1 
HETATM 1429 O  O   . HOH C 3 .   ? -14.468 -6.089  -12.758 1.00 61.94  ? 413 HOH A O   1 
HETATM 1430 O  O   . HOH C 3 .   ? 8.601   11.147  2.011   1.00 63.47  ? 414 HOH A O   1 
HETATM 1431 O  O   . HOH C 3 .   ? -14.171 -3.254  2.120   1.00 56.48  ? 415 HOH A O   1 
HETATM 1432 O  O   . HOH C 3 .   ? -3.054  3.761   -30.996 1.00 69.44  ? 416 HOH A O   1 
HETATM 1433 O  O   . HOH C 3 .   ? -3.484  -13.702 -14.972 1.00 69.82  ? 417 HOH A O   1 
HETATM 1434 O  O   . HOH C 3 .   ? 7.293   14.207  21.476  1.00 78.71  ? 418 HOH A O   1 
HETATM 1435 O  O   . HOH C 3 .   ? -0.479  -19.589 -9.480  1.00 70.59  ? 419 HOH A O   1 
HETATM 1436 O  O   . HOH C 3 .   ? 17.905  -3.363  0.663   0.50 40.50  ? 420 HOH A O   1 
HETATM 1437 O  O   . HOH C 3 .   ? -17.277 5.128   -1.107  1.00 70.02  ? 421 HOH A O   1 
HETATM 1438 O  O   . HOH C 3 .   ? -2.112  10.700  -27.809 1.00 108.90 ? 422 HOH A O   1 
HETATM 1439 O  O   . HOH C 3 .   ? -8.829  6.663   15.515  1.00 66.44  ? 423 HOH A O   1 
HETATM 1440 O  O   . HOH C 3 .   ? 1.938   16.176  10.043  1.00 76.37  ? 424 HOH A O   1 
HETATM 1441 O  O   . HOH C 3 .   ? -13.698 -5.780  1.242   1.00 64.46  ? 425 HOH A O   1 
HETATM 1442 O  O   . HOH C 3 .   ? -19.224 -1.256  -3.318  1.00 64.10  ? 426 HOH A O   1 
# 
